data_5KS9
#
_entry.id   5KS9
#
_cell.length_a   74.560
_cell.length_b   56.870
_cell.length_c   232.050
_cell.angle_alpha   90.00
_cell.angle_beta   92.77
_cell.angle_gamma   90.00
#
_symmetry.space_group_name_H-M   'P 1 21 1'
#
loop_
_entity.id
_entity.type
_entity.pdbx_description
1 polymer 'HLA class II histocompatibility antigen, DQ alpha 1 chain'
2 polymer 'HLA class II histocompatibility antigen, DQ beta 1 chain'
3 polymer 'Bel502 TCR alpha TRAV20*01'
4 polymer 'Bel502 TCR beta TRBV9*01'
5 polymer 'DQ8-glia-alpha1 peptide'
6 non-polymer 2-acetamido-2-deoxy-beta-D-glucopyranose
7 non-polymer 'CALCIUM ION'
8 water water
#
loop_
_entity_poly.entity_id
_entity_poly.type
_entity_poly.pdbx_seq_one_letter_code
_entity_poly.pdbx_strand_id
1 'polypeptide(L)'
;EDIVADHVASYGVNLYQSYGPSGQYSHEFDGDEEFYVDLERKETVWQLPLFRRFRRFDPQFALTNIAVLKHNLNIVIKRS
NSTAATNEVPEVTVFSKSPVTLGQPNTLICLVDNIFPPVVNITWLSNGHSVTEGVSETSFLSKSDHSFFKISYLTFLPSA
DEIYDCKVEHWGLDEPLLKHWEPETSGDDDDK
;
A,C
2 'polypeptide(L)'
;PSGEGSFQPSQENPQGSGGSIEGRGGSGASRDSPEDFVYQFKGMCYFTNGTERVRLVTRYIYNREEYARFDSDVGVYRAV
TPLGPPAAEYWNSQKEVLERTRAELDTVCRHNYQLELRTTLQRRVEPTVTISPSRTEALNHHNLLVCSVTDFYPAQIKVR
WFRNDQEETTGVVSTPLIRNGDWTFQILVMLEMTPQRGDVYTCHVEHPSLQNPIIVEWRAQSTGGDDDDK
;
B,D
3 'polypeptide(L)'
;MEDQVTQSPEALRLQEGESSSLNCSYTVSGLRGLFWYRQDPGKGPEFLFTLYSAGEEKEKERLKATLTKKESFLHITAPK
PEDSATYLCAVALNNNAGNMLTFGGGTRLMVKPHIQNPDPAVYQLRDSKSSDKSVCLFTDFDSQTNVSQSKDSDVYITDK
CVLDMRSMDFKSNSAVAWSNKSDFACANAFNNSIIPEDTFFPSPESS
;
E,G
4 'polypeptide(L)'
;MGVTQTPKHLITATGQRVTLRCSPRSGDLSVYWYQQSLDQGLQFLIQYYNGEERAKGNILERFSAQQFPDLHSELNLSSL
ELGDSALYFCASSVAPGSDTQYFGPGTRLTVLEDLKNVFPPEVAVFEPSEAEISHTQKATLVCLATGFFPDHVELSWWVN
GKEVHSGVCTDPQPLKEQPALNDSRYALSSRLRVSATFWQNPRNHFRCQVQFYGLSENDEWTQDRAKPVTQIVSAEAWGR
AD
;
F,H
5 'polypeptide(L)' APSGEGSFQPSQENPQ I,J
#
loop_
_chem_comp.id
_chem_comp.type
_chem_comp.name
_chem_comp.formula
CA non-polymer 'CALCIUM ION' 'Ca 2'
NAG D-saccharide, beta linking 2-acetamido-2-deoxy-beta-D-glucopyranose 'C8 H15 N O6'
#
# COMPACT_ATOMS: atom_id res chain seq x y z
N ASP A 2 0.90 -87.76 16.26
CA ASP A 2 0.85 -87.78 17.73
C ASP A 2 2.23 -87.44 18.32
N ILE A 3 2.25 -86.53 19.32
CA ILE A 3 3.51 -86.10 19.94
C ILE A 3 3.63 -86.70 21.36
N VAL A 4 4.77 -87.38 21.63
CA VAL A 4 5.05 -87.98 22.94
C VAL A 4 5.72 -86.91 23.85
N ALA A 5 5.04 -86.57 24.95
CA ALA A 5 5.50 -85.59 25.94
C ALA A 5 5.09 -86.04 27.33
N ASP A 6 5.83 -85.59 28.36
CA ASP A 6 5.51 -85.89 29.75
C ASP A 6 4.27 -85.10 30.16
N HIS A 7 4.13 -83.87 29.63
CA HIS A 7 3.00 -83.00 29.90
C HIS A 7 2.53 -82.30 28.63
N VAL A 8 1.20 -82.27 28.41
CA VAL A 8 0.60 -81.58 27.27
C VAL A 8 -0.36 -80.51 27.79
N ALA A 9 -0.18 -79.28 27.30
CA ALA A 9 -0.99 -78.16 27.71
C ALA A 9 -1.53 -77.38 26.52
N SER A 10 -2.67 -76.71 26.73
CA SER A 10 -3.28 -75.82 25.76
C SER A 10 -3.48 -74.47 26.41
N TYR A 11 -2.78 -73.44 25.89
CA TYR A 11 -2.87 -72.07 26.39
C TYR A 11 -3.27 -71.09 25.26
N GLY A 12 -4.50 -71.18 24.75
CA GLY A 12 -5.53 -72.13 25.17
C GLY A 12 -6.29 -72.77 24.04
N VAL A 13 -7.48 -73.28 24.38
CA VAL A 13 -8.43 -73.86 23.46
C VAL A 13 -9.33 -72.70 23.07
N ASN A 14 -9.31 -72.32 21.81
CA ASN A 14 -10.10 -71.20 21.31
C ASN A 14 -11.15 -71.76 20.38
N LEU A 15 -12.41 -71.47 20.69
CA LEU A 15 -13.53 -71.96 19.93
C LEU A 15 -14.49 -70.83 19.60
N TYR A 16 -14.99 -70.84 18.36
CA TYR A 16 -15.99 -69.92 17.84
C TYR A 16 -16.78 -70.64 16.76
N GLN A 17 -18.10 -70.66 16.92
CA GLN A 17 -18.98 -71.31 15.95
C GLN A 17 -20.10 -70.35 15.53
N SER A 18 -20.56 -70.56 14.32
CA SER A 18 -21.59 -69.81 13.70
C SER A 18 -22.91 -69.95 14.42
N TYR A 19 -23.18 -71.12 14.97
CA TYR A 19 -24.42 -71.35 15.64
C TYR A 19 -24.37 -70.63 16.95
N GLY A 20 -25.29 -69.72 17.12
CA GLY A 20 -25.34 -68.89 18.28
C GLY A 20 -25.43 -67.48 17.78
N PRO A 21 -24.30 -66.80 17.29
CA PRO A 21 -23.02 -67.52 17.34
C PRO A 21 -22.46 -67.53 18.70
N SER A 22 -21.58 -68.47 18.96
CA SER A 22 -20.97 -68.68 20.25
C SER A 22 -19.54 -69.07 20.26
N GLY A 23 -18.93 -68.90 21.40
CA GLY A 23 -17.52 -69.21 21.52
C GLY A 23 -17.12 -69.73 22.88
N GLN A 24 -15.86 -70.16 23.00
CA GLN A 24 -15.28 -70.67 24.24
C GLN A 24 -13.78 -70.38 24.28
N TYR A 25 -13.29 -70.06 25.48
CA TYR A 25 -11.89 -69.86 25.79
C TYR A 25 -11.58 -70.59 27.08
N SER A 26 -10.56 -71.46 27.05
CA SER A 26 -10.15 -72.22 28.22
C SER A 26 -8.67 -72.61 28.14
N HIS A 27 -8.03 -72.83 29.32
CA HIS A 27 -6.66 -73.36 29.36
C HIS A 27 -6.71 -74.77 29.89
N GLU A 28 -6.00 -75.70 29.24
CA GLU A 28 -5.98 -77.10 29.67
C GLU A 28 -4.56 -77.55 30.03
N PHE A 29 -4.46 -78.49 30.98
CA PHE A 29 -3.21 -79.09 31.38
C PHE A 29 -3.43 -80.56 31.65
N ASP A 30 -2.78 -81.41 30.82
CA ASP A 30 -2.86 -82.89 30.84
C ASP A 30 -4.33 -83.37 30.82
N GLY A 31 -5.12 -82.80 29.92
CA GLY A 31 -6.53 -83.13 29.71
C GLY A 31 -7.53 -82.59 30.72
N ASP A 32 -7.07 -81.76 31.67
CA ASP A 32 -7.94 -81.14 32.67
C ASP A 32 -8.01 -79.65 32.42
N GLU A 33 -9.19 -79.07 32.65
CA GLU A 33 -9.46 -77.66 32.46
C GLU A 33 -8.95 -76.88 33.65
N GLU A 34 -8.06 -75.89 33.40
CA GLU A 34 -7.53 -75.02 34.45
C GLU A 34 -8.52 -73.92 34.76
N PHE A 35 -9.06 -73.31 33.70
CA PHE A 35 -10.03 -72.23 33.75
C PHE A 35 -10.73 -72.12 32.43
N TYR A 36 -11.83 -71.38 32.42
CA TYR A 36 -12.56 -70.93 31.25
C TYR A 36 -12.87 -69.46 31.46
N VAL A 37 -13.05 -68.71 30.35
CA VAL A 37 -13.43 -67.32 30.44
C VAL A 37 -14.91 -67.23 30.08
N ASP A 38 -15.72 -66.62 30.95
CA ASP A 38 -17.12 -66.35 30.70
C ASP A 38 -17.12 -65.10 29.84
N LEU A 39 -17.29 -65.28 28.53
CA LEU A 39 -17.21 -64.21 27.53
C LEU A 39 -18.30 -63.14 27.63
N GLU A 40 -19.44 -63.47 28.27
CA GLU A 40 -20.52 -62.50 28.48
C GLU A 40 -20.22 -61.63 29.70
N ARG A 41 -19.87 -62.27 30.83
CA ARG A 41 -19.54 -61.62 32.11
C ARG A 41 -18.15 -60.97 32.11
N LYS A 42 -17.25 -61.39 31.19
CA LYS A 42 -15.85 -60.94 31.07
C LYS A 42 -15.09 -61.35 32.36
N GLU A 43 -15.22 -62.63 32.73
CA GLU A 43 -14.61 -63.14 33.95
C GLU A 43 -13.89 -64.45 33.75
N THR A 44 -12.73 -64.62 34.40
CA THR A 44 -11.97 -65.86 34.39
C THR A 44 -12.47 -66.72 35.55
N VAL A 45 -12.88 -67.96 35.25
CA VAL A 45 -13.37 -68.89 36.27
C VAL A 45 -12.37 -70.04 36.36
N TRP A 46 -11.53 -70.04 37.40
CA TRP A 46 -10.55 -71.11 37.62
C TRP A 46 -11.24 -72.31 38.29
N GLN A 47 -10.78 -73.52 37.94
CA GLN A 47 -11.38 -74.77 38.41
C GLN A 47 -10.85 -75.23 39.78
N LEU A 48 -9.59 -74.89 40.13
CA LEU A 48 -9.06 -75.26 41.43
C LEU A 48 -8.81 -74.02 42.30
N PRO A 49 -8.97 -74.10 43.64
CA PRO A 49 -8.77 -72.90 44.48
C PRO A 49 -7.33 -72.41 44.51
N LEU A 50 -6.37 -73.36 44.61
CA LEU A 50 -4.93 -73.09 44.66
C LEU A 50 -4.47 -72.19 43.51
N PHE A 51 -5.03 -72.40 42.32
CA PHE A 51 -4.60 -71.72 41.10
C PHE A 51 -4.73 -70.18 41.17
N ARG A 52 -5.82 -69.67 41.71
CA ARG A 52 -6.02 -68.23 41.84
C ARG A 52 -4.98 -67.56 42.69
N ARG A 53 -4.49 -68.25 43.68
CA ARG A 53 -3.47 -67.72 44.56
C ARG A 53 -2.20 -67.33 43.84
N PHE A 54 -1.80 -68.11 42.86
CA PHE A 54 -0.53 -67.88 42.15
C PHE A 54 -0.69 -67.54 40.67
N ARG A 55 -1.89 -67.64 40.11
CA ARG A 55 -2.08 -67.37 38.69
C ARG A 55 -3.24 -66.43 38.41
N ARG A 56 -3.09 -65.62 37.35
CA ARG A 56 -4.08 -64.64 36.94
C ARG A 56 -4.09 -64.46 35.42
N PHE A 57 -5.25 -64.68 34.80
CA PHE A 57 -5.43 -64.47 33.37
C PHE A 57 -6.42 -63.33 33.16
N ASP A 58 -6.06 -62.36 32.30
CA ASP A 58 -7.00 -61.27 32.03
C ASP A 58 -7.96 -61.68 30.92
N PRO A 59 -9.25 -61.55 31.16
CA PRO A 59 -10.30 -61.94 30.23
C PRO A 59 -10.30 -61.29 28.84
N GLN A 60 -9.75 -60.11 28.71
CA GLN A 60 -9.68 -59.38 27.48
C GLN A 60 -8.85 -60.08 26.43
N PHE A 61 -7.82 -60.79 26.84
CA PHE A 61 -7.03 -61.54 25.92
C PHE A 61 -7.85 -62.62 25.23
N ALA A 62 -8.72 -63.28 25.99
CA ALA A 62 -9.62 -64.27 25.45
C ALA A 62 -10.64 -63.67 24.48
N LEU A 63 -11.21 -62.55 24.85
CA LEU A 63 -12.16 -61.85 24.04
C LEU A 63 -11.58 -61.33 22.73
N THR A 64 -10.36 -60.85 22.81
CA THR A 64 -9.60 -60.47 21.65
C THR A 64 -9.25 -61.64 20.73
N ASN A 65 -8.85 -62.77 21.29
CA ASN A 65 -8.59 -63.96 20.50
C ASN A 65 -9.87 -64.40 19.80
N ILE A 66 -10.98 -64.40 20.50
CA ILE A 66 -12.24 -64.79 19.95
C ILE A 66 -12.73 -63.93 18.77
N ALA A 67 -12.46 -62.63 18.82
CA ALA A 67 -12.70 -61.75 17.70
C ALA A 67 -11.88 -62.08 16.47
N VAL A 68 -10.64 -62.43 16.67
CA VAL A 68 -9.83 -62.91 15.61
C VAL A 68 -10.36 -64.21 14.99
N LEU A 69 -10.81 -65.15 15.81
CA LEU A 69 -11.41 -66.41 15.35
C LEU A 69 -12.66 -66.14 14.49
N LYS A 70 -13.50 -65.14 14.90
CA LYS A 70 -14.73 -64.70 14.22
C LYS A 70 -14.39 -64.20 12.80
N HIS A 71 -13.27 -63.46 12.69
CA HIS A 71 -12.72 -62.92 11.44
C HIS A 71 -12.25 -64.06 10.53
N ASN A 72 -11.43 -64.98 11.10
CA ASN A 72 -10.85 -66.12 10.38
C ASN A 72 -11.91 -67.06 9.89
N LEU A 73 -12.93 -67.36 10.73
CA LEU A 73 -14.02 -68.25 10.38
C LEU A 73 -14.72 -67.81 9.11
N ASN A 74 -15.12 -66.53 9.03
CA ASN A 74 -15.84 -66.01 7.88
C ASN A 74 -15.02 -66.07 6.58
N ILE A 75 -13.69 -66.00 6.66
CA ILE A 75 -12.83 -66.09 5.48
C ILE A 75 -12.71 -67.56 5.03
N VAL A 76 -12.50 -68.48 5.99
CA VAL A 76 -12.32 -69.91 5.72
C VAL A 76 -13.65 -70.55 5.22
N ILE A 77 -14.84 -70.10 5.69
CA ILE A 77 -16.16 -70.59 5.19
C ILE A 77 -16.22 -70.38 3.65
N LYS A 78 -15.79 -69.18 3.16
CA LYS A 78 -15.77 -68.83 1.74
C LYS A 78 -14.79 -69.73 0.95
N ARG A 79 -13.60 -69.95 1.50
CA ARG A 79 -12.54 -70.76 0.89
C ARG A 79 -12.93 -72.24 0.78
N SER A 80 -13.69 -72.75 1.76
CA SER A 80 -14.15 -74.14 1.78
C SER A 80 -15.38 -74.35 0.92
N ASN A 81 -15.94 -73.27 0.34
CA ASN A 81 -17.17 -73.25 -0.48
C ASN A 81 -18.39 -73.65 0.41
N SER A 82 -18.35 -73.12 1.63
CA SER A 82 -19.37 -73.27 2.66
C SER A 82 -19.62 -74.69 3.12
N THR A 83 -18.56 -75.42 3.34
CA THR A 83 -18.67 -76.73 3.87
C THR A 83 -19.01 -76.63 5.32
N ALA A 84 -20.13 -77.22 5.69
CA ALA A 84 -20.58 -77.25 7.05
C ALA A 84 -20.02 -78.40 7.84
N ALA A 85 -20.15 -78.29 9.15
CA ALA A 85 -19.79 -79.33 10.06
C ALA A 85 -20.66 -80.58 9.95
N THR A 86 -20.04 -81.70 10.16
CA THR A 86 -20.70 -82.95 10.17
C THR A 86 -20.99 -83.33 11.61
N ASN A 87 -22.19 -83.81 11.86
CA ASN A 87 -22.66 -84.20 13.19
C ASN A 87 -22.20 -85.62 13.56
N GLU A 88 -21.41 -85.74 14.63
CA GLU A 88 -20.91 -87.02 15.17
C GLU A 88 -21.88 -87.60 16.18
N VAL A 89 -21.77 -88.90 16.47
CA VAL A 89 -22.60 -89.54 17.46
C VAL A 89 -21.86 -89.51 18.80
N PRO A 90 -22.37 -88.81 19.83
CA PRO A 90 -21.66 -88.81 21.12
C PRO A 90 -21.85 -90.11 21.90
N GLU A 91 -20.87 -90.44 22.75
CA GLU A 91 -20.83 -91.63 23.61
C GLU A 91 -21.06 -91.21 25.05
N VAL A 92 -22.10 -91.78 25.70
CA VAL A 92 -22.45 -91.40 27.07
C VAL A 92 -22.11 -92.52 28.06
N THR A 93 -21.41 -92.15 29.15
CA THR A 93 -21.01 -93.06 30.22
C THR A 93 -21.32 -92.35 31.54
N VAL A 94 -21.99 -93.06 32.46
CA VAL A 94 -22.38 -92.53 33.78
C VAL A 94 -21.76 -93.42 34.87
N PHE A 95 -21.12 -92.80 35.87
CA PHE A 95 -20.49 -93.50 36.99
C PHE A 95 -20.45 -92.58 38.21
N SER A 96 -20.34 -93.15 39.41
CA SER A 96 -20.24 -92.32 40.62
C SER A 96 -18.78 -91.87 40.82
N LYS A 97 -18.63 -90.82 41.59
CA LYS A 97 -17.35 -90.29 41.95
C LYS A 97 -16.64 -91.15 42.96
N SER A 98 -17.34 -91.63 43.97
CA SER A 98 -16.73 -92.50 44.97
C SER A 98 -17.61 -93.70 45.28
N PRO A 99 -17.13 -94.63 46.10
CA PRO A 99 -18.01 -95.77 46.39
C PRO A 99 -19.30 -95.29 47.05
N VAL A 100 -20.42 -95.88 46.65
CA VAL A 100 -21.77 -95.52 47.09
C VAL A 100 -22.03 -95.93 48.53
N THR A 101 -22.22 -94.92 49.39
CA THR A 101 -22.62 -95.10 50.79
C THR A 101 -23.98 -94.39 50.89
N LEU A 102 -25.04 -95.17 51.13
CA LEU A 102 -26.42 -94.70 51.21
C LEU A 102 -26.62 -93.67 52.35
N GLY A 103 -27.10 -92.49 51.97
CA GLY A 103 -27.37 -91.38 52.88
C GLY A 103 -26.19 -90.45 53.11
N GLN A 104 -25.11 -90.62 52.31
CA GLN A 104 -23.88 -89.85 52.46
C GLN A 104 -23.52 -89.07 51.19
N PRO A 105 -22.91 -87.86 51.32
CA PRO A 105 -22.60 -87.05 50.12
C PRO A 105 -21.75 -87.76 49.06
N ASN A 106 -22.20 -87.66 47.79
CA ASN A 106 -21.55 -88.25 46.62
C ASN A 106 -21.90 -87.42 45.38
N THR A 107 -21.22 -87.70 44.25
CA THR A 107 -21.42 -87.02 42.98
C THR A 107 -21.53 -88.05 41.86
N LEU A 108 -22.55 -87.88 41.01
CA LEU A 108 -22.77 -88.72 39.83
C LEU A 108 -22.15 -88.03 38.64
N ILE A 109 -21.28 -88.75 37.90
CA ILE A 109 -20.53 -88.19 36.77
C ILE A 109 -21.06 -88.72 35.43
N CYS A 110 -21.41 -87.79 34.52
CA CYS A 110 -21.88 -88.15 33.18
C CYS A 110 -20.91 -87.65 32.12
N LEU A 111 -20.10 -88.57 31.60
CA LEU A 111 -19.12 -88.32 30.58
C LEU A 111 -19.76 -88.42 29.20
N VAL A 112 -19.74 -87.31 28.45
CA VAL A 112 -20.26 -87.28 27.07
C VAL A 112 -19.03 -87.07 26.18
N ASP A 113 -18.61 -88.14 25.50
CA ASP A 113 -17.44 -88.18 24.64
C ASP A 113 -17.82 -88.13 23.16
N ASN A 114 -16.87 -87.71 22.29
CA ASN A 114 -16.99 -87.60 20.83
C ASN A 114 -18.09 -86.59 20.43
N ILE A 115 -17.99 -85.43 21.02
CA ILE A 115 -18.88 -84.35 20.76
C ILE A 115 -18.36 -83.48 19.59
N PHE A 116 -19.10 -83.51 18.50
CA PHE A 116 -18.98 -82.56 17.41
C PHE A 116 -20.26 -82.39 16.62
N PRO A 117 -20.74 -81.11 16.27
CA PRO A 117 -20.00 -79.97 16.82
C PRO A 117 -20.27 -79.65 18.28
N PRO A 118 -19.59 -78.65 18.87
CA PRO A 118 -19.75 -78.47 20.33
C PRO A 118 -21.01 -77.69 20.73
N VAL A 119 -22.16 -78.33 20.54
CA VAL A 119 -23.50 -77.86 20.92
C VAL A 119 -24.17 -79.07 21.57
N VAL A 120 -24.45 -79.04 22.90
CA VAL A 120 -25.05 -80.22 23.56
C VAL A 120 -25.87 -79.82 24.80
N ASN A 121 -26.93 -80.59 25.06
CA ASN A 121 -27.80 -80.47 26.23
C ASN A 121 -27.59 -81.70 27.10
N ILE A 122 -27.04 -81.54 28.31
CA ILE A 122 -26.81 -82.63 29.26
C ILE A 122 -27.65 -82.34 30.49
N THR A 123 -28.63 -83.21 30.76
CA THR A 123 -29.55 -83.03 31.89
C THR A 123 -29.67 -84.31 32.72
N TRP A 124 -30.10 -84.16 33.99
CA TRP A 124 -30.24 -85.26 34.93
C TRP A 124 -31.71 -85.51 35.29
N LEU A 125 -32.05 -86.79 35.46
CA LEU A 125 -33.38 -87.22 35.87
C LEU A 125 -33.31 -88.05 37.14
N SER A 126 -34.32 -87.93 38.02
CA SER A 126 -34.46 -88.72 39.24
C SER A 126 -35.87 -89.30 39.26
N ASN A 127 -35.97 -90.64 39.14
CA ASN A 127 -37.24 -91.41 39.07
C ASN A 127 -38.08 -91.02 37.83
N GLY A 128 -37.44 -90.38 36.83
CA GLY A 128 -38.07 -89.94 35.60
C GLY A 128 -38.26 -88.44 35.48
N HIS A 129 -38.32 -87.72 36.62
CA HIS A 129 -38.51 -86.27 36.72
C HIS A 129 -37.17 -85.53 36.63
N SER A 130 -37.18 -84.26 36.17
CA SER A 130 -35.95 -83.48 35.96
C SER A 130 -35.42 -82.80 37.25
N VAL A 131 -34.08 -82.87 37.43
CA VAL A 131 -33.32 -82.27 38.54
C VAL A 131 -32.56 -81.07 37.99
N THR A 132 -32.56 -79.94 38.72
CA THR A 132 -31.87 -78.72 38.29
C THR A 132 -30.80 -78.27 39.29
N GLU A 133 -31.12 -78.31 40.61
CA GLU A 133 -30.16 -77.92 41.65
C GLU A 133 -29.13 -79.03 41.90
N GLY A 134 -27.92 -78.61 42.24
CA GLY A 134 -26.79 -79.51 42.50
C GLY A 134 -26.14 -80.05 41.24
N VAL A 135 -26.44 -79.41 40.09
CA VAL A 135 -25.93 -79.80 38.78
C VAL A 135 -24.87 -78.79 38.34
N SER A 136 -23.70 -79.32 37.95
CA SER A 136 -22.57 -78.56 37.41
C SER A 136 -22.00 -79.31 36.21
N GLU A 137 -21.22 -78.63 35.37
CA GLU A 137 -20.60 -79.27 34.23
C GLU A 137 -19.32 -78.52 33.82
N THR A 138 -18.40 -79.27 33.18
CA THR A 138 -17.15 -78.73 32.66
C THR A 138 -17.43 -78.00 31.37
N SER A 139 -16.42 -77.34 30.80
CA SER A 139 -16.52 -76.76 29.46
C SER A 139 -16.36 -77.89 28.43
N PHE A 140 -16.36 -77.55 27.12
CA PHE A 140 -16.08 -78.53 26.08
C PHE A 140 -14.58 -78.76 26.11
N LEU A 141 -14.16 -79.93 26.60
CA LEU A 141 -12.74 -80.27 26.70
C LEU A 141 -12.28 -80.82 25.38
N SER A 142 -11.20 -80.24 24.84
CA SER A 142 -10.63 -80.60 23.53
C SER A 142 -10.08 -82.03 23.49
N LYS A 143 -10.03 -82.59 22.28
CA LYS A 143 -9.50 -83.92 21.95
C LYS A 143 -8.56 -83.78 20.75
N SER A 144 -7.53 -84.63 20.64
CA SER A 144 -6.53 -84.62 19.56
C SER A 144 -7.14 -84.80 18.14
N ASP A 145 -8.35 -85.40 18.05
CA ASP A 145 -9.04 -85.64 16.78
C ASP A 145 -9.97 -84.46 16.41
N HIS A 146 -9.95 -83.39 17.24
CA HIS A 146 -10.63 -82.09 17.12
C HIS A 146 -12.15 -82.15 17.40
N SER A 147 -12.59 -83.25 18.07
CA SER A 147 -13.93 -83.38 18.61
C SER A 147 -13.81 -82.94 20.10
N PHE A 148 -14.89 -83.01 20.89
CA PHE A 148 -14.82 -82.60 22.31
C PHE A 148 -15.47 -83.61 23.24
N PHE A 149 -15.21 -83.46 24.52
CA PHE A 149 -15.88 -84.23 25.56
C PHE A 149 -16.31 -83.25 26.64
N LYS A 150 -17.47 -83.51 27.26
CA LYS A 150 -18.02 -82.66 28.30
C LYS A 150 -18.48 -83.57 29.43
N ILE A 151 -18.21 -83.18 30.68
CA ILE A 151 -18.55 -83.96 31.87
C ILE A 151 -19.55 -83.19 32.74
N SER A 152 -20.72 -83.80 33.01
CA SER A 152 -21.74 -83.22 33.88
C SER A 152 -21.72 -83.91 35.25
N TYR A 153 -22.07 -83.16 36.28
CA TYR A 153 -22.07 -83.60 37.68
C TYR A 153 -23.40 -83.39 38.35
N LEU A 154 -23.79 -84.34 39.20
CA LEU A 154 -24.99 -84.28 40.00
C LEU A 154 -24.66 -84.71 41.42
N THR A 155 -24.62 -83.74 42.35
CA THR A 155 -24.36 -84.02 43.78
C THR A 155 -25.64 -84.59 44.34
N PHE A 156 -25.51 -85.60 45.22
CA PHE A 156 -26.66 -86.31 45.82
C PHE A 156 -26.24 -87.18 46.98
N LEU A 157 -27.24 -87.61 47.76
CA LEU A 157 -27.06 -88.59 48.82
C LEU A 157 -27.75 -89.87 48.30
N PRO A 158 -26.99 -90.92 47.88
CA PRO A 158 -27.66 -92.13 47.34
C PRO A 158 -28.66 -92.75 48.30
N SER A 159 -29.76 -93.30 47.73
CA SER A 159 -30.86 -93.96 48.45
C SER A 159 -31.41 -95.15 47.64
N ALA A 160 -32.00 -96.13 48.34
CA ALA A 160 -32.57 -97.35 47.75
C ALA A 160 -33.83 -97.09 46.89
N ASP A 161 -34.48 -95.91 47.07
CA ASP A 161 -35.73 -95.55 46.38
C ASP A 161 -35.54 -94.64 45.13
N GLU A 162 -34.31 -94.14 44.86
CA GLU A 162 -34.07 -93.27 43.71
C GLU A 162 -33.10 -93.88 42.69
N ILE A 163 -33.51 -93.83 41.41
CA ILE A 163 -32.78 -94.29 40.23
C ILE A 163 -32.58 -93.06 39.31
N TYR A 164 -31.38 -92.92 38.73
CA TYR A 164 -31.05 -91.75 37.92
C TYR A 164 -30.77 -92.04 36.46
N ASP A 165 -30.92 -91.00 35.64
CA ASP A 165 -30.67 -91.00 34.20
C ASP A 165 -29.98 -89.71 33.78
N CYS A 166 -29.11 -89.83 32.78
CA CYS A 166 -28.41 -88.70 32.17
C CYS A 166 -28.96 -88.52 30.74
N LYS A 167 -29.83 -87.51 30.54
CA LYS A 167 -30.43 -87.21 29.24
C LYS A 167 -29.50 -86.29 28.42
N VAL A 168 -29.06 -86.79 27.25
CA VAL A 168 -28.15 -86.06 26.37
C VAL A 168 -28.82 -85.80 25.02
N GLU A 169 -28.92 -84.51 24.64
CA GLU A 169 -29.52 -84.10 23.37
C GLU A 169 -28.43 -83.50 22.50
N HIS A 170 -28.24 -84.10 21.31
CA HIS A 170 -27.27 -83.69 20.31
C HIS A 170 -27.85 -83.87 18.90
N TRP A 171 -27.39 -83.06 17.92
CA TRP A 171 -27.85 -83.11 16.52
C TRP A 171 -27.45 -84.42 15.81
N GLY A 172 -26.43 -85.09 16.35
CA GLY A 172 -25.92 -86.38 15.86
C GLY A 172 -26.75 -87.56 16.34
N LEU A 173 -27.75 -87.29 17.18
CA LEU A 173 -28.70 -88.26 17.74
C LEU A 173 -30.09 -87.97 17.18
N ASP A 174 -30.86 -89.02 16.87
CA ASP A 174 -32.22 -88.89 16.34
C ASP A 174 -33.18 -88.58 17.49
N GLU A 175 -32.92 -89.20 18.64
CA GLU A 175 -33.70 -89.05 19.86
C GLU A 175 -32.75 -88.79 21.04
N PRO A 176 -33.21 -88.18 22.16
CA PRO A 176 -32.31 -87.96 23.30
C PRO A 176 -31.80 -89.28 23.88
N LEU A 177 -30.49 -89.35 24.15
CA LEU A 177 -29.85 -90.54 24.71
C LEU A 177 -30.00 -90.52 26.23
N LEU A 178 -30.58 -91.60 26.77
CA LEU A 178 -30.77 -91.75 28.21
C LEU A 178 -29.87 -92.87 28.72
N LYS A 179 -28.94 -92.53 29.62
CA LYS A 179 -28.01 -93.47 30.23
C LYS A 179 -28.35 -93.59 31.71
N HIS A 180 -28.79 -94.78 32.11
CA HIS A 180 -29.26 -95.09 33.46
C HIS A 180 -28.14 -95.47 34.41
N TRP A 181 -28.33 -95.09 35.68
CA TRP A 181 -27.46 -95.40 36.81
C TRP A 181 -28.32 -95.66 38.04
N GLU A 182 -27.93 -96.65 38.85
CA GLU A 182 -28.64 -96.99 40.08
C GLU A 182 -27.65 -97.53 41.14
N PRO A 183 -27.89 -97.28 42.45
CA PRO A 183 -26.98 -97.81 43.48
C PRO A 183 -27.21 -99.30 43.74
N ASP B 32 -33.20 -83.12 8.72
CA ASP B 32 -33.42 -81.83 9.39
C ASP B 32 -32.48 -81.68 10.60
N SER B 33 -31.53 -80.73 10.50
CA SER B 33 -30.54 -80.40 11.54
C SER B 33 -29.94 -79.00 11.29
N PRO B 34 -29.74 -78.18 12.36
CA PRO B 34 -29.17 -76.83 12.15
C PRO B 34 -27.74 -76.84 11.63
N GLU B 35 -27.46 -75.98 10.67
CA GLU B 35 -26.13 -75.78 10.08
C GLU B 35 -25.15 -75.08 11.03
N ASP B 36 -23.92 -75.53 11.06
CA ASP B 36 -22.91 -74.95 11.92
C ASP B 36 -21.58 -74.91 11.22
N PHE B 37 -20.92 -73.79 11.36
CA PHE B 37 -19.56 -73.60 10.95
C PHE B 37 -18.72 -73.36 12.21
N VAL B 38 -17.70 -74.16 12.37
CA VAL B 38 -16.90 -74.22 13.57
C VAL B 38 -15.45 -73.85 13.29
N TYR B 39 -14.88 -73.00 14.12
CA TYR B 39 -13.47 -72.67 14.07
C TYR B 39 -12.72 -72.99 15.37
N GLN B 40 -11.59 -73.65 15.25
CA GLN B 40 -10.75 -73.94 16.38
C GLN B 40 -9.32 -73.42 16.28
N PHE B 41 -8.87 -72.73 17.30
CA PHE B 41 -7.45 -72.42 17.45
C PHE B 41 -6.88 -73.07 18.72
N LYS B 42 -5.87 -73.88 18.54
CA LYS B 42 -5.22 -74.57 19.65
C LYS B 42 -3.76 -74.18 19.79
N GLY B 43 -3.42 -73.48 20.86
CA GLY B 43 -2.05 -73.08 21.18
C GLY B 43 -1.50 -74.10 22.17
N MET B 44 -0.79 -75.12 21.66
CA MET B 44 -0.33 -76.23 22.49
C MET B 44 1.16 -76.24 22.82
N CYS B 45 1.46 -76.65 24.06
CA CYS B 45 2.82 -76.79 24.60
C CYS B 45 3.03 -78.24 25.00
N TYR B 46 4.15 -78.81 24.56
CA TYR B 46 4.56 -80.18 24.82
C TYR B 46 5.83 -80.16 25.68
N PHE B 47 5.75 -80.63 26.93
CA PHE B 47 6.88 -80.59 27.87
C PHE B 47 7.40 -82.00 28.18
N THR B 48 8.75 -82.19 28.06
CA THR B 48 9.46 -83.46 28.33
C THR B 48 10.74 -83.20 29.15
N ASN B 49 10.98 -84.06 30.18
CA ASN B 49 12.13 -84.06 31.10
C ASN B 49 12.27 -82.68 31.77
N GLY B 50 11.30 -82.35 32.61
CA GLY B 50 11.23 -81.06 33.31
C GLY B 50 11.18 -79.89 32.35
N THR B 51 12.24 -79.06 32.36
CA THR B 51 12.38 -77.88 31.52
C THR B 51 13.21 -78.17 30.24
N GLU B 52 14.08 -79.20 30.26
CA GLU B 52 15.02 -79.60 29.22
C GLU B 52 14.45 -79.57 27.78
N ARG B 53 13.25 -80.13 27.55
CA ARG B 53 12.66 -80.20 26.22
C ARG B 53 11.26 -79.56 26.20
N VAL B 54 11.08 -78.56 25.30
CA VAL B 54 9.81 -77.82 25.12
C VAL B 54 9.51 -77.68 23.63
N ARG B 55 8.29 -78.05 23.21
CA ARG B 55 7.87 -77.95 21.83
C ARG B 55 6.48 -77.32 21.74
N LEU B 56 6.32 -76.34 20.85
CA LEU B 56 5.01 -75.71 20.66
C LEU B 56 4.44 -76.08 19.28
N VAL B 57 3.13 -76.26 19.24
CA VAL B 57 2.36 -76.52 18.03
C VAL B 57 1.08 -75.70 18.11
N THR B 58 0.89 -74.75 17.18
CA THR B 58 -0.36 -73.99 17.12
C THR B 58 -1.17 -74.61 16.00
N ARG B 59 -2.47 -74.79 16.23
CA ARG B 59 -3.33 -75.48 15.28
C ARG B 59 -4.50 -74.61 14.89
N TYR B 60 -4.68 -74.46 13.59
CA TYR B 60 -5.74 -73.72 12.94
C TYR B 60 -6.69 -74.70 12.28
N ILE B 61 -7.87 -74.86 12.84
CA ILE B 61 -8.86 -75.83 12.49
C ILE B 61 -10.22 -75.31 12.02
N TYR B 62 -10.70 -75.83 10.91
CA TYR B 62 -12.01 -75.49 10.37
C TYR B 62 -12.85 -76.75 10.50
N ASN B 63 -13.90 -76.65 11.28
CA ASN B 63 -14.76 -77.76 11.65
C ASN B 63 -13.83 -78.71 12.39
N ARG B 64 -13.58 -79.89 11.89
CA ARG B 64 -12.64 -80.79 12.52
C ARG B 64 -11.34 -80.89 11.75
N GLU B 65 -11.17 -80.07 10.75
CA GLU B 65 -10.00 -80.11 9.89
C GLU B 65 -8.89 -79.14 10.20
N GLU B 66 -7.72 -79.65 10.51
CA GLU B 66 -6.60 -78.82 10.77
C GLU B 66 -6.04 -78.42 9.42
N TYR B 67 -6.04 -77.14 9.15
CA TYR B 67 -5.59 -76.72 7.82
C TYR B 67 -4.24 -76.04 7.82
N ALA B 68 -3.79 -75.57 8.99
CA ALA B 68 -2.52 -74.87 9.11
C ALA B 68 -1.97 -75.04 10.52
N ARG B 69 -0.64 -75.00 10.65
CA ARG B 69 0.03 -75.15 11.93
C ARG B 69 1.41 -74.49 11.97
N PHE B 70 1.80 -74.10 13.20
CA PHE B 70 3.13 -73.64 13.46
C PHE B 70 3.73 -74.61 14.47
N ASP B 71 4.83 -75.24 14.09
CA ASP B 71 5.58 -76.18 14.90
C ASP B 71 6.95 -75.57 15.16
N SER B 72 7.33 -75.42 16.46
CA SER B 72 8.58 -74.79 16.91
C SER B 72 9.83 -75.51 16.36
N ASP B 73 9.76 -76.83 16.17
CA ASP B 73 10.85 -77.63 15.58
C ASP B 73 11.01 -77.34 14.09
N VAL B 74 9.93 -76.90 13.43
CA VAL B 74 9.94 -76.52 12.02
C VAL B 74 10.38 -75.05 11.91
N GLY B 75 9.74 -74.16 12.69
CA GLY B 75 10.12 -72.75 12.74
C GLY B 75 9.40 -71.82 11.78
N VAL B 76 8.52 -72.37 10.95
CA VAL B 76 7.70 -71.62 9.98
C VAL B 76 6.28 -72.21 9.97
N TYR B 77 5.30 -71.46 9.44
CA TYR B 77 3.94 -71.97 9.29
C TYR B 77 3.90 -72.98 8.15
N ARG B 78 3.11 -74.04 8.33
CA ARG B 78 2.94 -75.04 7.30
C ARG B 78 1.47 -75.29 7.13
N ALA B 79 1.05 -75.45 5.88
CA ALA B 79 -0.31 -75.84 5.56
C ALA B 79 -0.44 -77.34 5.89
N VAL B 80 -1.63 -77.82 6.25
CA VAL B 80 -1.85 -79.22 6.62
C VAL B 80 -2.79 -79.85 5.56
N THR B 81 -3.67 -79.02 4.95
CA THR B 81 -4.63 -79.44 3.91
C THR B 81 -4.65 -78.39 2.76
N PRO B 82 -5.29 -78.65 1.58
CA PRO B 82 -5.33 -77.61 0.52
C PRO B 82 -6.07 -76.31 0.92
N LEU B 83 -6.65 -76.28 2.12
CA LEU B 83 -7.34 -75.13 2.69
C LEU B 83 -6.32 -74.16 3.33
N GLY B 84 -5.14 -74.68 3.66
CA GLY B 84 -4.07 -73.93 4.33
C GLY B 84 -3.07 -73.07 3.56
N PRO B 85 -2.66 -73.37 2.28
CA PRO B 85 -1.63 -72.53 1.62
C PRO B 85 -1.89 -71.00 1.64
N PRO B 86 -3.12 -70.45 1.39
CA PRO B 86 -3.27 -68.99 1.46
C PRO B 86 -2.95 -68.40 2.85
N ALA B 87 -3.26 -69.10 3.95
CA ALA B 87 -2.95 -68.61 5.31
C ALA B 87 -1.45 -68.78 5.66
N ALA B 88 -0.89 -69.98 5.41
CA ALA B 88 0.50 -70.32 5.70
C ALA B 88 1.51 -69.41 4.96
N GLU B 89 1.32 -69.18 3.65
CA GLU B 89 2.20 -68.33 2.82
C GLU B 89 2.18 -66.85 3.26
N TYR B 90 0.99 -66.33 3.60
CA TYR B 90 0.74 -64.96 4.03
C TYR B 90 1.37 -64.70 5.41
N TRP B 91 1.26 -65.65 6.36
CA TRP B 91 1.86 -65.47 7.69
C TRP B 91 3.38 -65.66 7.63
N ASN B 92 3.87 -66.46 6.66
CA ASN B 92 5.30 -66.67 6.44
C ASN B 92 5.95 -65.48 5.71
N SER B 93 5.13 -64.61 5.08
CA SER B 93 5.59 -63.39 4.41
C SER B 93 5.71 -62.21 5.41
N GLN B 94 5.19 -62.40 6.63
CA GLN B 94 5.18 -61.36 7.66
C GLN B 94 6.19 -61.72 8.72
N LYS B 95 7.40 -61.12 8.62
CA LYS B 95 8.52 -61.38 9.51
C LYS B 95 8.16 -61.06 10.98
N GLU B 96 7.26 -60.09 11.22
CA GLU B 96 6.80 -59.71 12.56
C GLU B 96 5.97 -60.84 13.18
N VAL B 97 5.11 -61.51 12.36
CA VAL B 97 4.24 -62.63 12.77
C VAL B 97 5.15 -63.83 13.15
N LEU B 98 6.14 -64.14 12.30
CA LEU B 98 7.08 -65.25 12.50
C LEU B 98 7.87 -65.08 13.81
N GLU B 99 8.39 -63.87 14.06
CA GLU B 99 9.15 -63.52 15.26
C GLU B 99 8.32 -63.72 16.52
N ARG B 100 7.10 -63.15 16.54
CA ARG B 100 6.19 -63.25 17.67
C ARG B 100 5.81 -64.71 17.93
N THR B 101 5.51 -65.49 16.87
CA THR B 101 5.14 -66.91 17.03
C THR B 101 6.33 -67.74 17.53
N ARG B 102 7.55 -67.54 16.96
CA ARG B 102 8.74 -68.26 17.43
C ARG B 102 9.03 -67.96 18.92
N ALA B 103 8.83 -66.69 19.34
CA ALA B 103 9.06 -66.22 20.71
C ALA B 103 8.05 -66.77 21.71
N GLU B 104 6.86 -67.22 21.21
CA GLU B 104 5.80 -67.79 22.05
C GLU B 104 6.27 -69.02 22.83
N LEU B 105 7.31 -69.73 22.35
CA LEU B 105 7.92 -70.85 23.07
C LEU B 105 8.43 -70.37 24.45
N ASP B 106 8.87 -69.08 24.54
CA ASP B 106 9.31 -68.47 25.78
C ASP B 106 8.18 -67.73 26.48
N THR B 107 7.50 -66.82 25.75
CA THR B 107 6.45 -65.94 26.31
C THR B 107 5.19 -66.70 26.76
N VAL B 108 4.97 -67.92 26.21
CA VAL B 108 3.80 -68.70 26.62
C VAL B 108 4.24 -70.02 27.28
N CYS B 109 4.88 -70.96 26.53
CA CYS B 109 5.25 -72.29 27.03
C CYS B 109 6.17 -72.26 28.27
N ARG B 110 7.40 -71.72 28.15
CA ARG B 110 8.35 -71.67 29.26
C ARG B 110 7.84 -70.81 30.40
N HIS B 111 7.18 -69.72 30.08
CA HIS B 111 6.56 -68.89 31.07
C HIS B 111 5.51 -69.61 31.89
N ASN B 112 4.50 -70.14 31.25
CA ASN B 112 3.41 -70.86 31.93
C ASN B 112 3.88 -72.13 32.63
N TYR B 113 4.99 -72.76 32.18
CA TYR B 113 5.52 -73.95 32.84
C TYR B 113 6.02 -73.60 34.26
N GLN B 114 6.57 -72.38 34.44
CA GLN B 114 7.05 -71.87 35.74
C GLN B 114 5.87 -71.73 36.70
N LEU B 115 4.70 -71.40 36.15
CA LEU B 115 3.42 -71.25 36.87
C LEU B 115 2.81 -72.63 37.14
N GLU B 116 3.10 -73.62 36.26
CA GLU B 116 2.63 -75.01 36.44
C GLU B 116 3.35 -75.68 37.60
N LEU B 117 4.67 -75.39 37.76
CA LEU B 117 5.51 -75.90 38.86
C LEU B 117 5.01 -75.44 40.23
N ARG B 118 4.29 -74.33 40.27
CA ARG B 118 3.76 -73.76 41.50
C ARG B 118 2.36 -74.16 41.73
N THR B 119 1.73 -74.77 40.74
CA THR B 119 0.35 -75.15 40.83
C THR B 119 0.00 -76.61 40.51
N THR B 120 -0.13 -76.93 39.24
CA THR B 120 -0.47 -78.26 38.82
C THR B 120 0.50 -79.37 39.22
N LEU B 121 1.79 -79.08 39.15
CA LEU B 121 2.89 -79.98 39.48
C LEU B 121 3.22 -79.97 40.98
N GLN B 122 2.42 -79.25 41.78
CA GLN B 122 2.49 -79.24 43.25
C GLN B 122 1.42 -80.17 43.84
N ARG B 123 0.24 -80.22 43.18
CA ARG B 123 -0.98 -80.94 43.58
C ARG B 123 -0.71 -82.41 43.88
N ARG B 124 -0.99 -82.82 45.12
CA ARG B 124 -0.83 -84.19 45.55
C ARG B 124 -2.07 -84.60 46.38
N VAL B 125 -2.98 -85.31 45.74
CA VAL B 125 -4.19 -85.79 46.35
C VAL B 125 -4.08 -87.28 46.58
N GLU B 126 -4.06 -87.63 47.85
CA GLU B 126 -3.97 -88.98 48.32
C GLU B 126 -5.19 -89.80 47.99
N PRO B 127 -4.88 -91.08 47.56
CA PRO B 127 -6.05 -91.89 47.22
C PRO B 127 -6.88 -92.40 48.42
N THR B 128 -8.16 -92.61 48.21
CA THR B 128 -9.02 -93.20 49.23
C THR B 128 -9.22 -94.64 48.74
N VAL B 129 -8.69 -95.62 49.50
CA VAL B 129 -8.74 -97.03 49.10
C VAL B 129 -9.76 -97.78 49.97
N THR B 130 -10.73 -98.45 49.33
CA THR B 130 -11.76 -99.24 50.00
C THR B 130 -11.99 -100.58 49.29
N ILE B 131 -12.48 -101.59 50.03
CA ILE B 131 -12.78 -102.91 49.46
C ILE B 131 -14.27 -103.18 49.65
N SER B 132 -14.95 -103.58 48.54
CA SER B 132 -16.37 -103.94 48.53
C SER B 132 -16.55 -105.33 47.88
N PRO B 133 -17.32 -106.26 48.50
CA PRO B 133 -17.49 -107.60 47.89
C PRO B 133 -18.70 -107.67 46.96
N LEU B 144 -15.44 -110.36 42.08
CA LEU B 144 -15.94 -110.71 43.41
C LEU B 144 -15.49 -109.68 44.46
N LEU B 145 -14.18 -109.38 44.52
CA LEU B 145 -13.62 -108.37 45.45
C LEU B 145 -13.10 -107.17 44.68
N VAL B 146 -13.79 -106.01 44.77
CA VAL B 146 -13.37 -104.82 44.04
C VAL B 146 -12.67 -103.79 44.96
N CYS B 147 -11.42 -103.47 44.60
CA CYS B 147 -10.61 -102.47 45.26
C CYS B 147 -10.77 -101.17 44.49
N SER B 148 -11.56 -100.24 45.04
CA SER B 148 -11.80 -98.95 44.41
C SER B 148 -10.87 -97.87 45.03
N VAL B 149 -10.00 -97.33 44.19
CA VAL B 149 -9.04 -96.30 44.51
C VAL B 149 -9.56 -94.95 43.96
N THR B 150 -10.01 -94.10 44.85
CA THR B 150 -10.77 -92.95 44.44
C THR B 150 -10.13 -91.60 44.76
N ASP B 151 -10.37 -90.64 43.88
CA ASP B 151 -9.95 -89.27 44.02
C ASP B 151 -8.47 -89.04 44.27
N PHE B 152 -7.63 -89.32 43.29
CA PHE B 152 -6.22 -89.08 43.44
C PHE B 152 -5.63 -88.19 42.33
N TYR B 153 -4.52 -87.52 42.61
CA TYR B 153 -3.81 -86.69 41.64
C TYR B 153 -2.32 -86.59 42.05
N PRO B 154 -1.33 -86.80 41.14
CA PRO B 154 -1.44 -87.03 39.68
C PRO B 154 -1.89 -88.46 39.28
N ALA B 155 -1.92 -88.75 37.96
CA ALA B 155 -2.39 -89.99 37.33
C ALA B 155 -1.66 -91.27 37.72
N GLN B 156 -0.36 -91.23 37.92
CA GLN B 156 0.42 -92.40 38.25
C GLN B 156 -0.10 -93.21 39.41
N ILE B 157 -0.44 -94.46 39.16
CA ILE B 157 -1.02 -95.36 40.15
C ILE B 157 -0.56 -96.81 39.89
N LYS B 158 -0.41 -97.57 40.98
CA LYS B 158 -0.06 -98.99 40.97
C LYS B 158 -0.86 -99.68 42.05
N VAL B 159 -1.71 -100.63 41.63
CA VAL B 159 -2.58 -101.41 42.51
C VAL B 159 -2.17 -102.87 42.41
N ARG B 160 -1.99 -103.55 43.56
CA ARG B 160 -1.61 -104.96 43.64
C ARG B 160 -2.55 -105.71 44.59
N TRP B 161 -2.98 -106.93 44.20
CA TRP B 161 -3.86 -107.77 45.01
C TRP B 161 -3.09 -108.90 45.69
N PHE B 162 -3.41 -109.14 46.96
CA PHE B 162 -2.77 -110.21 47.75
C PHE B 162 -3.78 -111.11 48.48
N ARG B 163 -3.61 -112.42 48.39
CA ARG B 163 -4.29 -113.40 49.26
C ARG B 163 -3.30 -113.90 50.27
N ASN B 164 -3.50 -113.56 51.51
CA ASN B 164 -2.54 -113.88 52.54
C ASN B 164 -1.15 -113.36 52.17
N ASP B 165 -0.14 -114.19 52.28
CA ASP B 165 1.21 -113.83 51.95
C ASP B 165 1.30 -113.51 50.47
N GLN B 166 0.57 -114.26 49.67
CA GLN B 166 0.83 -114.31 48.24
C GLN B 166 0.23 -113.25 47.39
N GLU B 167 0.87 -112.97 46.26
CA GLU B 167 0.31 -111.99 45.33
C GLU B 167 -0.58 -112.71 44.31
N GLU B 168 -1.56 -112.02 43.75
CA GLU B 168 -2.53 -112.65 42.91
C GLU B 168 -2.37 -112.08 41.54
N THR B 169 -1.91 -112.87 40.59
CA THR B 169 -1.92 -112.42 39.22
C THR B 169 -3.09 -112.92 38.37
N THR B 170 -3.61 -114.09 38.69
CA THR B 170 -4.61 -114.70 37.81
C THR B 170 -5.98 -114.06 37.68
N GLY B 171 -6.60 -113.72 38.79
CA GLY B 171 -8.03 -113.46 38.82
C GLY B 171 -8.39 -111.99 38.79
N VAL B 172 -7.39 -111.20 38.46
CA VAL B 172 -7.38 -109.74 38.53
C VAL B 172 -7.74 -109.03 37.25
N VAL B 173 -8.85 -108.33 37.31
CA VAL B 173 -9.38 -107.54 36.19
C VAL B 173 -9.55 -106.09 36.66
N SER B 174 -8.78 -105.17 36.07
CA SER B 174 -8.84 -103.77 36.44
C SER B 174 -9.43 -102.91 35.32
N THR B 175 -10.20 -101.89 35.72
CA THR B 175 -10.77 -100.90 34.80
C THR B 175 -9.63 -100.02 34.31
N PRO B 176 -9.71 -99.36 33.13
CA PRO B 176 -8.63 -98.42 32.77
C PRO B 176 -8.65 -97.20 33.70
N LEU B 177 -7.64 -96.32 33.63
CA LEU B 177 -7.64 -95.12 34.46
C LEU B 177 -8.83 -94.24 34.06
N ILE B 178 -9.58 -93.76 35.07
CA ILE B 178 -10.79 -92.97 34.89
C ILE B 178 -10.52 -91.52 35.30
N ARG B 179 -10.78 -90.60 34.37
CA ARG B 179 -10.64 -89.16 34.58
C ARG B 179 -12.00 -88.64 35.02
N ASN B 180 -12.06 -88.06 36.20
CA ASN B 180 -13.30 -87.57 36.74
C ASN B 180 -13.66 -86.19 36.18
N GLY B 181 -12.66 -85.43 35.76
CA GLY B 181 -12.81 -84.09 35.18
C GLY B 181 -12.69 -82.94 36.17
N ASP B 182 -12.50 -83.25 37.46
CA ASP B 182 -12.37 -82.26 38.53
C ASP B 182 -10.97 -82.33 39.18
N TRP B 183 -9.97 -82.75 38.38
CA TRP B 183 -8.56 -82.89 38.73
C TRP B 183 -8.32 -84.06 39.70
N THR B 184 -9.19 -85.04 39.64
CA THR B 184 -9.00 -86.32 40.30
C THR B 184 -9.22 -87.51 39.37
N PHE B 185 -8.53 -88.59 39.70
CA PHE B 185 -8.66 -89.83 39.00
C PHE B 185 -9.26 -90.94 39.86
N GLN B 186 -9.59 -92.01 39.20
CA GLN B 186 -10.25 -93.16 39.79
C GLN B 186 -9.82 -94.42 39.10
N ILE B 187 -9.77 -95.54 39.83
CA ILE B 187 -9.45 -96.86 39.26
C ILE B 187 -10.08 -97.92 40.17
N LEU B 188 -10.66 -98.98 39.55
CA LEU B 188 -11.31 -100.10 40.24
C LEU B 188 -10.65 -101.40 39.81
N VAL B 189 -10.14 -102.19 40.78
CA VAL B 189 -9.45 -103.45 40.52
C VAL B 189 -10.23 -104.61 41.16
N MET B 190 -10.83 -105.45 40.30
CA MET B 190 -11.62 -106.61 40.69
C MET B 190 -10.72 -107.83 40.83
N LEU B 191 -11.04 -108.67 41.82
CA LEU B 191 -10.30 -109.90 42.08
C LEU B 191 -11.27 -111.08 42.19
N GLU B 192 -11.10 -112.06 41.30
CA GLU B 192 -11.87 -113.31 41.28
C GLU B 192 -11.33 -114.16 42.42
N MET B 193 -12.13 -114.33 43.48
CA MET B 193 -11.67 -115.08 44.63
C MET B 193 -12.68 -116.11 45.12
N THR B 194 -12.17 -117.24 45.58
CA THR B 194 -12.99 -118.25 46.19
C THR B 194 -12.53 -118.27 47.62
N PRO B 195 -13.36 -117.54 48.47
CA PRO B 195 -12.82 -117.42 49.82
C PRO B 195 -12.96 -118.61 50.77
N GLN B 196 -11.83 -118.98 51.37
CA GLN B 196 -11.72 -119.99 52.41
C GLN B 196 -12.00 -119.38 53.76
N ARG B 197 -11.83 -120.17 54.80
CA ARG B 197 -11.95 -119.75 56.21
C ARG B 197 -10.94 -118.81 56.85
N GLY B 198 -9.66 -118.99 56.57
CA GLY B 198 -8.66 -118.14 57.20
C GLY B 198 -8.20 -116.91 56.46
N ASP B 199 -8.75 -116.73 55.27
CA ASP B 199 -8.18 -115.89 54.25
C ASP B 199 -8.19 -114.40 54.56
N VAL B 200 -7.07 -113.75 54.30
CA VAL B 200 -6.96 -112.30 54.43
C VAL B 200 -6.64 -111.73 53.04
N TYR B 201 -7.45 -110.79 52.57
CA TYR B 201 -7.25 -110.19 51.26
C TYR B 201 -6.72 -108.77 51.41
N THR B 202 -5.61 -108.48 50.73
CA THR B 202 -4.94 -107.19 50.85
C THR B 202 -4.85 -106.46 49.52
N CYS B 203 -5.33 -105.20 49.44
CA CYS B 203 -5.26 -104.33 48.22
C CYS B 203 -4.08 -103.45 48.56
N HIS B 204 -3.00 -103.50 47.81
CA HIS B 204 -1.84 -102.64 47.94
CA HIS B 204 -1.96 -102.58 47.92
C HIS B 204 -1.57 -101.40 46.85
N VAL B 205 -1.58 -100.19 47.33
CA VAL B 205 -1.69 -99.05 46.47
C VAL B 205 -0.54 -98.09 46.61
N GLU B 206 0.10 -97.79 45.51
CA GLU B 206 1.23 -96.84 45.43
C GLU B 206 0.83 -95.66 44.54
N HIS B 207 1.23 -94.46 44.97
CA HIS B 207 0.92 -93.19 44.32
C HIS B 207 1.99 -92.16 44.67
N PRO B 208 2.31 -91.19 43.78
CA PRO B 208 3.36 -90.21 44.11
C PRO B 208 3.13 -89.43 45.41
N SER B 209 1.86 -89.23 45.83
CA SER B 209 1.52 -88.49 47.06
C SER B 209 1.87 -89.24 48.35
N LEU B 210 2.23 -90.53 48.25
CA LEU B 210 2.51 -91.35 49.43
C LEU B 210 3.97 -91.71 49.62
N GLN B 211 4.38 -91.76 50.87
CA GLN B 211 5.72 -92.14 51.29
C GLN B 211 5.78 -93.67 51.40
N ASN B 212 4.66 -94.28 51.83
CA ASN B 212 4.49 -95.72 52.01
C ASN B 212 3.18 -96.18 51.34
N PRO B 213 3.06 -97.45 50.88
CA PRO B 213 1.81 -97.86 50.22
C PRO B 213 0.63 -97.98 51.18
N ILE B 214 -0.57 -97.69 50.67
CA ILE B 214 -1.81 -97.83 51.44
C ILE B 214 -2.18 -99.32 51.41
N ILE B 215 -2.30 -99.93 52.60
CA ILE B 215 -2.67 -101.35 52.73
C ILE B 215 -4.07 -101.42 53.36
N VAL B 216 -5.03 -101.96 52.59
CA VAL B 216 -6.42 -102.15 53.02
C VAL B 216 -6.71 -103.65 52.96
N GLU B 217 -7.25 -104.22 54.04
CA GLU B 217 -7.53 -105.66 54.08
C GLU B 217 -9.04 -105.96 54.20
N TRP B 218 -9.42 -107.18 53.78
CA TRP B 218 -10.76 -107.75 53.77
C TRP B 218 -10.68 -109.19 54.26
N ARG B 219 -11.28 -109.49 55.43
CA ARG B 219 -11.25 -110.84 56.00
C ARG B 219 -12.41 -111.67 55.47
N ALA B 220 -12.20 -112.96 55.35
CA ALA B 220 -13.23 -113.87 54.89
C ALA B 220 -14.40 -114.00 55.87
N GLN B 221 -15.59 -113.83 55.31
CA GLN B 221 -16.88 -113.81 56.01
C GLN B 221 -17.21 -115.16 56.64
N SER B 222 -17.95 -115.13 57.78
CA SER B 222 -18.39 -116.28 58.58
C SER B 222 -17.20 -117.12 59.09
N ASP C 2 2.76 20.61 -31.21
CA ASP C 2 2.33 21.12 -29.91
C ASP C 2 3.54 21.49 -29.02
N ILE C 3 3.44 22.63 -28.30
CA ILE C 3 4.53 23.15 -27.46
C ILE C 3 4.52 22.47 -26.06
N VAL C 4 5.71 21.99 -25.63
CA VAL C 4 5.98 21.35 -24.34
C VAL C 4 6.71 22.39 -23.43
N ALA C 5 6.11 22.68 -22.27
CA ALA C 5 6.63 23.64 -21.29
C ALA C 5 6.18 23.25 -19.91
N ASP C 6 6.90 23.72 -18.88
CA ASP C 6 6.53 23.50 -17.48
C ASP C 6 5.26 24.27 -17.15
N HIS C 7 5.15 25.50 -17.66
CA HIS C 7 4.00 26.35 -17.40
C HIS C 7 3.54 27.03 -18.67
N VAL C 8 2.21 27.13 -18.83
CA VAL C 8 1.59 27.80 -19.97
C VAL C 8 0.67 28.88 -19.43
N ALA C 9 0.89 30.13 -19.89
CA ALA C 9 0.07 31.24 -19.47
C ALA C 9 -0.51 32.00 -20.64
N SER C 10 -1.72 32.55 -20.47
CA SER C 10 -2.37 33.38 -21.46
C SER C 10 -2.57 34.76 -20.86
N TYR C 11 -1.85 35.75 -21.33
CA TYR C 11 -1.91 37.11 -20.86
C TYR C 11 -2.28 38.15 -21.95
N GLY C 12 -3.49 38.12 -22.46
CA GLY C 12 -4.50 37.15 -22.08
C GLY C 12 -5.27 36.54 -23.23
N VAL C 13 -6.44 35.99 -22.87
CA VAL C 13 -7.41 35.43 -23.80
C VAL C 13 -8.36 36.59 -24.13
N ASN C 14 -8.37 37.00 -25.41
CA ASN C 14 -9.20 38.10 -25.86
C ASN C 14 -10.22 37.54 -26.78
N LEU C 15 -11.48 37.77 -26.47
CA LEU C 15 -12.55 37.25 -27.31
C LEU C 15 -13.48 38.38 -27.72
N TYR C 16 -13.88 38.40 -29.00
CA TYR C 16 -14.89 39.34 -29.47
C TYR C 16 -15.78 38.64 -30.51
N GLN C 17 -17.10 38.67 -30.31
CA GLN C 17 -18.03 38.03 -31.23
C GLN C 17 -19.16 39.00 -31.60
N SER C 18 -19.67 38.84 -32.79
CA SER C 18 -20.73 39.67 -33.32
C SER C 18 -22.13 39.51 -32.67
N TYR C 19 -22.39 38.35 -32.11
CA TYR C 19 -23.63 38.06 -31.48
C TYR C 19 -23.59 38.69 -30.12
N GLY C 20 -24.49 39.65 -29.96
CA GLY C 20 -24.47 40.52 -28.82
C GLY C 20 -24.54 41.93 -29.30
N PRO C 21 -23.43 42.58 -29.86
CA PRO C 21 -22.15 41.85 -29.78
C PRO C 21 -21.57 41.75 -28.40
N SER C 22 -20.63 40.85 -28.21
CA SER C 22 -20.02 40.62 -26.93
C SER C 22 -18.54 40.21 -26.96
N GLY C 23 -17.89 40.34 -25.79
CA GLY C 23 -16.48 40.02 -25.65
C GLY C 23 -16.10 39.51 -24.28
N GLN C 24 -14.85 39.06 -24.15
CA GLN C 24 -14.25 38.55 -22.92
C GLN C 24 -12.78 38.90 -22.84
N TYR C 25 -12.32 39.16 -21.62
CA TYR C 25 -10.92 39.40 -21.31
C TYR C 25 -10.60 38.70 -20.02
N SER C 26 -9.61 37.82 -20.07
CA SER C 26 -9.19 37.06 -18.91
C SER C 26 -7.70 36.70 -19.00
N HIS C 27 -7.07 36.39 -17.85
CA HIS C 27 -5.70 35.89 -17.82
C HIS C 27 -5.72 34.47 -17.28
N GLU C 28 -4.94 33.58 -17.93
CA GLU C 28 -4.90 32.17 -17.56
C GLU C 28 -3.48 31.71 -17.23
N PHE C 29 -3.37 30.79 -16.29
CA PHE C 29 -2.11 30.17 -15.95
C PHE C 29 -2.33 28.70 -15.59
N ASP C 30 -1.69 27.84 -16.36
CA ASP C 30 -1.83 26.38 -16.25
C ASP C 30 -3.31 25.92 -16.25
N GLY C 31 -4.08 26.44 -17.21
CA GLY C 31 -5.49 26.12 -17.44
C GLY C 31 -6.51 26.68 -16.47
N ASP C 32 -6.07 27.49 -15.50
CA ASP C 32 -6.95 28.13 -14.53
C ASP C 32 -6.97 29.63 -14.76
N GLU C 33 -8.11 30.25 -14.47
CA GLU C 33 -8.36 31.67 -14.67
C GLU C 33 -7.89 32.49 -13.48
N GLU C 34 -6.97 33.41 -13.71
CA GLU C 34 -6.51 34.29 -12.68
C GLU C 34 -7.50 35.40 -12.45
N PHE C 35 -7.95 36.02 -13.51
CA PHE C 35 -8.95 37.07 -13.46
C PHE C 35 -9.67 37.19 -14.79
N TYR C 36 -10.78 37.93 -14.78
CA TYR C 36 -11.55 38.36 -15.93
C TYR C 36 -11.88 39.83 -15.72
N VAL C 37 -12.07 40.59 -16.80
CA VAL C 37 -12.44 41.99 -16.68
C VAL C 37 -13.92 42.11 -17.01
N ASP C 38 -14.72 42.65 -16.08
CA ASP C 38 -16.13 42.92 -16.33
C ASP C 38 -16.11 44.14 -17.22
N LEU C 39 -16.34 43.90 -18.52
CA LEU C 39 -16.24 44.92 -19.57
C LEU C 39 -17.28 46.04 -19.42
N GLU C 40 -18.49 45.76 -18.90
CA GLU C 40 -19.52 46.80 -18.68
C GLU C 40 -19.18 47.65 -17.46
N ARG C 41 -18.90 47.01 -16.31
CA ARG C 41 -18.58 47.68 -15.05
C ARG C 41 -17.18 48.32 -15.04
N LYS C 42 -16.23 47.82 -15.89
CA LYS C 42 -14.82 48.27 -15.99
C LYS C 42 -14.09 47.91 -14.67
N GLU C 43 -14.13 46.61 -14.33
CA GLU C 43 -13.59 46.07 -13.11
C GLU C 43 -12.86 44.75 -13.36
N THR C 44 -11.66 44.61 -12.78
CA THR C 44 -10.86 43.39 -12.82
C THR C 44 -11.35 42.48 -11.68
N VAL C 45 -11.80 41.25 -11.98
CA VAL C 45 -12.29 40.32 -10.97
C VAL C 45 -11.32 39.14 -10.86
N TRP C 46 -10.44 39.18 -9.85
CA TRP C 46 -9.46 38.12 -9.57
C TRP C 46 -10.16 36.93 -8.90
N GLN C 47 -9.79 35.72 -9.20
CA GLN C 47 -10.41 34.55 -8.62
C GLN C 47 -9.82 34.01 -7.37
N LEU C 48 -8.67 34.49 -6.99
CA LEU C 48 -8.05 34.08 -5.75
C LEU C 48 -7.88 35.32 -4.98
N PRO C 49 -8.11 35.20 -3.62
CA PRO C 49 -8.02 36.44 -2.85
C PRO C 49 -6.65 37.02 -2.80
N LEU C 50 -5.75 36.10 -2.59
CA LEU C 50 -4.38 36.33 -2.43
C LEU C 50 -3.73 37.03 -3.60
N PHE C 51 -4.19 36.80 -4.79
CA PHE C 51 -3.66 37.40 -5.96
C PHE C 51 -3.73 38.92 -5.87
N ARG C 52 -4.81 39.47 -5.34
CA ARG C 52 -5.00 40.92 -5.21
C ARG C 52 -3.99 41.68 -4.32
N ARG C 53 -3.45 40.98 -3.37
CA ARG C 53 -2.44 41.53 -2.53
C ARG C 53 -1.23 41.89 -3.35
N PHE C 54 -0.85 41.08 -4.30
CA PHE C 54 0.29 41.38 -5.13
C PHE C 54 0.09 41.76 -6.55
N ARG C 55 -1.11 41.65 -7.05
CA ARG C 55 -1.33 41.93 -8.45
C ARG C 55 -2.43 42.87 -8.77
N ARG C 56 -2.14 43.78 -9.69
CA ARG C 56 -3.10 44.73 -10.23
C ARG C 56 -3.13 44.80 -11.77
N PHE C 57 -4.31 44.72 -12.34
CA PHE C 57 -4.51 44.88 -13.77
C PHE C 57 -5.53 45.98 -13.98
N ASP C 58 -5.19 46.95 -14.81
CA ASP C 58 -6.12 48.03 -15.13
C ASP C 58 -7.08 47.60 -16.23
N PRO C 59 -8.38 47.71 -16.01
CA PRO C 59 -9.40 47.37 -17.03
C PRO C 59 -9.27 48.01 -18.41
N GLN C 60 -8.74 49.22 -18.50
CA GLN C 60 -8.63 49.95 -19.74
C GLN C 60 -7.75 49.23 -20.77
N PHE C 61 -6.74 48.50 -20.34
CA PHE C 61 -5.91 47.73 -21.23
C PHE C 61 -6.74 46.65 -21.96
N ALA C 62 -7.63 46.00 -21.23
CA ALA C 62 -8.60 45.07 -21.77
C ALA C 62 -9.65 45.67 -22.69
N LEU C 63 -10.22 46.79 -22.31
CA LEU C 63 -11.20 47.44 -23.11
C LEU C 63 -10.62 47.94 -24.40
N THR C 64 -9.42 48.45 -24.34
CA THR C 64 -8.72 48.89 -25.50
C THR C 64 -8.38 47.74 -26.46
N ASN C 65 -7.94 46.64 -25.90
CA ASN C 65 -7.62 45.42 -26.62
C ASN C 65 -8.88 44.92 -27.35
N ILE C 66 -10.01 44.92 -26.66
CA ILE C 66 -11.27 44.50 -27.21
C ILE C 66 -11.71 45.37 -28.36
N ALA C 67 -11.49 46.66 -28.26
CA ALA C 67 -11.74 47.57 -29.34
C ALA C 67 -10.93 47.25 -30.59
N VAL C 68 -9.68 46.92 -30.45
CA VAL C 68 -8.89 46.43 -31.55
C VAL C 68 -9.42 45.15 -32.20
N LEU C 69 -9.80 44.16 -31.42
CA LEU C 69 -10.39 42.88 -31.85
C LEU C 69 -11.61 43.13 -32.74
N LYS C 70 -12.45 44.09 -32.33
CA LYS C 70 -13.67 44.53 -33.01
C LYS C 70 -13.32 45.11 -34.39
N HIS C 71 -12.23 45.92 -34.45
CA HIS C 71 -11.72 46.50 -35.69
C HIS C 71 -11.25 45.38 -36.61
N ASN C 72 -10.46 44.42 -36.05
CA ASN C 72 -9.90 43.29 -36.78
C ASN C 72 -10.96 42.35 -37.31
N LEU C 73 -12.02 42.10 -36.50
CA LEU C 73 -13.09 41.18 -36.87
C LEU C 73 -13.81 41.66 -38.11
N ASN C 74 -14.15 42.96 -38.19
CA ASN C 74 -14.82 43.50 -39.38
C ASN C 74 -13.98 43.32 -40.66
N ILE C 75 -12.65 43.45 -40.56
CA ILE C 75 -11.76 43.29 -41.71
C ILE C 75 -11.63 41.80 -42.12
N VAL C 76 -11.53 40.90 -41.13
CA VAL C 76 -11.35 39.48 -41.40
C VAL C 76 -12.70 38.83 -41.90
N ILE C 77 -13.90 39.24 -41.40
CA ILE C 77 -15.20 38.73 -41.94
C ILE C 77 -15.27 38.96 -43.47
N LYS C 78 -14.90 40.17 -43.92
CA LYS C 78 -14.89 40.58 -45.33
C LYS C 78 -13.95 39.68 -46.16
N ARG C 79 -12.70 39.51 -45.69
CA ARG C 79 -11.64 38.72 -46.33
C ARG C 79 -11.99 37.22 -46.34
N SER C 80 -12.75 36.73 -45.34
CA SER C 80 -13.19 35.34 -45.26
C SER C 80 -14.41 35.08 -46.17
N ASN C 81 -14.96 36.15 -46.78
CA ASN C 81 -16.17 36.19 -47.61
C ASN C 81 -17.41 35.77 -46.75
N SER C 82 -17.42 36.29 -45.53
CA SER C 82 -18.45 36.09 -44.51
C SER C 82 -18.67 34.67 -44.05
N THR C 83 -17.59 33.99 -43.73
CA THR C 83 -17.66 32.65 -43.21
C THR C 83 -17.95 32.70 -41.73
N ALA C 84 -19.12 32.20 -41.35
CA ALA C 84 -19.60 32.17 -39.99
C ALA C 84 -19.15 30.98 -39.18
N ALA C 85 -19.30 31.06 -37.87
CA ALA C 85 -18.97 29.98 -36.97
C ALA C 85 -19.79 28.69 -37.14
N THR C 86 -19.11 27.59 -37.01
CA THR C 86 -19.71 26.30 -37.00
C THR C 86 -20.02 25.93 -35.58
N ASN C 87 -21.22 25.44 -35.31
CA ASN C 87 -21.65 25.07 -33.97
C ASN C 87 -21.17 23.67 -33.63
N GLU C 88 -20.46 23.55 -32.49
CA GLU C 88 -19.98 22.27 -31.99
C GLU C 88 -20.99 21.66 -31.00
N VAL C 89 -20.93 20.34 -30.80
CA VAL C 89 -21.76 19.68 -29.83
C VAL C 89 -21.00 19.72 -28.48
N PRO C 90 -21.51 20.42 -27.44
CA PRO C 90 -20.78 20.42 -26.17
C PRO C 90 -20.90 19.10 -25.41
N GLU C 91 -19.95 18.84 -24.50
CA GLU C 91 -19.85 17.65 -23.67
C GLU C 91 -20.13 18.04 -22.23
N VAL C 92 -21.07 17.36 -21.54
CA VAL C 92 -21.40 17.75 -20.16
C VAL C 92 -21.08 16.62 -19.16
N THR C 93 -20.43 17.00 -18.05
CA THR C 93 -20.04 16.14 -16.94
C THR C 93 -20.41 16.83 -15.63
N VAL C 94 -21.04 16.09 -14.71
CA VAL C 94 -21.46 16.61 -13.41
C VAL C 94 -20.84 15.74 -12.30
N PHE C 95 -20.19 16.41 -11.33
CA PHE C 95 -19.51 15.77 -10.20
C PHE C 95 -19.46 16.72 -9.03
N SER C 96 -19.20 16.20 -7.82
CA SER C 96 -19.10 17.02 -6.61
C SER C 96 -17.66 17.43 -6.36
N LYS C 97 -17.48 18.60 -5.72
CA LYS C 97 -16.20 19.17 -5.33
C LYS C 97 -15.52 18.30 -4.29
N SER C 98 -16.25 17.88 -3.25
CA SER C 98 -15.72 17.06 -2.16
C SER C 98 -16.61 15.82 -1.93
N PRO C 99 -16.19 14.80 -1.11
CA PRO C 99 -17.07 13.64 -0.89
C PRO C 99 -18.33 14.04 -0.10
N VAL C 100 -19.47 13.52 -0.55
CA VAL C 100 -20.82 13.80 -0.05
C VAL C 100 -20.99 13.43 1.43
N THR C 101 -21.20 14.46 2.27
CA THR C 101 -21.51 14.35 3.69
C THR C 101 -22.87 15.02 3.87
N LEU C 102 -23.89 14.23 4.24
CA LEU C 102 -25.27 14.70 4.39
C LEU C 102 -25.42 15.83 5.41
N GLY C 103 -26.02 16.94 4.95
CA GLY C 103 -26.26 18.14 5.76
C GLY C 103 -25.04 19.00 5.99
N GLN C 104 -23.98 18.82 5.17
CA GLN C 104 -22.71 19.54 5.26
C GLN C 104 -22.45 20.36 3.98
N PRO C 105 -21.86 21.58 4.07
CA PRO C 105 -21.67 22.41 2.86
C PRO C 105 -20.78 21.78 1.78
N ASN C 106 -21.36 21.62 0.58
CA ASN C 106 -20.70 21.05 -0.58
C ASN C 106 -20.99 21.89 -1.84
N THR C 107 -20.30 21.59 -2.95
CA THR C 107 -20.46 22.27 -4.22
C THR C 107 -20.63 21.25 -5.34
N LEU C 108 -21.63 21.47 -6.19
CA LEU C 108 -21.90 20.69 -7.38
C LEU C 108 -21.21 21.35 -8.55
N ILE C 109 -20.45 20.58 -9.33
CA ILE C 109 -19.67 21.11 -10.45
C ILE C 109 -20.19 20.60 -11.79
N CYS C 110 -20.53 21.53 -12.70
CA CYS C 110 -21.00 21.22 -14.05
C CYS C 110 -19.96 21.68 -15.06
N LEU C 111 -19.21 20.73 -15.61
CA LEU C 111 -18.21 21.03 -16.63
C LEU C 111 -18.84 20.86 -18.01
N VAL C 112 -18.85 21.95 -18.78
CA VAL C 112 -19.35 21.97 -20.17
C VAL C 112 -18.11 22.16 -21.03
N ASP C 113 -17.69 21.09 -21.72
CA ASP C 113 -16.51 21.09 -22.55
C ASP C 113 -16.87 21.13 -24.05
N ASN C 114 -15.91 21.52 -24.93
CA ASN C 114 -16.03 21.65 -26.38
C ASN C 114 -17.13 22.68 -26.76
N ILE C 115 -17.02 23.86 -26.25
CA ILE C 115 -17.93 24.93 -26.54
C ILE C 115 -17.44 25.83 -27.68
N PHE C 116 -18.16 25.81 -28.77
CA PHE C 116 -18.07 26.81 -29.81
C PHE C 116 -19.38 26.99 -30.62
N PRO C 117 -19.87 28.28 -30.93
CA PRO C 117 -19.14 29.41 -30.35
C PRO C 117 -19.32 29.65 -28.85
N PRO C 118 -18.65 30.66 -28.29
CA PRO C 118 -18.80 30.83 -26.83
C PRO C 118 -20.06 31.60 -26.42
N VAL C 119 -21.21 30.93 -26.57
CA VAL C 119 -22.56 31.35 -26.20
C VAL C 119 -23.22 30.12 -25.59
N VAL C 120 -23.53 30.14 -24.29
CA VAL C 120 -24.11 28.97 -23.62
C VAL C 120 -24.96 29.40 -22.40
N ASN C 121 -25.99 28.58 -22.07
CA ASN C 121 -26.83 28.76 -20.89
C ASN C 121 -26.65 27.58 -19.97
N ILE C 122 -25.97 27.78 -18.84
CA ILE C 122 -25.79 26.72 -17.85
C ILE C 122 -26.60 27.09 -16.63
N THR C 123 -27.64 26.31 -16.36
CA THR C 123 -28.54 26.50 -15.23
C THR C 123 -28.66 25.19 -14.43
N TRP C 124 -29.18 25.29 -13.20
CA TRP C 124 -29.33 24.16 -12.30
C TRP C 124 -30.79 23.93 -11.92
N LEU C 125 -31.14 22.66 -11.70
CA LEU C 125 -32.46 22.25 -11.27
C LEU C 125 -32.37 21.33 -10.05
N SER C 126 -33.28 21.53 -9.09
CA SER C 126 -33.41 20.69 -7.90
C SER C 126 -34.85 20.19 -7.86
N ASN C 127 -35.02 18.87 -8.03
CA ASN C 127 -36.32 18.16 -8.10
C ASN C 127 -37.17 18.68 -9.29
N GLY C 128 -36.50 18.99 -10.40
CA GLY C 128 -37.12 19.48 -11.63
C GLY C 128 -37.40 20.98 -11.72
N HIS C 129 -37.13 21.73 -10.63
CA HIS C 129 -37.36 23.17 -10.60
C HIS C 129 -36.05 23.94 -10.51
N SER C 130 -35.96 25.09 -11.21
CA SER C 130 -34.76 25.91 -11.32
C SER C 130 -34.29 26.51 -9.98
N VAL C 131 -32.95 26.52 -9.80
CA VAL C 131 -32.21 27.05 -8.64
C VAL C 131 -31.39 28.25 -9.12
N THR C 132 -31.52 29.39 -8.44
CA THR C 132 -30.77 30.61 -8.80
C THR C 132 -29.78 31.00 -7.69
N GLU C 133 -30.16 30.76 -6.42
CA GLU C 133 -29.34 31.08 -5.24
C GLU C 133 -28.19 30.09 -5.09
N GLY C 134 -26.99 30.62 -4.87
CA GLY C 134 -25.77 29.84 -4.69
C GLY C 134 -25.12 29.37 -5.99
N VAL C 135 -25.56 29.92 -7.13
CA VAL C 135 -25.03 29.55 -8.44
C VAL C 135 -23.98 30.57 -8.88
N SER C 136 -22.78 30.06 -9.22
CA SER C 136 -21.64 30.82 -9.75
C SER C 136 -21.04 30.07 -10.95
N GLU C 137 -20.28 30.77 -11.80
CA GLU C 137 -19.65 30.11 -12.94
C GLU C 137 -18.34 30.81 -13.32
N THR C 138 -17.46 30.07 -14.00
CA THR C 138 -16.18 30.59 -14.51
C THR C 138 -16.46 31.36 -15.78
N SER C 139 -15.43 32.00 -16.35
CA SER C 139 -15.53 32.61 -17.66
C SER C 139 -15.46 31.48 -18.70
N PHE C 140 -15.43 31.84 -19.98
CA PHE C 140 -15.15 30.85 -21.02
C PHE C 140 -13.63 30.60 -20.93
N LEU C 141 -13.25 29.40 -20.52
CA LEU C 141 -11.83 29.04 -20.44
C LEU C 141 -11.38 28.51 -21.80
N SER C 142 -10.25 29.03 -22.31
CA SER C 142 -9.72 28.71 -23.64
C SER C 142 -9.11 27.30 -23.73
N LYS C 143 -9.05 26.77 -24.96
CA LYS C 143 -8.49 25.46 -25.31
C LYS C 143 -7.55 25.59 -26.50
N SER C 144 -6.56 24.68 -26.61
CA SER C 144 -5.58 24.59 -27.70
C SER C 144 -6.22 24.54 -29.10
N ASP C 145 -7.41 24.00 -29.18
CA ASP C 145 -8.14 23.91 -30.40
C ASP C 145 -9.03 25.11 -30.72
N HIS C 146 -8.99 26.12 -29.88
CA HIS C 146 -9.71 27.37 -30.08
C HIS C 146 -11.20 27.29 -29.84
N SER C 147 -11.61 26.20 -29.24
CA SER C 147 -12.86 26.05 -28.56
C SER C 147 -12.77 26.45 -27.04
N PHE C 148 -13.84 26.29 -26.27
CA PHE C 148 -13.82 26.70 -24.87
C PHE C 148 -14.46 25.66 -23.93
N PHE C 149 -14.32 25.89 -22.64
CA PHE C 149 -14.95 25.11 -21.60
C PHE C 149 -15.36 26.09 -20.52
N LYS C 150 -16.51 25.85 -19.90
CA LYS C 150 -17.06 26.70 -18.85
C LYS C 150 -17.53 25.79 -17.72
N ILE C 151 -17.23 26.18 -16.47
CA ILE C 151 -17.63 25.39 -15.30
C ILE C 151 -18.62 26.18 -14.45
N SER C 152 -19.79 25.58 -14.16
CA SER C 152 -20.84 26.14 -13.31
C SER C 152 -20.84 25.43 -11.95
N TYR C 153 -21.12 26.19 -10.89
CA TYR C 153 -21.13 25.75 -9.51
C TYR C 153 -22.46 26.03 -8.82
N LEU C 154 -22.85 25.10 -7.94
CA LEU C 154 -24.05 25.16 -7.13
C LEU C 154 -23.68 24.74 -5.70
N THR C 155 -23.64 25.73 -4.78
CA THR C 155 -23.38 25.45 -3.36
C THR C 155 -24.65 24.82 -2.78
N PHE C 156 -24.49 23.73 -2.04
CA PHE C 156 -25.63 22.97 -1.50
C PHE C 156 -25.26 22.11 -0.29
N LEU C 157 -26.28 21.65 0.42
CA LEU C 157 -26.16 20.73 1.54
C LEU C 157 -26.89 19.45 1.12
N PRO C 158 -26.15 18.37 0.74
CA PRO C 158 -26.82 17.16 0.23
C PRO C 158 -27.80 16.52 1.21
N SER C 159 -29.03 16.26 0.72
CA SER C 159 -30.15 15.63 1.41
C SER C 159 -30.75 14.54 0.52
N ALA C 160 -31.31 13.48 1.13
CA ALA C 160 -31.89 12.31 0.47
C ALA C 160 -33.02 12.64 -0.52
N ASP C 161 -33.91 13.60 -0.15
CA ASP C 161 -35.06 14.01 -0.97
C ASP C 161 -34.72 15.20 -1.89
N GLU C 162 -33.56 15.11 -2.58
CA GLU C 162 -33.10 16.13 -3.52
C GLU C 162 -32.26 15.53 -4.65
N ILE C 163 -32.78 15.61 -5.87
CA ILE C 163 -32.11 15.16 -7.10
C ILE C 163 -31.77 16.40 -7.92
N TYR C 164 -30.53 16.46 -8.41
CA TYR C 164 -30.05 17.62 -9.16
C TYR C 164 -29.79 17.32 -10.63
N ASP C 165 -29.97 18.34 -11.46
CA ASP C 165 -29.72 18.28 -12.90
C ASP C 165 -29.06 19.56 -13.38
N CYS C 166 -28.06 19.41 -14.25
CA CYS C 166 -27.41 20.55 -14.86
C CYS C 166 -28.00 20.71 -16.27
N LYS C 167 -28.69 21.82 -16.53
CA LYS C 167 -29.31 22.09 -17.84
C LYS C 167 -28.38 22.98 -18.67
N VAL C 168 -28.06 22.53 -19.89
CA VAL C 168 -27.14 23.20 -20.81
C VAL C 168 -27.82 23.51 -22.16
N GLU C 169 -27.81 24.79 -22.57
CA GLU C 169 -28.38 25.23 -23.84
C GLU C 169 -27.29 25.84 -24.72
N HIS C 170 -27.10 25.25 -25.92
CA HIS C 170 -26.13 25.68 -26.92
C HIS C 170 -26.74 25.48 -28.31
N TRP C 171 -26.28 26.24 -29.31
CA TRP C 171 -26.78 26.16 -30.70
C TRP C 171 -26.44 24.82 -31.38
N GLY C 172 -25.42 24.11 -30.85
CA GLY C 172 -24.98 22.80 -31.31
C GLY C 172 -25.85 21.67 -30.78
N LEU C 173 -26.81 21.99 -29.89
CA LEU C 173 -27.78 21.08 -29.32
C LEU C 173 -29.16 21.38 -29.90
N ASP C 174 -29.91 20.33 -30.29
CA ASP C 174 -31.26 20.45 -30.84
C ASP C 174 -32.29 20.56 -29.70
N GLU C 175 -31.90 20.06 -28.53
CA GLU C 175 -32.68 20.09 -27.31
C GLU C 175 -31.77 20.45 -26.15
N PRO C 176 -32.25 21.14 -25.08
CA PRO C 176 -31.38 21.44 -23.94
C PRO C 176 -30.90 20.15 -23.29
N LEU C 177 -29.59 20.02 -23.05
CA LEU C 177 -29.01 18.82 -22.46
C LEU C 177 -29.11 18.87 -20.94
N LEU C 178 -29.53 17.75 -20.35
CA LEU C 178 -29.69 17.62 -18.91
C LEU C 178 -28.84 16.47 -18.41
N LYS C 179 -27.90 16.78 -17.51
CA LYS C 179 -27.00 15.82 -16.88
C LYS C 179 -27.35 15.76 -15.41
N HIS C 180 -27.87 14.60 -14.98
CA HIS C 180 -28.38 14.31 -13.65
C HIS C 180 -27.28 13.95 -12.64
N TRP C 181 -27.53 14.24 -11.36
CA TRP C 181 -26.68 13.93 -10.21
C TRP C 181 -27.54 13.72 -8.97
N GLU C 182 -27.16 12.76 -8.13
CA GLU C 182 -27.86 12.47 -6.88
C GLU C 182 -26.88 11.94 -5.81
N PRO C 183 -27.06 12.32 -4.52
CA PRO C 183 -26.12 11.84 -3.48
C PRO C 183 -26.39 10.38 -3.08
N ASP D 32 -32.02 28.01 -38.79
CA ASP D 32 -32.73 28.04 -37.52
C ASP D 32 -31.82 28.52 -36.36
N SER D 33 -30.49 28.37 -36.50
CA SER D 33 -29.50 28.78 -35.50
C SER D 33 -28.94 30.18 -35.83
N PRO D 34 -28.73 31.06 -34.81
CA PRO D 34 -28.20 32.40 -35.09
C PRO D 34 -26.78 32.40 -35.65
N GLU D 35 -26.50 33.36 -36.51
CA GLU D 35 -25.21 33.56 -37.11
C GLU D 35 -24.25 34.26 -36.14
N ASP D 36 -23.03 33.78 -36.04
CA ASP D 36 -22.00 34.38 -35.20
C ASP D 36 -20.67 34.41 -35.88
N PHE D 37 -19.97 35.52 -35.78
CA PHE D 37 -18.61 35.66 -36.21
C PHE D 37 -17.70 35.89 -34.99
N VAL D 38 -16.68 35.07 -34.81
CA VAL D 38 -15.86 35.10 -33.63
C VAL D 38 -14.39 35.47 -33.91
N TYR D 39 -13.85 36.36 -33.11
CA TYR D 39 -12.45 36.69 -33.05
C TYR D 39 -11.78 36.36 -31.71
N GLN D 40 -10.68 35.65 -31.80
CA GLN D 40 -9.80 35.39 -30.67
C GLN D 40 -8.37 35.91 -30.90
N PHE D 41 -7.84 36.60 -29.91
CA PHE D 41 -6.42 36.90 -29.78
C PHE D 41 -5.87 36.30 -28.49
N LYS D 42 -4.88 35.47 -28.62
CA LYS D 42 -4.27 34.81 -27.47
C LYS D 42 -2.81 35.18 -27.37
N GLY D 43 -2.44 35.80 -26.26
CA GLY D 43 -1.07 36.18 -25.99
C GLY D 43 -0.53 35.16 -25.01
N MET D 44 0.30 34.23 -25.49
CA MET D 44 0.77 33.10 -24.69
C MET D 44 2.27 33.09 -24.39
N CYS D 45 2.60 32.68 -23.16
CA CYS D 45 3.95 32.52 -22.62
C CYS D 45 4.15 31.07 -22.21
N TYR D 46 5.29 30.51 -22.60
CA TYR D 46 5.68 29.15 -22.31
C TYR D 46 6.97 29.20 -21.50
N PHE D 47 6.89 28.79 -20.20
CA PHE D 47 8.01 28.82 -19.28
C PHE D 47 8.50 27.42 -18.99
N THR D 48 9.82 27.21 -19.10
CA THR D 48 10.47 25.93 -18.84
C THR D 48 11.70 26.16 -17.95
N ASN D 49 11.88 25.24 -16.96
CA ASN D 49 12.98 25.18 -15.98
C ASN D 49 13.20 26.55 -15.30
N GLY D 50 12.18 26.97 -14.53
CA GLY D 50 12.20 28.25 -13.85
C GLY D 50 12.17 29.39 -14.84
N THR D 51 13.20 30.27 -14.80
CA THR D 51 13.36 31.44 -15.66
C THR D 51 14.26 31.18 -16.88
N GLU D 52 14.96 30.04 -16.91
CA GLU D 52 15.94 29.67 -17.94
C GLU D 52 15.40 29.72 -19.39
N ARG D 53 14.21 29.17 -19.65
CA ARG D 53 13.66 29.12 -21.00
C ARG D 53 12.28 29.81 -21.07
N VAL D 54 12.16 30.83 -21.95
CA VAL D 54 10.92 31.59 -22.16
C VAL D 54 10.61 31.73 -23.66
N ARG D 55 9.40 31.34 -24.04
CA ARG D 55 8.90 31.46 -25.40
C ARG D 55 7.52 32.12 -25.41
N LEU D 56 7.29 33.05 -26.33
CA LEU D 56 5.98 33.65 -26.46
C LEU D 56 5.37 33.27 -27.84
N VAL D 57 4.03 33.09 -27.86
CA VAL D 57 3.27 32.83 -29.08
C VAL D 57 1.98 33.64 -29.02
N THR D 58 1.81 34.58 -29.95
CA THR D 58 0.59 35.37 -30.05
C THR D 58 -0.21 34.76 -31.21
N ARG D 59 -1.48 34.43 -30.96
CA ARG D 59 -2.35 33.76 -31.93
C ARG D 59 -3.54 34.65 -32.31
N TYR D 60 -3.74 34.84 -33.59
CA TYR D 60 -4.81 35.57 -34.20
C TYR D 60 -5.76 34.59 -34.87
N ILE D 61 -6.94 34.43 -34.31
CA ILE D 61 -7.98 33.47 -34.66
C ILE D 61 -9.35 34.00 -35.14
N TYR D 62 -9.84 33.47 -36.24
CA TYR D 62 -11.13 33.82 -36.77
C TYR D 62 -11.97 32.59 -36.55
N ASN D 63 -13.03 32.70 -35.78
CA ASN D 63 -13.85 31.57 -35.41
C ASN D 63 -12.90 30.63 -34.68
N ARG D 64 -12.64 29.45 -35.21
CA ARG D 64 -11.69 28.56 -34.62
C ARG D 64 -10.41 28.40 -35.41
N GLU D 65 -10.20 29.23 -36.41
CA GLU D 65 -9.05 29.13 -37.25
C GLU D 65 -7.96 30.15 -37.03
N GLU D 66 -6.85 29.68 -36.57
CA GLU D 66 -5.70 30.50 -36.37
C GLU D 66 -5.13 30.91 -37.75
N TYR D 67 -5.08 32.18 -38.06
CA TYR D 67 -4.65 32.57 -39.40
C TYR D 67 -3.31 33.30 -39.42
N ALA D 68 -2.82 33.71 -38.24
CA ALA D 68 -1.54 34.40 -38.11
C ALA D 68 -1.00 34.24 -36.70
N ARG D 69 0.33 34.26 -36.54
CA ARG D 69 0.97 34.15 -35.25
C ARG D 69 2.34 34.79 -35.19
N PHE D 70 2.74 35.17 -33.98
CA PHE D 70 4.09 35.61 -33.71
C PHE D 70 4.66 34.69 -32.64
N ASP D 71 5.78 34.08 -32.97
CA ASP D 71 6.58 33.15 -32.17
C ASP D 71 7.93 33.81 -31.95
N SER D 72 8.31 34.02 -30.67
CA SER D 72 9.58 34.64 -30.32
C SER D 72 10.78 33.83 -30.85
N ASP D 73 10.61 32.50 -31.07
CA ASP D 73 11.64 31.62 -31.62
C ASP D 73 11.80 31.85 -33.13
N VAL D 74 10.78 32.39 -33.80
CA VAL D 74 10.81 32.74 -35.22
C VAL D 74 11.31 34.21 -35.30
N GLY D 75 10.70 35.11 -34.54
CA GLY D 75 11.11 36.51 -34.49
C GLY D 75 10.39 37.45 -35.43
N VAL D 76 9.54 36.90 -36.32
CA VAL D 76 8.70 37.66 -37.27
C VAL D 76 7.27 37.09 -37.25
N TYR D 77 6.28 37.87 -37.70
CA TYR D 77 4.91 37.37 -37.81
C TYR D 77 4.83 36.37 -38.95
N ARG D 78 3.98 35.35 -38.78
CA ARG D 78 3.78 34.36 -39.82
C ARG D 78 2.30 34.10 -40.00
N ALA D 79 1.89 33.93 -41.25
CA ALA D 79 0.56 33.53 -41.61
C ALA D 79 0.47 32.02 -41.30
N VAL D 80 -0.70 31.53 -40.89
CA VAL D 80 -0.89 30.11 -40.56
C VAL D 80 -1.80 29.50 -41.63
N THR D 81 -2.73 30.31 -42.17
CA THR D 81 -3.65 29.85 -43.23
C THR D 81 -3.64 30.85 -44.40
N PRO D 82 -4.29 30.57 -45.58
CA PRO D 82 -4.33 31.58 -46.66
C PRO D 82 -5.10 32.86 -46.30
N LEU D 83 -5.70 32.91 -45.11
CA LEU D 83 -6.42 34.07 -44.60
C LEU D 83 -5.43 35.04 -43.92
N GLY D 84 -4.25 34.53 -43.54
CA GLY D 84 -3.22 35.29 -42.85
C GLY D 84 -2.23 36.16 -43.59
N PRO D 85 -1.80 35.89 -44.88
CA PRO D 85 -0.76 36.72 -45.51
C PRO D 85 -1.00 38.24 -45.56
N PRO D 86 -2.20 38.83 -45.79
CA PRO D 86 -2.27 40.30 -45.79
C PRO D 86 -2.04 40.92 -44.41
N ALA D 87 -2.31 40.17 -43.32
CA ALA D 87 -2.06 40.66 -41.95
C ALA D 87 -0.56 40.52 -41.59
N ALA D 88 0.03 39.30 -41.75
CA ALA D 88 1.43 38.98 -41.44
C ALA D 88 2.43 39.87 -42.16
N GLU D 89 2.24 40.09 -43.49
CA GLU D 89 3.11 40.92 -44.34
C GLU D 89 3.07 42.37 -43.93
N TYR D 90 1.87 42.87 -43.59
CA TYR D 90 1.61 44.22 -43.14
C TYR D 90 2.27 44.48 -41.79
N TRP D 91 2.12 43.56 -40.81
CA TRP D 91 2.74 43.75 -39.50
C TRP D 91 4.27 43.63 -39.58
N ASN D 92 4.78 42.80 -40.52
CA ASN D 92 6.22 42.61 -40.71
C ASN D 92 6.88 43.81 -41.43
N SER D 93 6.08 44.63 -42.13
CA SER D 93 6.55 45.84 -42.82
C SER D 93 6.73 47.03 -41.84
N GLN D 94 6.22 46.90 -40.60
CA GLN D 94 6.28 47.95 -39.58
C GLN D 94 7.31 47.60 -38.50
N LYS D 95 8.48 48.27 -38.52
CA LYS D 95 9.57 48.00 -37.57
C LYS D 95 9.16 48.26 -36.10
N GLU D 96 8.27 49.24 -35.86
CA GLU D 96 7.78 49.56 -34.52
C GLU D 96 6.90 48.42 -33.96
N VAL D 97 6.07 47.77 -34.82
CA VAL D 97 5.18 46.66 -34.40
C VAL D 97 6.04 45.45 -34.03
N LEU D 98 7.05 45.14 -34.88
CA LEU D 98 7.99 44.04 -34.66
C LEU D 98 8.83 44.23 -33.41
N GLU D 99 9.34 45.44 -33.18
CA GLU D 99 10.15 45.75 -31.99
C GLU D 99 9.34 45.60 -30.70
N ARG D 100 8.09 46.09 -30.68
CA ARG D 100 7.17 45.99 -29.53
C ARG D 100 6.81 44.51 -29.28
N THR D 101 6.52 43.73 -30.34
CA THR D 101 6.13 42.32 -30.17
C THR D 101 7.32 41.51 -29.64
N ARG D 102 8.54 41.72 -30.19
CA ARG D 102 9.73 41.03 -29.70
C ARG D 102 9.95 41.32 -28.20
N ALA D 103 9.85 42.60 -27.81
CA ALA D 103 10.04 43.09 -26.45
C ALA D 103 9.00 42.55 -25.45
N GLU D 104 7.85 42.06 -25.94
CA GLU D 104 6.77 41.49 -25.11
C GLU D 104 7.21 40.24 -24.36
N LEU D 105 8.33 39.63 -24.76
CA LEU D 105 8.94 38.51 -24.03
C LEU D 105 9.40 39.04 -22.66
N ASP D 106 9.87 40.30 -22.64
CA ASP D 106 10.32 40.97 -21.42
C ASP D 106 9.20 41.71 -20.75
N THR D 107 8.47 42.56 -21.51
CA THR D 107 7.40 43.42 -20.95
C THR D 107 6.15 42.62 -20.53
N VAL D 108 6.00 41.38 -21.01
CA VAL D 108 4.83 40.60 -20.59
C VAL D 108 5.30 39.31 -19.92
N CYS D 109 5.96 38.40 -20.67
CA CYS D 109 6.31 37.06 -20.18
C CYS D 109 7.21 37.07 -18.96
N ARG D 110 8.40 37.68 -19.04
CA ARG D 110 9.33 37.67 -17.91
C ARG D 110 8.84 38.54 -16.77
N HIS D 111 8.24 39.67 -17.06
CA HIS D 111 7.61 40.54 -16.08
C HIS D 111 6.54 39.86 -15.26
N ASN D 112 5.61 39.22 -15.93
CA ASN D 112 4.53 38.51 -15.29
C ASN D 112 4.94 37.23 -14.54
N TYR D 113 6.03 36.61 -14.95
CA TYR D 113 6.53 35.42 -14.30
C TYR D 113 6.95 35.72 -12.86
N GLN D 114 7.52 36.91 -12.66
CA GLN D 114 7.92 37.39 -11.35
C GLN D 114 6.74 37.48 -10.45
N LEU D 115 5.64 37.93 -10.99
CA LEU D 115 4.35 37.98 -10.34
C LEU D 115 3.77 36.61 -10.01
N GLU D 116 3.97 35.63 -10.88
CA GLU D 116 3.60 34.26 -10.63
C GLU D 116 4.33 33.63 -9.44
N LEU D 117 5.60 33.93 -9.28
CA LEU D 117 6.41 33.44 -8.22
C LEU D 117 5.89 33.88 -6.85
N ARG D 118 5.43 35.13 -6.77
CA ARG D 118 4.77 35.69 -5.61
C ARG D 118 3.41 35.05 -5.28
N THR D 119 2.72 34.55 -6.30
CA THR D 119 1.35 34.10 -6.20
C THR D 119 1.09 32.62 -6.54
N THR D 120 0.89 32.32 -7.81
CA THR D 120 0.52 31.02 -8.24
C THR D 120 1.50 29.90 -7.87
N LEU D 121 2.78 30.17 -8.02
CA LEU D 121 3.85 29.24 -7.82
C LEU D 121 4.26 29.12 -6.37
N GLN D 122 3.55 29.82 -5.52
CA GLN D 122 3.67 29.65 -4.12
C GLN D 122 2.45 28.97 -3.48
N ARG D 123 1.41 28.81 -4.26
CA ARG D 123 0.17 28.26 -3.76
C ARG D 123 0.30 26.78 -3.38
N ARG D 124 -0.16 26.46 -2.19
CA ARG D 124 -0.08 25.12 -1.69
C ARG D 124 -1.35 24.77 -0.96
N VAL D 125 -2.12 23.85 -1.51
CA VAL D 125 -3.36 23.40 -0.90
C VAL D 125 -3.19 21.91 -0.67
N GLU D 126 -3.04 21.51 0.60
CA GLU D 126 -2.85 20.13 1.01
C GLU D 126 -4.08 19.30 0.66
N PRO D 127 -3.91 18.08 0.10
CA PRO D 127 -5.09 17.30 -0.26
C PRO D 127 -5.79 16.65 0.93
N THR D 128 -7.13 16.48 0.82
CA THR D 128 -7.98 15.81 1.78
C THR D 128 -8.13 14.37 1.28
N VAL D 129 -7.69 13.39 2.07
CA VAL D 129 -7.71 11.97 1.69
C VAL D 129 -8.75 11.23 2.55
N THR D 130 -9.74 10.60 1.89
CA THR D 130 -10.83 9.85 2.53
C THR D 130 -11.18 8.59 1.72
N ILE D 131 -11.50 7.48 2.41
CA ILE D 131 -11.89 6.20 1.80
C ILE D 131 -13.39 5.95 2.07
N SER D 132 -14.17 5.71 0.99
CA SER D 132 -15.61 5.42 1.02
C SER D 132 -15.88 4.04 0.38
N PRO D 133 -16.80 3.20 0.92
CA PRO D 133 -17.03 1.88 0.32
C PRO D 133 -18.07 1.90 -0.81
N LEU D 144 -14.66 -1.05 -5.46
CA LEU D 144 -15.24 -1.33 -4.14
C LEU D 144 -14.91 -0.19 -3.17
N LEU D 145 -13.60 0.10 -2.94
CA LEU D 145 -13.13 1.20 -2.09
C LEU D 145 -12.55 2.31 -2.96
N VAL D 146 -13.03 3.54 -2.79
CA VAL D 146 -12.52 4.65 -3.58
C VAL D 146 -11.79 5.66 -2.67
N CYS D 147 -10.51 5.94 -3.01
CA CYS D 147 -9.67 6.91 -2.32
C CYS D 147 -9.93 8.29 -2.95
N SER D 148 -10.73 9.11 -2.25
CA SER D 148 -11.11 10.45 -2.68
C SER D 148 -10.06 11.48 -2.23
N VAL D 149 -9.10 11.81 -3.15
CA VAL D 149 -8.01 12.77 -2.93
C VAL D 149 -8.49 14.13 -3.47
N THR D 150 -9.14 14.93 -2.60
CA THR D 150 -9.77 16.17 -3.02
C THR D 150 -9.03 17.45 -2.58
N ASP D 151 -9.40 18.55 -3.26
CA ASP D 151 -9.00 19.95 -3.10
C ASP D 151 -7.50 20.17 -2.90
N PHE D 152 -6.67 19.83 -3.90
CA PHE D 152 -5.23 20.05 -3.81
C PHE D 152 -4.68 20.96 -4.94
N TYR D 153 -3.54 21.63 -4.67
CA TYR D 153 -2.83 22.51 -5.59
C TYR D 153 -1.34 22.62 -5.15
N PRO D 154 -0.32 22.48 -6.05
CA PRO D 154 -0.37 22.28 -7.51
C PRO D 154 -0.84 20.87 -7.94
N ALA D 155 -0.93 20.66 -9.27
CA ALA D 155 -1.43 19.43 -9.92
C ALA D 155 -0.67 18.13 -9.61
N GLN D 156 0.61 18.17 -9.27
CA GLN D 156 1.36 16.95 -8.99
C GLN D 156 0.90 16.13 -7.86
N ILE D 157 0.69 14.88 -8.13
CA ILE D 157 0.16 13.96 -7.12
C ILE D 157 0.59 12.49 -7.39
N LYS D 158 0.75 11.71 -6.31
CA LYS D 158 1.08 10.28 -6.32
C LYS D 158 0.18 9.57 -5.32
N VAL D 159 -0.70 8.68 -5.82
CA VAL D 159 -1.67 7.94 -4.98
C VAL D 159 -1.41 6.44 -5.11
N ARG D 160 -1.39 5.73 -3.96
CA ARG D 160 -1.13 4.28 -3.90
C ARG D 160 -2.14 3.53 -3.02
N TRP D 161 -2.46 2.28 -3.39
CA TRP D 161 -3.28 1.44 -2.53
C TRP D 161 -2.41 0.38 -1.85
N PHE D 162 -2.84 -0.02 -0.65
CA PHE D 162 -2.12 -1.01 0.15
C PHE D 162 -3.06 -1.92 0.95
N ARG D 163 -2.77 -3.22 0.94
CA ARG D 163 -3.49 -4.24 1.71
C ARG D 163 -2.47 -4.89 2.64
N ASN D 164 -2.69 -4.82 3.95
CA ASN D 164 -1.64 -5.28 4.87
C ASN D 164 -0.43 -4.38 4.60
N ASP D 165 0.73 -4.95 4.36
CA ASP D 165 1.85 -4.18 3.87
C ASP D 165 2.06 -4.46 2.43
N GLN D 166 1.14 -5.19 1.80
CA GLN D 166 1.30 -5.45 0.40
C GLN D 166 0.97 -4.19 -0.39
N GLU D 167 1.71 -3.96 -1.47
CA GLU D 167 1.30 -3.00 -2.48
C GLU D 167 0.34 -3.71 -3.43
N GLU D 168 -0.34 -2.96 -4.28
CA GLU D 168 -1.17 -3.56 -5.30
C GLU D 168 -1.06 -2.83 -6.65
N THR D 169 -1.34 -3.52 -7.75
CA THR D 169 -1.61 -2.89 -9.03
C THR D 169 -2.88 -3.37 -9.74
N THR D 170 -3.22 -4.63 -9.58
CA THR D 170 -4.32 -5.23 -10.31
C THR D 170 -5.69 -4.68 -10.03
N GLY D 171 -5.99 -4.46 -8.77
CA GLY D 171 -7.35 -4.17 -8.39
C GLY D 171 -7.64 -2.70 -8.50
N VAL D 172 -6.66 -1.95 -8.99
CA VAL D 172 -6.68 -0.50 -8.95
C VAL D 172 -6.80 0.24 -10.30
N VAL D 173 -7.87 1.02 -10.40
CA VAL D 173 -8.23 1.79 -11.58
C VAL D 173 -8.45 3.25 -11.16
N SER D 174 -7.56 4.15 -11.60
CA SER D 174 -7.63 5.56 -11.26
C SER D 174 -8.28 6.39 -12.37
N THR D 175 -9.06 7.41 -11.96
CA THR D 175 -9.66 8.38 -12.87
C THR D 175 -8.56 9.33 -13.29
N PRO D 176 -8.63 10.03 -14.45
CA PRO D 176 -7.59 11.04 -14.75
C PRO D 176 -7.65 12.21 -13.76
N LEU D 177 -6.65 13.12 -13.79
CA LEU D 177 -6.63 14.29 -12.90
C LEU D 177 -7.86 15.16 -13.23
N ILE D 178 -8.63 15.54 -12.18
CA ILE D 178 -9.86 16.32 -12.33
C ILE D 178 -9.57 17.78 -12.02
N ARG D 179 -9.94 18.67 -12.93
CA ARG D 179 -9.79 20.12 -12.78
C ARG D 179 -11.12 20.69 -12.27
N ASN D 180 -11.15 21.17 -11.01
CA ASN D 180 -12.37 21.73 -10.42
C ASN D 180 -12.68 23.14 -10.97
N GLY D 181 -11.65 23.83 -11.42
CA GLY D 181 -11.77 25.18 -11.99
C GLY D 181 -11.66 26.32 -10.99
N ASP D 182 -11.67 25.99 -9.67
CA ASP D 182 -11.54 26.98 -8.58
C ASP D 182 -10.13 26.91 -7.97
N TRP D 183 -9.14 26.55 -8.82
CA TRP D 183 -7.71 26.42 -8.52
C TRP D 183 -7.42 25.25 -7.59
N THR D 184 -8.23 24.20 -7.67
CA THR D 184 -8.02 22.95 -6.94
C THR D 184 -8.24 21.79 -7.89
N PHE D 185 -7.60 20.67 -7.57
CA PHE D 185 -7.72 19.42 -8.31
C PHE D 185 -8.21 18.32 -7.38
N GLN D 186 -8.72 17.24 -7.96
CA GLN D 186 -9.13 16.04 -7.24
C GLN D 186 -8.84 14.83 -8.12
N ILE D 187 -8.66 13.67 -7.50
CA ILE D 187 -8.42 12.42 -8.21
C ILE D 187 -9.14 11.32 -7.41
N LEU D 188 -9.78 10.37 -8.11
CA LEU D 188 -10.48 9.26 -7.45
C LEU D 188 -9.81 7.97 -7.88
N VAL D 189 -9.14 7.32 -6.93
CA VAL D 189 -8.40 6.08 -7.18
C VAL D 189 -9.19 4.90 -6.54
N MET D 190 -9.91 4.14 -7.39
CA MET D 190 -10.76 2.99 -7.04
C MET D 190 -9.95 1.70 -6.89
N LEU D 191 -10.31 0.87 -5.89
CA LEU D 191 -9.70 -0.44 -5.61
C LEU D 191 -10.80 -1.50 -5.35
N GLU D 192 -10.74 -2.63 -6.07
CA GLU D 192 -11.70 -3.74 -5.94
C GLU D 192 -11.18 -4.78 -4.96
N MET D 193 -12.10 -5.42 -4.20
CA MET D 193 -11.75 -6.44 -3.20
C MET D 193 -11.36 -7.76 -3.87
N ASP D 199 -7.87 -7.55 7.51
CA ASP D 199 -6.71 -6.85 6.98
C ASP D 199 -7.05 -5.40 6.75
N VAL D 200 -6.04 -4.54 6.82
CA VAL D 200 -6.29 -3.14 6.52
C VAL D 200 -5.91 -2.72 5.13
N TYR D 201 -6.67 -1.74 4.72
CA TYR D 201 -6.61 -1.14 3.43
C TYR D 201 -6.15 0.28 3.67
N THR D 202 -4.95 0.56 3.19
CA THR D 202 -4.34 1.88 3.32
C THR D 202 -4.16 2.58 1.97
N CYS D 203 -4.32 3.93 1.97
CA CYS D 203 -4.15 4.81 0.82
C CYS D 203 -2.97 5.77 1.09
N HIS D 204 -1.89 5.62 0.31
CA HIS D 204 -0.63 6.37 0.41
C HIS D 204 -0.59 7.53 -0.61
N VAL D 205 -0.73 8.78 -0.13
CA VAL D 205 -0.81 9.98 -0.98
C VAL D 205 0.37 10.94 -0.75
N GLU D 206 1.04 11.33 -1.85
CA GLU D 206 2.15 12.29 -1.88
C GLU D 206 1.80 13.50 -2.75
N HIS D 207 2.24 14.69 -2.30
CA HIS D 207 1.97 15.97 -2.96
C HIS D 207 3.05 17.00 -2.62
N PRO D 208 3.38 17.96 -3.51
CA PRO D 208 4.42 18.97 -3.18
C PRO D 208 4.19 19.77 -1.90
N SER D 209 2.93 19.92 -1.43
CA SER D 209 2.62 20.70 -0.23
C SER D 209 2.90 19.95 1.07
N LEU D 210 3.19 18.65 1.00
CA LEU D 210 3.40 17.82 2.18
C LEU D 210 4.87 17.45 2.39
N GLN D 211 5.29 17.38 3.67
CA GLN D 211 6.65 16.96 4.05
C GLN D 211 6.72 15.44 4.12
N ASN D 212 5.59 14.82 4.49
CA ASN D 212 5.44 13.38 4.62
C ASN D 212 4.14 12.93 3.94
N PRO D 213 4.10 11.69 3.39
CA PRO D 213 2.88 11.24 2.72
C PRO D 213 1.70 11.01 3.66
N ILE D 214 0.47 11.26 3.17
CA ILE D 214 -0.76 11.06 3.93
C ILE D 214 -1.16 9.59 3.79
N ILE D 215 -1.21 8.87 4.93
CA ILE D 215 -1.61 7.46 4.95
C ILE D 215 -2.95 7.38 5.70
N VAL D 216 -4.03 7.00 4.98
CA VAL D 216 -5.39 6.83 5.51
C VAL D 216 -5.75 5.34 5.36
N GLU D 217 -6.18 4.69 6.45
CA GLU D 217 -6.52 3.27 6.43
C GLU D 217 -8.03 3.00 6.65
N TRP D 218 -8.51 1.83 6.17
CA TRP D 218 -9.88 1.35 6.27
C TRP D 218 -9.87 -0.11 6.77
N ARG D 219 -10.50 -0.37 7.94
CA ARG D 219 -10.57 -1.68 8.58
C ARG D 219 -11.37 -2.70 7.76
N GLN E 4 5.19 57.53 -11.64
CA GLN E 4 6.22 58.57 -11.39
C GLN E 4 7.43 58.41 -12.32
N VAL E 5 7.82 59.53 -12.94
CA VAL E 5 8.93 59.63 -13.89
C VAL E 5 9.60 60.99 -13.62
N THR E 6 10.92 60.95 -13.36
CA THR E 6 11.76 62.10 -13.02
C THR E 6 12.86 62.33 -14.06
N GLN E 7 13.06 63.56 -14.46
CA GLN E 7 14.15 63.93 -15.33
C GLN E 7 15.16 64.86 -14.67
N SER E 8 16.42 64.60 -14.90
CA SER E 8 17.47 65.52 -14.49
C SER E 8 18.60 65.60 -15.50
N PRO E 9 19.33 66.80 -15.66
CA PRO E 9 18.90 67.95 -14.86
C PRO E 9 17.74 68.73 -15.42
N GLU E 10 17.11 69.59 -14.66
CA GLU E 10 16.02 70.40 -15.21
C GLU E 10 16.48 71.31 -16.34
N ALA E 11 17.66 71.92 -16.19
CA ALA E 11 18.29 72.70 -17.25
C ALA E 11 19.72 72.33 -17.44
N LEU E 12 20.22 72.49 -18.65
CA LEU E 12 21.61 72.13 -18.96
C LEU E 12 22.20 73.13 -19.94
N ARG E 13 23.38 73.56 -19.58
CA ARG E 13 24.13 74.43 -20.38
C ARG E 13 25.30 73.68 -20.86
N LEU E 14 25.50 73.70 -22.14
CA LEU E 14 26.66 73.06 -22.76
C LEU E 14 27.33 74.00 -23.75
N GLN E 15 28.57 73.66 -24.09
CA GLN E 15 29.37 74.35 -25.08
C GLN E 15 29.26 73.57 -26.39
N GLU E 16 29.43 74.23 -27.54
CA GLU E 16 29.38 73.50 -28.81
C GLU E 16 30.50 72.44 -28.79
N GLY E 17 30.09 71.17 -28.92
CA GLY E 17 30.99 70.02 -28.89
C GLY E 17 31.13 69.36 -27.54
N GLU E 18 30.56 69.96 -26.47
CA GLU E 18 30.64 69.43 -25.11
C GLU E 18 29.61 68.28 -24.92
N SER E 19 30.07 67.02 -25.06
CA SER E 19 29.23 65.83 -24.90
C SER E 19 28.67 65.72 -23.49
N SER E 20 27.43 65.24 -23.35
CA SER E 20 26.75 65.09 -22.05
C SER E 20 25.69 63.98 -22.09
N SER E 21 25.01 63.77 -20.95
CA SER E 21 23.96 62.76 -20.82
C SER E 21 22.81 63.28 -19.98
N LEU E 22 21.59 62.99 -20.44
CA LEU E 22 20.35 63.38 -19.75
C LEU E 22 19.78 62.15 -19.09
N ASN E 23 19.24 62.31 -17.88
CA ASN E 23 18.68 61.18 -17.15
C ASN E 23 17.16 61.20 -17.13
N CYS E 24 16.57 60.01 -17.06
CA CYS E 24 15.17 59.79 -16.88
C CYS E 24 14.97 58.54 -16.03
N SER E 25 14.58 58.75 -14.77
CA SER E 25 14.29 57.68 -13.83
C SER E 25 12.78 57.47 -13.73
N TYR E 26 12.38 56.21 -13.56
CA TYR E 26 10.99 55.82 -13.38
C TYR E 26 10.98 54.81 -12.24
N THR E 27 10.28 55.16 -11.16
CA THR E 27 10.20 54.43 -9.87
C THR E 27 9.30 53.17 -9.93
N VAL E 28 8.69 52.91 -11.07
CA VAL E 28 7.83 51.76 -11.18
C VAL E 28 8.42 50.61 -11.97
N SER E 29 7.91 49.42 -11.71
CA SER E 29 8.19 48.26 -12.50
C SER E 29 6.91 47.88 -13.30
N GLY E 30 7.03 47.61 -14.58
CA GLY E 30 5.87 47.43 -15.41
C GLY E 30 5.82 48.37 -16.58
N LEU E 31 6.94 48.53 -17.24
CA LEU E 31 7.03 49.35 -18.39
C LEU E 31 6.41 48.75 -19.65
N ARG E 32 5.81 49.60 -20.43
CA ARG E 32 5.28 49.21 -21.71
C ARG E 32 6.03 49.90 -22.81
N GLY E 33 6.73 50.94 -22.43
CA GLY E 33 7.58 51.71 -23.33
C GLY E 33 8.07 52.99 -22.72
N LEU E 34 9.31 53.35 -23.05
CA LEU E 34 9.94 54.60 -22.65
C LEU E 34 10.21 55.37 -23.94
N PHE E 35 9.81 56.65 -23.96
CA PHE E 35 9.86 57.49 -25.16
C PHE E 35 10.61 58.79 -24.92
N TRP E 36 11.52 59.13 -25.84
CA TRP E 36 12.26 60.38 -25.86
C TRP E 36 11.73 61.28 -26.97
N TYR E 37 11.60 62.56 -26.67
CA TYR E 37 11.13 63.62 -27.56
C TYR E 37 11.98 64.84 -27.40
N ARG E 38 12.06 65.69 -28.43
CA ARG E 38 12.72 67.00 -28.34
C ARG E 38 11.70 68.06 -28.72
N GLN E 39 11.62 69.11 -27.93
CA GLN E 39 10.63 70.16 -28.14
C GLN E 39 11.27 71.53 -28.20
N ASP E 40 11.06 72.21 -29.35
CA ASP E 40 11.45 73.59 -29.55
C ASP E 40 10.32 74.40 -28.91
N PRO E 41 10.54 75.09 -27.75
CA PRO E 41 9.42 75.75 -27.04
C PRO E 41 8.44 76.50 -27.97
N GLY E 42 7.16 76.17 -27.80
CA GLY E 42 6.07 76.69 -28.62
C GLY E 42 5.62 75.70 -29.67
N LYS E 43 6.55 74.83 -30.17
CA LYS E 43 6.28 73.79 -31.18
C LYS E 43 5.93 72.44 -30.52
N GLY E 44 5.37 71.53 -31.31
CA GLY E 44 4.99 70.21 -30.82
C GLY E 44 6.18 69.30 -30.57
N PRO E 45 6.12 68.41 -29.55
CA PRO E 45 7.24 67.47 -29.32
C PRO E 45 7.56 66.61 -30.56
N GLU E 46 8.83 66.58 -30.96
CA GLU E 46 9.35 65.80 -32.06
C GLU E 46 9.89 64.49 -31.49
N PHE E 47 9.34 63.35 -31.98
CA PHE E 47 9.71 62.00 -31.53
C PHE E 47 11.16 61.66 -31.88
N LEU E 48 11.86 61.00 -30.93
CA LEU E 48 13.25 60.59 -31.15
C LEU E 48 13.42 59.07 -31.09
N PHE E 49 13.11 58.43 -29.93
CA PHE E 49 13.33 56.99 -29.73
C PHE E 49 12.31 56.32 -28.84
N THR E 50 12.18 54.98 -29.02
CA THR E 50 11.35 54.10 -28.20
C THR E 50 12.22 52.95 -27.72
N LEU E 51 12.15 52.67 -26.42
CA LEU E 51 12.89 51.60 -25.76
C LEU E 51 11.92 50.82 -24.91
N TYR E 52 11.85 49.52 -25.07
CA TYR E 52 10.94 48.72 -24.32
C TYR E 52 11.58 47.91 -23.23
N SER E 53 12.85 47.60 -23.42
CA SER E 53 13.54 46.60 -22.67
C SER E 53 14.94 47.00 -22.14
N ALA E 54 15.25 46.56 -20.93
CA ALA E 54 16.53 46.86 -20.32
C ALA E 54 17.70 46.27 -21.09
N GLY E 55 18.77 47.04 -21.19
CA GLY E 55 19.90 46.70 -22.00
C GLY E 55 19.74 47.12 -23.44
N GLU E 56 18.64 47.75 -23.74
CA GLU E 56 18.41 48.27 -25.08
C GLU E 56 19.08 49.61 -25.31
N GLU E 57 19.39 49.87 -26.57
CA GLU E 57 19.93 51.15 -26.98
C GLU E 57 19.65 51.41 -28.46
N LYS E 58 19.21 52.65 -28.76
CA LYS E 58 18.92 53.15 -30.11
C LYS E 58 19.84 54.35 -30.38
N GLU E 59 20.32 54.48 -31.59
CA GLU E 59 21.19 55.58 -31.88
C GLU E 59 20.84 56.25 -33.16
N LYS E 60 20.73 57.55 -33.14
CA LYS E 60 20.52 58.29 -34.36
C LYS E 60 21.26 59.56 -34.28
N GLU E 61 22.21 59.75 -35.17
CA GLU E 61 23.06 60.91 -35.23
C GLU E 61 23.90 61.11 -33.97
N ARG E 62 23.75 62.28 -33.37
CA ARG E 62 24.43 62.67 -32.17
C ARG E 62 23.75 62.18 -30.95
N LEU E 63 22.64 61.48 -31.10
CA LEU E 63 21.90 60.99 -29.96
C LEU E 63 21.90 59.51 -29.75
N LYS E 64 22.00 59.10 -28.51
CA LYS E 64 21.98 57.72 -28.19
C LYS E 64 21.16 57.51 -26.96
N ALA E 65 20.15 56.72 -27.09
CA ALA E 65 19.32 56.42 -25.91
C ALA E 65 19.61 55.00 -25.40
N THR E 66 19.69 54.83 -24.08
CA THR E 66 19.91 53.54 -23.41
C THR E 66 18.82 53.30 -22.37
N LEU E 67 18.58 52.05 -21.97
CA LEU E 67 17.55 51.72 -21.00
C LEU E 67 17.99 50.65 -20.02
N THR E 68 17.71 50.86 -18.74
CA THR E 68 17.96 49.88 -17.67
C THR E 68 16.62 49.63 -16.98
N LYS E 69 16.62 48.78 -15.95
CA LYS E 69 15.46 48.41 -15.16
C LYS E 69 14.86 49.60 -14.38
N LYS E 70 15.64 50.67 -14.11
CA LYS E 70 15.15 51.82 -13.34
C LYS E 70 15.32 53.18 -14.05
N GLU E 71 16.19 53.27 -15.08
CA GLU E 71 16.41 54.56 -15.74
C GLU E 71 16.76 54.44 -17.23
N SER E 72 16.79 55.60 -17.90
CA SER E 72 17.15 55.76 -19.29
C SER E 72 18.00 57.00 -19.45
N PHE E 73 19.05 56.87 -20.26
CA PHE E 73 19.94 57.97 -20.53
C PHE E 73 19.87 58.39 -21.97
N LEU E 74 19.92 59.69 -22.22
CA LEU E 74 20.02 60.24 -23.56
C LEU E 74 21.38 60.89 -23.69
N HIS E 75 22.29 60.18 -24.38
CA HIS E 75 23.65 60.63 -24.61
C HIS E 75 23.71 61.51 -25.86
N ILE E 76 24.15 62.75 -25.68
CA ILE E 76 24.36 63.70 -26.77
C ILE E 76 25.87 63.91 -26.92
N THR E 77 26.44 63.38 -28.02
CA THR E 77 27.87 63.45 -28.31
C THR E 77 28.12 64.58 -29.31
N ALA E 78 29.12 65.44 -28.99
CA ALA E 78 29.54 66.64 -29.75
C ALA E 78 28.33 67.50 -30.20
N PRO E 79 27.52 68.05 -29.25
CA PRO E 79 26.34 68.83 -29.65
C PRO E 79 26.63 70.10 -30.43
N LYS E 80 25.61 70.54 -31.18
CA LYS E 80 25.61 71.75 -32.01
C LYS E 80 24.54 72.71 -31.49
N PRO E 81 24.57 74.03 -31.81
CA PRO E 81 23.54 74.94 -31.28
C PRO E 81 22.11 74.57 -31.70
N GLU E 82 21.94 73.84 -32.83
CA GLU E 82 20.65 73.38 -33.35
C GLU E 82 20.02 72.32 -32.42
N ASP E 83 20.83 71.73 -31.53
CA ASP E 83 20.40 70.71 -30.58
C ASP E 83 19.74 71.33 -29.36
N SER E 84 19.78 72.67 -29.24
CA SER E 84 19.12 73.41 -28.15
C SER E 84 17.62 73.20 -28.25
N ALA E 85 17.02 72.62 -27.20
CA ALA E 85 15.59 72.30 -27.08
C ALA E 85 15.29 71.73 -25.70
N THR E 86 14.00 71.46 -25.43
CA THR E 86 13.58 70.80 -24.19
C THR E 86 13.47 69.32 -24.54
N TYR E 87 14.17 68.47 -23.82
CA TYR E 87 14.18 67.04 -24.07
C TYR E 87 13.23 66.36 -23.09
N LEU E 88 12.20 65.69 -23.63
CA LEU E 88 11.17 65.07 -22.83
C LEU E 88 11.21 63.55 -22.84
N CYS E 89 11.03 63.01 -21.67
CA CYS E 89 10.95 61.59 -21.40
C CYS E 89 9.51 61.27 -21.02
N ALA E 90 8.99 60.20 -21.58
CA ALA E 90 7.62 59.74 -21.31
C ALA E 90 7.63 58.23 -21.18
N VAL E 91 6.75 57.71 -20.34
CA VAL E 91 6.66 56.28 -20.10
C VAL E 91 5.21 55.83 -20.21
N ALA E 92 4.99 54.66 -20.73
CA ALA E 92 3.75 53.97 -20.63
C ALA E 92 3.94 52.84 -19.63
N LEU E 93 2.97 52.66 -18.76
CA LEU E 93 3.05 51.75 -17.64
C LEU E 93 1.86 50.85 -17.41
N ASN E 94 2.14 49.65 -16.94
CA ASN E 94 1.14 48.73 -16.56
C ASN E 94 0.18 49.24 -15.47
N ASN E 95 0.65 50.11 -14.60
CA ASN E 95 -0.07 50.70 -13.47
C ASN E 95 -0.92 51.87 -13.89
N ASN E 96 -0.68 52.39 -15.10
CA ASN E 96 -1.44 53.50 -15.65
C ASN E 96 -2.82 53.00 -16.10
N ALA E 97 -3.86 53.86 -16.04
CA ALA E 97 -5.23 53.53 -16.45
C ALA E 97 -5.42 53.57 -18.00
N GLY E 98 -4.58 52.83 -18.70
CA GLY E 98 -4.62 52.80 -20.16
C GLY E 98 -3.29 53.13 -20.80
N ASN E 99 -3.34 53.42 -22.12
CA ASN E 99 -2.15 53.61 -22.93
C ASN E 99 -1.65 55.08 -23.04
N MET E 100 -1.99 55.94 -22.07
CA MET E 100 -1.47 57.30 -22.10
C MET E 100 0.00 57.35 -21.79
N LEU E 101 0.65 58.44 -22.16
CA LEU E 101 2.03 58.68 -21.75
C LEU E 101 2.04 59.48 -20.45
N THR E 102 3.08 59.28 -19.63
CA THR E 102 3.32 60.06 -18.43
C THR E 102 4.65 60.71 -18.68
N PHE E 103 4.62 62.04 -18.84
CA PHE E 103 5.85 62.78 -19.12
C PHE E 103 6.58 63.20 -17.88
N GLY E 104 7.91 63.28 -18.02
CA GLY E 104 8.81 63.85 -17.03
C GLY E 104 8.80 65.34 -17.32
N GLY E 105 9.37 66.13 -16.42
CA GLY E 105 9.42 67.56 -16.59
C GLY E 105 10.32 68.17 -17.62
N GLY E 106 11.10 67.39 -18.30
CA GLY E 106 12.01 67.91 -19.28
C GLY E 106 13.39 68.35 -18.82
N THR E 107 14.29 68.38 -19.76
CA THR E 107 15.56 68.97 -19.58
C THR E 107 15.65 70.08 -20.59
N ARG E 108 15.82 71.29 -20.12
CA ARG E 108 16.04 72.37 -21.02
C ARG E 108 17.51 72.39 -21.41
N LEU E 109 17.83 72.15 -22.64
CA LEU E 109 19.16 72.12 -22.97
C LEU E 109 19.54 73.29 -23.84
N MET E 110 20.60 73.97 -23.47
CA MET E 110 21.10 75.06 -24.25
C MET E 110 22.54 74.78 -24.66
N VAL E 111 22.87 74.88 -25.92
CA VAL E 111 24.22 74.68 -26.39
C VAL E 111 24.65 76.00 -26.97
N LYS E 112 25.55 76.68 -26.28
CA LYS E 112 26.03 77.99 -26.72
C LYS E 112 27.17 77.86 -27.75
N PRO E 113 27.05 78.57 -28.91
CA PRO E 113 28.05 78.42 -29.98
C PRO E 113 29.41 79.03 -29.64
N HIS E 114 30.46 78.63 -30.39
CA HIS E 114 31.79 79.15 -30.20
C HIS E 114 32.00 80.41 -31.04
N ILE E 115 32.35 81.53 -30.38
CA ILE E 115 32.64 82.78 -31.08
C ILE E 115 34.14 82.79 -31.34
N GLN E 116 34.52 82.48 -32.58
CA GLN E 116 35.92 82.35 -33.04
C GLN E 116 36.70 83.68 -32.94
N ASN E 117 36.07 84.79 -33.36
CA ASN E 117 36.71 86.10 -33.34
C ASN E 117 35.81 87.15 -32.63
N PRO E 118 35.85 87.23 -31.29
CA PRO E 118 35.00 88.21 -30.59
C PRO E 118 35.50 89.63 -30.77
N ASP E 119 34.57 90.52 -31.11
CA ASP E 119 34.80 91.95 -31.33
C ASP E 119 33.69 92.74 -30.59
N PRO E 120 33.61 92.68 -29.21
CA PRO E 120 32.51 93.39 -28.51
C PRO E 120 32.48 94.89 -28.80
N ALA E 121 31.29 95.39 -29.22
CA ALA E 121 31.08 96.79 -29.59
C ALA E 121 29.61 97.19 -29.51
N VAL E 122 29.36 98.43 -29.10
CA VAL E 122 28.01 98.98 -28.99
C VAL E 122 27.82 100.03 -30.09
N TYR E 123 26.80 99.80 -30.92
CA TYR E 123 26.47 100.68 -32.04
C TYR E 123 25.08 101.29 -31.90
N GLN E 124 24.90 102.51 -32.40
CA GLN E 124 23.60 103.15 -32.38
C GLN E 124 23.01 103.02 -33.78
N LEU E 125 21.78 102.52 -33.86
CA LEU E 125 21.14 102.35 -35.14
C LEU E 125 20.46 103.65 -35.55
N ARG E 126 20.20 103.81 -36.85
CA ARG E 126 19.53 105.00 -37.39
C ARG E 126 18.09 105.04 -36.87
N ASP E 127 17.71 106.14 -36.21
CA ASP E 127 16.39 106.31 -35.62
C ASP E 127 15.29 106.21 -36.68
N SER E 128 14.26 105.40 -36.40
CA SER E 128 13.12 105.22 -37.29
C SER E 128 12.26 106.49 -37.30
N LYS E 129 12.00 106.99 -38.51
CA LYS E 129 11.21 108.16 -38.87
C LYS E 129 9.78 108.12 -38.30
N SER E 130 9.22 106.90 -38.12
CA SER E 130 7.86 106.68 -37.63
C SER E 130 7.83 106.03 -36.22
N SER E 131 8.92 106.17 -35.42
CA SER E 131 8.97 105.57 -34.07
C SER E 131 9.31 106.57 -32.95
N ASP E 132 10.39 107.38 -33.12
CA ASP E 132 10.93 108.35 -32.14
C ASP E 132 11.70 107.62 -30.99
N LYS E 133 11.80 106.28 -31.05
CA LYS E 133 12.57 105.45 -30.12
C LYS E 133 14.00 105.33 -30.65
N SER E 134 15.00 105.35 -29.78
CA SER E 134 16.41 105.21 -30.19
C SER E 134 16.90 103.80 -29.85
N VAL E 135 17.56 103.11 -30.80
CA VAL E 135 18.02 101.73 -30.60
C VAL E 135 19.56 101.63 -30.56
N CYS E 136 20.07 100.92 -29.55
CA CYS E 136 21.46 100.58 -29.30
C CYS E 136 21.66 99.07 -29.42
N LEU E 137 22.73 98.66 -30.08
CA LEU E 137 23.05 97.26 -30.28
C LEU E 137 24.42 96.93 -29.73
N PHE E 138 24.47 96.01 -28.75
CA PHE E 138 25.70 95.44 -28.20
C PHE E 138 25.89 94.15 -28.98
N THR E 139 27.00 94.02 -29.73
CA THR E 139 27.15 92.84 -30.57
C THR E 139 28.59 92.34 -30.65
N ASP E 140 28.74 91.11 -31.19
CA ASP E 140 29.98 90.38 -31.48
C ASP E 140 30.79 90.03 -30.21
N PHE E 141 30.10 89.89 -29.07
CA PHE E 141 30.72 89.45 -27.82
C PHE E 141 30.74 87.92 -27.83
N ASP E 142 31.61 87.31 -26.97
CA ASP E 142 31.74 85.85 -26.89
C ASP E 142 30.58 85.25 -26.07
N SER E 143 30.45 83.90 -26.06
CA SER E 143 29.39 83.20 -25.33
C SER E 143 29.58 83.28 -23.79
N GLN E 144 30.81 83.63 -23.33
CA GLN E 144 31.13 83.79 -21.91
C GLN E 144 30.53 85.09 -21.34
N THR E 145 30.10 86.01 -22.24
CA THR E 145 29.49 87.31 -21.91
C THR E 145 27.98 87.25 -22.13
N ASN E 146 27.22 88.00 -21.30
CA ASN E 146 25.77 88.11 -21.33
C ASN E 146 25.30 89.52 -20.89
N VAL E 147 23.98 89.75 -20.87
CA VAL E 147 23.40 91.02 -20.46
C VAL E 147 22.35 90.81 -19.37
N SER E 148 22.38 91.68 -18.35
CA SER E 148 21.41 91.67 -17.25
C SER E 148 20.25 92.60 -17.62
N GLN E 149 19.15 92.58 -16.85
CA GLN E 149 18.00 93.44 -17.13
C GLN E 149 18.30 94.89 -16.73
N SER E 150 17.58 95.84 -17.36
CA SER E 150 17.73 97.29 -17.18
C SER E 150 17.44 97.76 -15.76
N LYS E 151 18.19 98.78 -15.31
CA LYS E 151 18.07 99.39 -13.99
C LYS E 151 17.37 100.76 -14.11
N ASP E 152 17.22 101.24 -15.36
CA ASP E 152 16.54 102.49 -15.69
C ASP E 152 15.07 102.19 -16.00
N SER E 153 14.17 103.11 -15.62
CA SER E 153 12.73 102.98 -15.84
C SER E 153 12.35 103.14 -17.31
N ASP E 154 13.02 104.07 -18.02
CA ASP E 154 12.79 104.41 -19.42
C ASP E 154 13.60 103.56 -20.43
N VAL E 155 14.64 102.83 -19.97
CA VAL E 155 15.50 102.02 -20.84
C VAL E 155 15.15 100.52 -20.75
N TYR E 156 15.08 99.84 -21.92
CA TYR E 156 14.79 98.42 -22.07
C TYR E 156 15.98 97.70 -22.67
N ILE E 157 16.31 96.51 -22.15
CA ILE E 157 17.40 95.66 -22.64
C ILE E 157 16.83 94.26 -22.85
N THR E 158 17.09 93.68 -24.04
CA THR E 158 16.65 92.33 -24.42
C THR E 158 17.63 91.30 -23.91
N ASP E 159 17.32 90.02 -24.12
CA ASP E 159 18.23 88.93 -23.79
C ASP E 159 19.31 88.83 -24.89
N LYS E 160 20.40 88.05 -24.63
CA LYS E 160 21.41 87.79 -25.64
C LYS E 160 20.78 86.85 -26.68
N CYS E 161 21.11 87.06 -27.95
CA CYS E 161 20.51 86.29 -29.05
C CYS E 161 21.58 86.01 -30.12
N VAL E 162 21.70 84.75 -30.59
CA VAL E 162 22.75 84.45 -31.57
C VAL E 162 22.16 84.21 -32.96
N LEU E 163 22.73 84.91 -33.97
CA LEU E 163 22.33 84.74 -35.36
C LEU E 163 23.47 84.02 -36.10
N ASP E 164 23.12 83.37 -37.21
CA ASP E 164 24.08 82.63 -38.02
C ASP E 164 23.91 83.03 -39.49
N MET E 165 24.95 83.62 -40.07
CA MET E 165 24.97 83.99 -41.47
C MET E 165 25.45 82.76 -42.22
N ARG E 166 24.49 81.97 -42.75
CA ARG E 166 24.70 80.68 -43.44
C ARG E 166 25.73 80.77 -44.58
N SER E 167 25.57 81.76 -45.48
CA SER E 167 26.43 81.98 -46.65
C SER E 167 27.88 82.30 -46.27
N MET E 168 28.10 83.03 -45.16
CA MET E 168 29.44 83.40 -44.71
C MET E 168 29.99 82.44 -43.64
N ASP E 169 29.14 81.51 -43.13
CA ASP E 169 29.46 80.54 -42.05
C ASP E 169 30.05 81.33 -40.86
N PHE E 170 29.24 82.29 -40.34
CA PHE E 170 29.57 83.23 -39.27
C PHE E 170 28.44 83.28 -38.23
N LYS E 171 28.81 83.29 -36.95
CA LYS E 171 27.88 83.36 -35.82
C LYS E 171 28.16 84.57 -34.96
N SER E 172 27.11 85.27 -34.47
CA SER E 172 27.29 86.45 -33.63
C SER E 172 26.16 86.63 -32.61
N ASN E 173 26.55 86.94 -31.36
CA ASN E 173 25.66 87.25 -30.23
C ASN E 173 25.28 88.73 -30.24
N SER E 174 24.02 89.04 -29.91
CA SER E 174 23.57 90.44 -29.87
C SER E 174 22.49 90.66 -28.80
N ALA E 175 22.49 91.89 -28.26
CA ALA E 175 21.54 92.41 -27.29
C ALA E 175 21.08 93.79 -27.75
N VAL E 176 19.77 94.06 -27.64
CA VAL E 176 19.19 95.35 -28.05
C VAL E 176 18.74 96.16 -26.82
N ALA E 177 19.06 97.46 -26.82
CA ALA E 177 18.64 98.45 -25.82
C ALA E 177 17.88 99.58 -26.51
N TRP E 178 16.76 100.02 -25.92
CA TRP E 178 16.00 101.15 -26.46
C TRP E 178 15.32 101.98 -25.35
N SER E 179 14.96 103.24 -25.71
CA SER E 179 14.31 104.23 -24.84
C SER E 179 13.62 105.31 -25.67
N ASN E 180 12.63 106.00 -25.07
CA ASN E 180 11.89 107.12 -25.67
C ASN E 180 12.57 108.46 -25.33
N LYS E 181 13.61 108.42 -24.46
CA LYS E 181 14.38 109.59 -24.01
C LYS E 181 15.19 110.21 -25.17
N SER E 182 15.23 111.56 -25.22
CA SER E 182 15.96 112.33 -26.22
C SER E 182 17.46 112.33 -25.89
N ASP E 183 17.76 112.36 -24.57
CA ASP E 183 19.09 112.35 -23.97
C ASP E 183 19.65 110.91 -23.85
N PHE E 184 18.98 109.92 -24.48
CA PHE E 184 19.36 108.51 -24.44
C PHE E 184 20.60 108.24 -25.31
N ALA E 185 21.65 107.75 -24.64
CA ALA E 185 22.93 107.39 -25.25
C ALA E 185 23.18 105.89 -25.10
N CYS E 186 24.04 105.32 -25.95
CA CYS E 186 24.38 103.91 -25.89
C CYS E 186 25.35 103.63 -24.75
N ALA E 187 26.07 104.67 -24.28
CA ALA E 187 27.01 104.59 -23.16
C ALA E 187 26.27 104.27 -21.85
N ASN E 188 25.23 105.07 -21.50
CA ASN E 188 24.43 104.88 -20.29
C ASN E 188 23.39 103.75 -20.44
N ALA E 189 23.27 103.17 -21.66
CA ALA E 189 22.34 102.07 -21.94
C ALA E 189 22.86 100.75 -21.36
N PHE E 190 24.14 100.41 -21.64
CA PHE E 190 24.75 99.17 -21.15
C PHE E 190 25.82 99.45 -20.06
N ASN E 191 25.70 100.60 -19.36
CA ASN E 191 26.67 101.00 -18.33
C ASN E 191 26.63 100.04 -17.11
N ASN E 192 25.42 99.57 -16.72
CA ASN E 192 25.25 98.64 -15.61
C ASN E 192 24.39 97.43 -16.05
N SER E 193 24.62 96.96 -17.29
CA SER E 193 23.84 95.85 -17.85
C SER E 193 24.70 94.75 -18.51
N ILE E 194 26.04 94.87 -18.50
CA ILE E 194 26.89 93.81 -19.08
C ILE E 194 27.39 92.94 -17.91
N ILE E 195 27.09 91.62 -17.97
CA ILE E 195 27.45 90.67 -16.90
C ILE E 195 28.16 89.42 -17.48
N PRO E 196 29.18 88.86 -16.79
CA PRO E 196 29.84 87.65 -17.31
C PRO E 196 29.07 86.38 -16.89
N GLY F 2 1.96 65.11 -41.39
CA GLY F 2 1.82 64.75 -39.99
C GLY F 2 0.50 65.18 -39.37
N VAL F 3 0.47 65.28 -38.04
CA VAL F 3 -0.72 65.71 -37.30
C VAL F 3 -0.90 67.22 -37.52
N THR F 4 -2.14 67.65 -37.80
CA THR F 4 -2.47 69.07 -37.99
C THR F 4 -3.44 69.47 -36.89
N GLN F 5 -3.38 70.74 -36.47
CA GLN F 5 -4.22 71.28 -35.40
C GLN F 5 -4.67 72.67 -35.74
N THR F 6 -5.98 72.95 -35.51
CA THR F 6 -6.57 74.25 -35.75
C THR F 6 -7.42 74.70 -34.55
N PRO F 7 -7.41 76.01 -34.20
CA PRO F 7 -6.56 77.09 -34.75
C PRO F 7 -5.17 77.00 -34.14
N LYS F 8 -4.20 77.75 -34.66
CA LYS F 8 -2.85 77.80 -34.09
C LYS F 8 -2.88 78.50 -32.74
N HIS F 9 -3.67 79.56 -32.66
CA HIS F 9 -3.82 80.42 -31.50
C HIS F 9 -5.28 80.72 -31.24
N LEU F 10 -5.60 80.99 -29.97
CA LEU F 10 -6.95 81.28 -29.51
C LEU F 10 -6.86 82.16 -28.28
N ILE F 11 -7.41 83.38 -28.38
CA ILE F 11 -7.42 84.35 -27.28
C ILE F 11 -8.88 84.54 -26.96
N THR F 12 -9.29 84.18 -25.75
CA THR F 12 -10.69 84.26 -25.37
C THR F 12 -10.86 84.81 -23.95
N ALA F 13 -12.13 85.08 -23.58
CA ALA F 13 -12.56 85.60 -22.30
C ALA F 13 -12.95 84.48 -21.33
N THR F 14 -12.87 84.73 -20.01
CA THR F 14 -13.30 83.76 -19.00
C THR F 14 -14.81 83.48 -19.14
N GLY F 15 -15.22 82.24 -18.92
CA GLY F 15 -16.61 81.81 -19.02
C GLY F 15 -17.03 81.38 -20.42
N GLN F 16 -16.16 81.62 -21.43
CA GLN F 16 -16.44 81.25 -22.81
C GLN F 16 -16.17 79.76 -23.06
N ARG F 17 -16.59 79.23 -24.20
CA ARG F 17 -16.39 77.82 -24.61
C ARG F 17 -15.56 77.76 -25.87
N VAL F 18 -14.65 76.83 -26.00
CA VAL F 18 -13.81 76.72 -27.20
C VAL F 18 -13.70 75.32 -27.69
N THR F 19 -13.45 75.19 -28.97
CA THR F 19 -13.26 73.90 -29.61
C THR F 19 -11.94 73.90 -30.31
N LEU F 20 -11.17 72.86 -30.09
CA LEU F 20 -9.86 72.69 -30.71
C LEU F 20 -9.96 71.51 -31.63
N ARG F 21 -9.46 71.64 -32.83
CA ARG F 21 -9.57 70.54 -33.77
C ARG F 21 -8.23 69.91 -34.04
N CYS F 22 -8.24 68.63 -34.33
CA CYS F 22 -7.04 67.90 -34.62
C CYS F 22 -7.26 66.94 -35.75
N SER F 23 -6.42 67.00 -36.78
CA SER F 23 -6.44 66.00 -37.84
C SER F 23 -5.20 65.10 -37.67
N PRO F 24 -5.39 63.84 -37.22
CA PRO F 24 -4.24 62.92 -37.05
C PRO F 24 -3.48 62.59 -38.35
N ARG F 25 -2.35 61.85 -38.23
CA ARG F 25 -1.58 61.38 -39.39
C ARG F 25 -2.47 60.48 -40.24
N SER F 26 -2.32 60.51 -41.58
CA SER F 26 -3.10 59.60 -42.43
C SER F 26 -2.78 58.16 -42.02
N GLY F 27 -3.82 57.37 -41.77
CA GLY F 27 -3.68 55.98 -41.35
C GLY F 27 -3.69 55.76 -39.84
N ASP F 28 -3.58 56.83 -39.03
CA ASP F 28 -3.61 56.76 -37.56
C ASP F 28 -5.06 56.78 -37.10
N LEU F 29 -5.42 55.81 -36.25
CA LEU F 29 -6.79 55.59 -35.77
C LEU F 29 -6.99 56.06 -34.33
N SER F 30 -5.88 56.11 -33.55
CA SER F 30 -5.91 56.54 -32.16
C SER F 30 -5.45 57.99 -32.05
N VAL F 31 -6.20 58.79 -31.28
CA VAL F 31 -5.93 60.20 -31.08
C VAL F 31 -5.83 60.49 -29.56
N TYR F 32 -4.90 61.37 -29.18
CA TYR F 32 -4.61 61.74 -27.78
C TYR F 32 -4.54 63.24 -27.63
N TRP F 33 -5.02 63.72 -26.49
CA TRP F 33 -4.96 65.14 -26.15
C TRP F 33 -4.13 65.30 -24.91
N TYR F 34 -3.21 66.28 -24.96
CA TYR F 34 -2.29 66.62 -23.88
C TYR F 34 -2.30 68.11 -23.62
N GLN F 35 -2.18 68.50 -22.35
CA GLN F 35 -2.11 69.89 -21.93
C GLN F 35 -0.73 70.21 -21.38
N GLN F 36 -0.08 71.21 -21.96
CA GLN F 36 1.21 71.71 -21.50
C GLN F 36 1.02 73.08 -20.87
N SER F 37 1.20 73.13 -19.58
CA SER F 37 1.11 74.31 -18.77
C SER F 37 2.45 74.66 -18.12
N LEU F 38 2.58 75.89 -17.66
CA LEU F 38 3.67 76.29 -16.79
C LEU F 38 3.62 75.61 -15.42
N ASP F 39 2.45 75.54 -14.84
CA ASP F 39 2.32 74.91 -13.55
C ASP F 39 2.58 73.45 -13.48
N GLN F 40 2.21 72.70 -14.50
CA GLN F 40 2.33 71.25 -14.48
C GLN F 40 3.09 70.55 -15.57
N GLY F 41 3.47 71.25 -16.60
CA GLY F 41 4.09 70.63 -17.77
C GLY F 41 3.08 69.81 -18.56
N LEU F 42 3.55 68.77 -19.29
CA LEU F 42 2.67 67.91 -20.11
C LEU F 42 1.84 66.93 -19.30
N GLN F 43 0.51 67.04 -19.43
CA GLN F 43 -0.47 66.23 -18.73
C GLN F 43 -1.44 65.67 -19.71
N PHE F 44 -1.71 64.37 -19.56
CA PHE F 44 -2.65 63.64 -20.39
C PHE F 44 -4.10 64.06 -20.09
N LEU F 45 -4.90 64.23 -21.15
CA LEU F 45 -6.31 64.59 -21.01
C LEU F 45 -7.23 63.40 -21.35
N ILE F 46 -7.22 62.97 -22.58
CA ILE F 46 -8.09 61.93 -23.06
C ILE F 46 -7.56 61.27 -24.35
N GLN F 47 -7.84 60.00 -24.51
CA GLN F 47 -7.60 59.23 -25.73
C GLN F 47 -8.90 58.75 -26.42
N TYR F 48 -9.01 58.90 -27.73
CA TYR F 48 -10.01 58.24 -28.55
C TYR F 48 -9.48 57.23 -29.60
N TYR F 49 -10.17 56.10 -29.75
CA TYR F 49 -9.95 55.11 -30.80
C TYR F 49 -11.20 54.71 -31.51
N ASN F 50 -11.23 54.89 -32.82
CA ASN F 50 -12.33 54.56 -33.72
C ASN F 50 -13.70 55.19 -33.29
N GLY F 51 -13.66 56.43 -32.84
CA GLY F 51 -14.77 57.18 -32.36
C GLY F 51 -15.26 57.01 -30.94
N GLU F 52 -14.62 56.18 -30.18
CA GLU F 52 -14.99 55.87 -28.84
C GLU F 52 -13.87 56.06 -27.83
N GLU F 53 -14.22 56.53 -26.64
CA GLU F 53 -13.30 56.84 -25.57
C GLU F 53 -12.55 55.67 -24.91
N ARG F 54 -11.25 55.83 -24.80
CA ARG F 54 -10.37 54.86 -24.19
C ARG F 54 -9.80 55.32 -22.86
N ALA F 55 -8.53 55.63 -22.84
CA ALA F 55 -7.88 56.10 -21.67
C ALA F 55 -8.29 57.56 -21.45
N LYS F 56 -8.36 57.94 -20.20
CA LYS F 56 -8.73 59.25 -19.70
C LYS F 56 -7.87 59.69 -18.53
N GLY F 57 -7.42 60.93 -18.57
CA GLY F 57 -6.63 61.54 -17.52
C GLY F 57 -7.41 62.15 -16.38
N ASN F 58 -6.76 62.96 -15.57
CA ASN F 58 -7.39 63.67 -14.45
C ASN F 58 -8.03 64.94 -15.04
N ILE F 59 -9.00 64.73 -15.94
CA ILE F 59 -9.68 65.74 -16.74
C ILE F 59 -10.95 66.24 -16.03
N LEU F 60 -11.20 67.54 -16.17
CA LEU F 60 -12.36 68.24 -15.62
C LEU F 60 -13.61 67.85 -16.39
N GLU F 61 -14.79 67.94 -15.74
CA GLU F 61 -16.08 67.61 -16.37
C GLU F 61 -16.41 68.64 -17.48
N ARG F 62 -15.91 69.89 -17.33
CA ARG F 62 -16.13 70.97 -18.28
C ARG F 62 -15.21 70.84 -19.52
N PHE F 63 -14.34 69.81 -19.54
CA PHE F 63 -13.43 69.46 -20.62
C PHE F 63 -13.92 68.17 -21.27
N SER F 64 -14.33 68.22 -22.54
CA SER F 64 -14.83 67.02 -23.22
C SER F 64 -14.26 66.89 -24.63
N ALA F 65 -14.30 65.69 -25.19
CA ALA F 65 -13.78 65.48 -26.54
C ALA F 65 -14.62 64.50 -27.35
N GLN F 66 -14.35 64.46 -28.66
CA GLN F 66 -14.98 63.61 -29.65
C GLN F 66 -13.99 63.22 -30.70
N GLN F 67 -14.17 62.04 -31.30
CA GLN F 67 -13.43 61.59 -32.47
C GLN F 67 -14.44 61.23 -33.53
N PHE F 68 -14.39 61.94 -34.65
CA PHE F 68 -15.30 61.74 -35.78
C PHE F 68 -14.94 60.49 -36.59
N PRO F 69 -15.87 59.96 -37.44
CA PRO F 69 -15.54 58.77 -38.27
C PRO F 69 -14.36 58.95 -39.23
N ASP F 70 -14.04 60.20 -39.67
CA ASP F 70 -12.90 60.50 -40.54
C ASP F 70 -11.61 60.59 -39.69
N LEU F 71 -11.75 60.27 -38.38
CA LEU F 71 -10.73 60.14 -37.34
C LEU F 71 -10.20 61.48 -36.81
N HIS F 72 -10.74 62.61 -37.32
CA HIS F 72 -10.38 63.92 -36.80
C HIS F 72 -11.00 64.03 -35.39
N SER F 73 -10.35 64.78 -34.51
CA SER F 73 -10.83 64.91 -33.15
C SER F 73 -11.10 66.35 -32.81
N GLU F 74 -12.06 66.57 -31.90
CA GLU F 74 -12.44 67.86 -31.37
C GLU F 74 -12.26 67.87 -29.83
N LEU F 75 -11.60 68.91 -29.29
CA LEU F 75 -11.45 69.10 -27.84
C LEU F 75 -12.26 70.33 -27.47
N ASN F 76 -13.32 70.11 -26.72
CA ASN F 76 -14.24 71.15 -26.31
C ASN F 76 -13.97 71.56 -24.85
N LEU F 77 -13.59 72.84 -24.66
CA LEU F 77 -13.27 73.43 -23.35
C LEU F 77 -14.27 74.53 -23.02
N SER F 78 -15.09 74.31 -21.99
CA SER F 78 -16.10 75.29 -21.61
C SER F 78 -15.80 75.90 -20.22
N SER F 79 -16.57 76.97 -19.87
CA SER F 79 -16.50 77.74 -18.61
C SER F 79 -15.03 78.04 -18.28
N LEU F 80 -14.35 78.62 -19.28
CA LEU F 80 -12.92 78.87 -19.24
C LEU F 80 -12.51 79.76 -18.08
N GLU F 81 -11.38 79.38 -17.48
CA GLU F 81 -10.72 80.04 -16.36
C GLU F 81 -9.32 80.42 -16.80
N LEU F 82 -8.69 81.38 -16.10
CA LEU F 82 -7.34 81.87 -16.39
C LEU F 82 -6.34 80.72 -16.39
N GLY F 83 -6.54 79.75 -15.50
CA GLY F 83 -5.72 78.55 -15.35
C GLY F 83 -5.72 77.60 -16.54
N ASP F 84 -6.68 77.79 -17.48
CA ASP F 84 -6.80 76.99 -18.71
C ASP F 84 -5.82 77.49 -19.77
N SER F 85 -5.21 78.69 -19.58
CA SER F 85 -4.19 79.24 -20.49
C SER F 85 -3.04 78.26 -20.55
N ALA F 86 -2.89 77.60 -21.69
CA ALA F 86 -1.87 76.56 -21.88
C ALA F 86 -1.74 76.23 -23.34
N LEU F 87 -0.88 75.26 -23.63
CA LEU F 87 -0.69 74.66 -24.94
C LEU F 87 -1.47 73.34 -24.96
N TYR F 88 -2.20 73.09 -26.05
CA TYR F 88 -2.96 71.84 -26.17
C TYR F 88 -2.47 71.09 -27.35
N PHE F 89 -1.83 69.96 -27.10
CA PHE F 89 -1.29 69.16 -28.17
C PHE F 89 -2.14 67.95 -28.43
N CYS F 90 -2.25 67.65 -29.69
CA CYS F 90 -2.87 66.45 -30.16
C CYS F 90 -1.77 65.52 -30.60
N ALA F 91 -1.88 64.24 -30.25
CA ALA F 91 -0.96 63.20 -30.68
C ALA F 91 -1.74 62.08 -31.36
N SER F 92 -1.12 61.39 -32.31
CA SER F 92 -1.82 60.27 -32.92
C SER F 92 -0.88 59.10 -33.12
N SER F 93 -1.44 57.89 -33.04
CA SER F 93 -0.74 56.63 -33.24
C SER F 93 -1.56 55.73 -34.17
N VAL F 94 -0.91 54.79 -34.86
CA VAL F 94 -1.54 53.84 -35.78
C VAL F 94 -2.64 53.02 -35.05
N ALA F 95 -2.27 52.36 -33.94
CA ALA F 95 -3.13 51.53 -33.09
C ALA F 95 -3.21 52.13 -31.66
N PRO F 96 -4.19 51.76 -30.80
CA PRO F 96 -4.33 52.47 -29.50
C PRO F 96 -3.56 51.86 -28.31
N GLY F 97 -2.48 51.13 -28.59
CA GLY F 97 -1.65 50.52 -27.56
C GLY F 97 -0.41 51.33 -27.23
N SER F 98 0.75 50.66 -27.24
CA SER F 98 2.05 51.27 -26.94
C SER F 98 2.65 51.92 -28.17
N ASP F 99 1.87 52.04 -29.25
CA ASP F 99 2.31 52.66 -30.50
C ASP F 99 2.80 54.06 -30.25
N THR F 100 3.84 54.44 -30.98
CA THR F 100 4.44 55.76 -30.89
C THR F 100 3.41 56.81 -31.22
N GLN F 101 3.24 57.75 -30.29
CA GLN F 101 2.34 58.88 -30.44
C GLN F 101 3.09 60.06 -31.06
N TYR F 102 2.62 60.50 -32.23
CA TYR F 102 3.24 61.61 -32.98
C TYR F 102 2.45 62.87 -32.71
N PHE F 103 3.12 63.94 -32.28
CA PHE F 103 2.45 65.17 -31.88
C PHE F 103 2.23 66.18 -33.01
N GLY F 104 1.14 66.94 -32.85
CA GLY F 104 0.76 68.05 -33.73
C GLY F 104 1.46 69.33 -33.30
N PRO F 105 1.25 70.46 -34.03
CA PRO F 105 1.98 71.68 -33.69
C PRO F 105 1.43 72.43 -32.47
N GLY F 106 0.27 72.00 -31.97
CA GLY F 106 -0.37 72.58 -30.80
C GLY F 106 -1.25 73.80 -31.03
N THR F 107 -2.16 74.05 -30.08
CA THR F 107 -3.01 75.23 -30.03
C THR F 107 -2.65 75.94 -28.76
N ARG F 108 -2.22 77.20 -28.89
CA ARG F 108 -1.92 77.99 -27.72
C ARG F 108 -3.17 78.79 -27.31
N LEU F 109 -3.67 78.50 -26.11
CA LEU F 109 -4.84 79.15 -25.56
C LEU F 109 -4.49 80.22 -24.52
N THR F 110 -5.06 81.42 -24.69
CA THR F 110 -4.94 82.48 -23.69
C THR F 110 -6.34 82.87 -23.28
N VAL F 111 -6.60 82.70 -21.99
CA VAL F 111 -7.85 83.05 -21.33
C VAL F 111 -7.61 84.36 -20.59
N LEU F 112 -8.42 85.37 -20.87
CA LEU F 112 -8.33 86.67 -20.22
C LEU F 112 -9.63 87.01 -19.51
N GLU F 113 -9.58 87.92 -18.54
CA GLU F 113 -10.79 88.31 -17.85
C GLU F 113 -11.55 89.37 -18.68
N ASP F 114 -10.80 90.23 -19.40
CA ASP F 114 -11.39 91.23 -20.29
C ASP F 114 -10.49 91.41 -21.53
N LEU F 115 -11.11 91.37 -22.71
CA LEU F 115 -10.44 91.53 -24.00
C LEU F 115 -10.08 93.00 -24.30
N LYS F 116 -10.50 93.96 -23.42
CA LYS F 116 -10.22 95.39 -23.54
C LYS F 116 -8.71 95.70 -23.39
N ASN F 117 -7.91 94.71 -22.95
CA ASN F 117 -6.46 94.80 -22.77
C ASN F 117 -5.69 94.24 -23.99
N VAL F 118 -6.42 93.72 -25.01
CA VAL F 118 -5.83 93.12 -26.22
C VAL F 118 -5.51 94.25 -27.21
N PHE F 119 -4.23 94.35 -27.61
CA PHE F 119 -3.75 95.37 -28.55
C PHE F 119 -2.84 94.77 -29.62
N PRO F 120 -2.94 95.23 -30.90
CA PRO F 120 -2.00 94.73 -31.91
C PRO F 120 -0.62 95.42 -31.75
N PRO F 121 0.45 94.91 -32.38
CA PRO F 121 1.74 95.58 -32.24
C PRO F 121 1.96 96.75 -33.19
N GLU F 122 2.84 97.66 -32.77
CA GLU F 122 3.39 98.73 -33.59
C GLU F 122 4.76 98.19 -34.01
N VAL F 123 5.08 98.24 -35.31
CA VAL F 123 6.33 97.69 -35.85
C VAL F 123 7.19 98.81 -36.44
N ALA F 124 8.48 98.82 -36.09
CA ALA F 124 9.46 99.79 -36.58
C ALA F 124 10.75 99.09 -36.99
N VAL F 125 11.38 99.60 -38.04
CA VAL F 125 12.65 99.08 -38.55
C VAL F 125 13.74 100.16 -38.30
N PHE F 126 14.88 99.71 -37.76
CA PHE F 126 16.01 100.57 -37.45
C PHE F 126 17.15 100.20 -38.38
N GLU F 127 17.60 101.18 -39.17
CA GLU F 127 18.62 100.99 -40.18
C GLU F 127 20.00 100.79 -39.52
N PRO F 128 20.90 100.02 -40.17
CA PRO F 128 22.21 99.73 -39.56
C PRO F 128 23.09 100.94 -39.29
N SER F 129 24.00 100.77 -38.32
CA SER F 129 25.01 101.74 -37.91
C SER F 129 26.08 101.84 -38.99
N GLU F 130 26.51 103.07 -39.30
CA GLU F 130 27.59 103.27 -40.27
C GLU F 130 28.93 102.89 -39.65
N ALA F 131 29.03 102.99 -38.31
CA ALA F 131 30.19 102.62 -37.50
C ALA F 131 30.43 101.10 -37.56
N GLU F 132 29.34 100.31 -37.63
CA GLU F 132 29.36 98.86 -37.72
C GLU F 132 29.79 98.42 -39.12
N ILE F 133 29.23 99.07 -40.17
CA ILE F 133 29.52 98.82 -41.59
C ILE F 133 31.01 99.04 -41.87
N SER F 134 31.58 100.15 -41.36
CA SER F 134 33.00 100.45 -41.56
C SER F 134 33.93 99.46 -40.84
N HIS F 135 33.58 99.08 -39.60
CA HIS F 135 34.40 98.21 -38.76
C HIS F 135 34.28 96.72 -39.11
N THR F 136 33.08 96.19 -39.38
CA THR F 136 32.90 94.75 -39.61
C THR F 136 32.49 94.36 -41.05
N GLN F 137 32.13 95.35 -41.90
CA GLN F 137 31.64 95.17 -43.29
C GLN F 137 30.35 94.29 -43.31
N LYS F 138 29.64 94.29 -42.17
CA LYS F 138 28.36 93.62 -41.95
C LYS F 138 27.38 94.67 -41.47
N ALA F 139 26.09 94.52 -41.81
CA ALA F 139 25.09 95.51 -41.46
C ALA F 139 23.90 94.85 -40.76
N THR F 140 23.64 95.30 -39.53
CA THR F 140 22.56 94.75 -38.71
C THR F 140 21.35 95.68 -38.66
N LEU F 141 20.24 95.19 -39.21
CA LEU F 141 18.93 95.83 -39.17
C LEU F 141 18.24 95.35 -37.90
N VAL F 142 17.51 96.22 -37.21
CA VAL F 142 16.79 95.82 -35.99
C VAL F 142 15.30 96.13 -36.14
N CYS F 143 14.47 95.15 -35.83
CA CYS F 143 13.04 95.31 -35.86
C CYS F 143 12.51 95.31 -34.42
N LEU F 144 11.65 96.28 -34.11
CA LEU F 144 11.07 96.43 -32.80
C LEU F 144 9.55 96.39 -32.90
N ALA F 145 8.95 95.32 -32.33
CA ALA F 145 7.49 95.14 -32.24
C ALA F 145 7.10 95.54 -30.81
N THR F 146 6.24 96.57 -30.67
CA THR F 146 5.88 97.11 -29.35
C THR F 146 4.38 97.29 -29.16
N GLY F 147 3.98 97.44 -27.90
CA GLY F 147 2.62 97.75 -27.46
C GLY F 147 1.57 96.71 -27.73
N PHE F 148 1.97 95.45 -27.84
CA PHE F 148 1.00 94.38 -28.11
C PHE F 148 0.70 93.55 -26.88
N PHE F 149 -0.53 93.07 -26.79
CA PHE F 149 -0.98 92.19 -25.73
C PHE F 149 -2.14 91.32 -26.25
N PRO F 150 -2.18 89.98 -26.03
CA PRO F 150 -1.18 89.11 -25.37
C PRO F 150 0.00 88.85 -26.32
N ASP F 151 0.96 88.01 -25.90
CA ASP F 151 2.20 87.74 -26.64
C ASP F 151 2.08 86.65 -27.76
N HIS F 152 0.96 86.63 -28.51
CA HIS F 152 0.77 85.69 -29.63
C HIS F 152 1.26 86.36 -30.91
N VAL F 153 2.58 86.35 -31.12
CA VAL F 153 3.22 86.99 -32.26
C VAL F 153 4.24 86.05 -32.94
N GLU F 154 4.36 86.22 -34.26
CA GLU F 154 5.27 85.53 -35.15
C GLU F 154 6.02 86.59 -35.94
N LEU F 155 7.32 86.71 -35.67
CA LEU F 155 8.17 87.69 -36.32
C LEU F 155 9.04 87.03 -37.41
N SER F 156 8.98 87.58 -38.64
CA SER F 156 9.74 87.11 -39.79
C SER F 156 10.28 88.26 -40.65
N TRP F 157 11.48 88.06 -41.25
CA TRP F 157 12.12 89.02 -42.14
C TRP F 157 11.87 88.62 -43.60
N TRP F 158 11.54 89.61 -44.45
CA TRP F 158 11.25 89.40 -45.86
C TRP F 158 12.14 90.31 -46.69
N VAL F 159 13.06 89.71 -47.46
CA VAL F 159 14.00 90.46 -48.29
C VAL F 159 13.66 90.23 -49.76
N ASN F 160 13.34 91.32 -50.47
CA ASN F 160 12.96 91.39 -51.89
C ASN F 160 11.74 90.47 -52.20
N GLY F 161 10.81 90.39 -51.23
CA GLY F 161 9.58 89.61 -51.33
C GLY F 161 9.66 88.16 -50.88
N LYS F 162 10.84 87.70 -50.44
CA LYS F 162 11.05 86.31 -49.98
C LYS F 162 11.45 86.26 -48.49
N GLU F 163 10.82 85.35 -47.72
CA GLU F 163 11.13 85.18 -46.29
C GLU F 163 12.54 84.56 -46.10
N VAL F 164 13.34 85.15 -45.20
CA VAL F 164 14.72 84.73 -44.93
C VAL F 164 14.85 84.19 -43.48
N HIS F 165 15.79 83.26 -43.26
CA HIS F 165 16.09 82.67 -41.94
C HIS F 165 17.58 82.83 -41.61
N SER F 166 18.41 83.01 -42.64
CA SER F 166 19.86 83.20 -42.54
C SER F 166 20.17 84.61 -42.05
N GLY F 167 20.99 84.70 -41.00
CA GLY F 167 21.38 85.96 -40.37
C GLY F 167 20.30 86.59 -39.52
N VAL F 168 19.21 85.83 -39.23
CA VAL F 168 18.07 86.29 -38.44
C VAL F 168 18.10 85.68 -37.04
N CYS F 169 17.79 86.51 -36.02
CA CYS F 169 17.68 86.06 -34.63
C CYS F 169 16.68 86.99 -33.90
N THR F 170 15.58 86.37 -33.45
CA THR F 170 14.46 87.02 -32.75
C THR F 170 14.53 86.64 -31.28
N ASP F 171 14.12 87.57 -30.38
CA ASP F 171 14.10 87.34 -28.93
C ASP F 171 13.25 86.10 -28.60
N PRO F 172 13.74 85.20 -27.72
CA PRO F 172 12.96 83.99 -27.39
C PRO F 172 11.64 84.31 -26.69
N GLN F 173 11.64 85.36 -25.83
CA GLN F 173 10.47 85.80 -25.08
C GLN F 173 10.30 87.32 -25.17
N PRO F 174 9.04 87.83 -25.16
CA PRO F 174 8.84 89.28 -25.20
C PRO F 174 9.06 89.89 -23.82
N LEU F 175 9.45 91.15 -23.77
CA LEU F 175 9.63 91.79 -22.47
C LEU F 175 8.41 92.69 -22.17
N LYS F 176 8.01 92.73 -20.89
CA LYS F 176 6.90 93.57 -20.40
C LYS F 176 7.32 95.02 -20.45
N GLU F 177 6.51 95.86 -21.08
CA GLU F 177 6.77 97.29 -21.17
C GLU F 177 6.58 97.92 -19.80
N GLN F 178 5.59 97.43 -19.03
CA GLN F 178 5.30 97.89 -17.66
C GLN F 178 5.30 96.66 -16.72
N PRO F 179 6.47 96.30 -16.17
CA PRO F 179 6.56 95.11 -15.30
C PRO F 179 5.63 95.11 -14.07
N ALA F 180 5.25 96.31 -13.56
CA ALA F 180 4.37 96.45 -12.39
C ALA F 180 2.91 96.04 -12.69
N LEU F 181 2.48 96.05 -13.98
CA LEU F 181 1.13 95.68 -14.42
C LEU F 181 1.08 94.24 -14.93
N ASN F 182 0.14 93.43 -14.40
CA ASN F 182 -0.03 92.02 -14.74
C ASN F 182 -0.28 91.78 -16.26
N ASP F 183 -1.21 92.51 -16.88
CA ASP F 183 -1.47 92.31 -18.30
C ASP F 183 -0.82 93.45 -19.09
N SER F 184 0.48 93.67 -18.81
CA SER F 184 1.31 94.69 -19.48
C SER F 184 1.47 94.38 -20.96
N ARG F 185 1.60 95.43 -21.80
CA ARG F 185 1.86 95.26 -23.21
C ARG F 185 3.32 94.81 -23.36
N TYR F 186 3.61 94.12 -24.45
CA TYR F 186 4.94 93.56 -24.68
C TYR F 186 5.69 94.22 -25.79
N ALA F 187 7.01 94.02 -25.75
CA ALA F 187 7.94 94.46 -26.77
C ALA F 187 8.84 93.29 -27.13
N LEU F 188 9.06 93.09 -28.43
CA LEU F 188 9.90 92.02 -28.97
C LEU F 188 10.79 92.56 -30.07
N SER F 189 12.08 92.19 -30.04
CA SER F 189 13.03 92.62 -31.06
C SER F 189 13.58 91.43 -31.87
N SER F 190 14.05 91.73 -33.07
CA SER F 190 14.70 90.80 -33.99
C SER F 190 15.83 91.50 -34.71
N ARG F 191 16.83 90.72 -35.15
CA ARG F 191 18.00 91.24 -35.88
C ARG F 191 18.12 90.55 -37.22
N LEU F 192 18.48 91.31 -38.25
CA LEU F 192 18.80 90.77 -39.56
C LEU F 192 20.15 91.32 -39.93
N ARG F 193 21.17 90.45 -40.00
CA ARG F 193 22.52 90.85 -40.35
C ARG F 193 22.83 90.43 -41.79
N VAL F 194 23.24 91.40 -42.61
CA VAL F 194 23.60 91.18 -44.02
C VAL F 194 25.04 91.70 -44.23
N SER F 195 25.54 91.62 -45.46
CA SER F 195 26.84 92.17 -45.81
C SER F 195 26.65 93.67 -46.00
N ALA F 196 27.71 94.47 -45.81
CA ALA F 196 27.61 95.92 -46.01
C ALA F 196 27.17 96.24 -47.46
N THR F 197 27.72 95.51 -48.46
CA THR F 197 27.40 95.71 -49.89
C THR F 197 25.92 95.39 -50.21
N PHE F 198 25.32 94.43 -49.47
CA PHE F 198 23.90 94.07 -49.66
C PHE F 198 22.99 95.20 -49.17
N TRP F 199 23.26 95.73 -47.97
CA TRP F 199 22.48 96.82 -47.41
C TRP F 199 22.64 98.11 -48.24
N GLN F 200 23.88 98.40 -48.68
CA GLN F 200 24.23 99.62 -49.44
C GLN F 200 23.62 99.64 -50.84
N ASN F 201 23.07 98.51 -51.33
CA ASN F 201 22.36 98.39 -52.60
C ASN F 201 20.93 98.97 -52.41
N PRO F 202 20.59 100.09 -53.08
CA PRO F 202 19.26 100.70 -52.87
C PRO F 202 18.12 99.98 -53.58
N ARG F 203 18.44 98.96 -54.40
CA ARG F 203 17.46 98.14 -55.11
C ARG F 203 16.94 97.03 -54.20
N ASN F 204 17.60 96.83 -53.03
CA ASN F 204 17.25 95.81 -52.05
C ASN F 204 16.21 96.33 -51.07
N HIS F 205 15.15 95.53 -50.88
CA HIS F 205 14.04 95.86 -49.98
C HIS F 205 13.99 94.86 -48.83
N PHE F 206 13.91 95.41 -47.61
CA PHE F 206 13.86 94.69 -46.35
C PHE F 206 12.57 95.03 -45.62
N ARG F 207 11.77 94.02 -45.29
CA ARG F 207 10.51 94.22 -44.57
C ARG F 207 10.44 93.29 -43.38
N CYS F 208 10.16 93.87 -42.21
CA CYS F 208 9.97 93.10 -40.99
C CYS F 208 8.47 92.91 -40.79
N GLN F 209 8.03 91.64 -40.74
CA GLN F 209 6.62 91.27 -40.61
C GLN F 209 6.30 90.70 -39.22
N VAL F 210 5.19 91.15 -38.61
CA VAL F 210 4.75 90.63 -37.32
C VAL F 210 3.31 90.15 -37.46
N GLN F 211 3.11 88.82 -37.54
CA GLN F 211 1.80 88.20 -37.55
C GLN F 211 1.33 88.18 -36.12
N PHE F 212 0.22 88.86 -35.86
CA PHE F 212 -0.35 88.96 -34.53
C PHE F 212 -1.59 88.11 -34.50
N TYR F 213 -1.75 87.33 -33.43
CA TYR F 213 -2.93 86.49 -33.22
C TYR F 213 -3.76 87.13 -32.12
N GLY F 214 -4.94 87.60 -32.51
CA GLY F 214 -5.87 88.27 -31.62
C GLY F 214 -7.21 87.57 -31.55
N LEU F 215 -8.26 88.37 -31.54
CA LEU F 215 -9.63 87.91 -31.48
C LEU F 215 -10.21 87.49 -32.83
N SER F 216 -11.28 86.72 -32.78
CA SER F 216 -12.00 86.26 -33.97
C SER F 216 -13.27 87.04 -34.30
N GLU F 217 -13.95 86.62 -35.35
CA GLU F 217 -15.28 87.11 -35.73
C GLU F 217 -16.28 86.74 -34.65
N ASN F 218 -15.92 85.73 -33.89
CA ASN F 218 -16.73 85.23 -32.81
C ASN F 218 -16.98 86.26 -31.78
N ASP F 219 -15.90 86.91 -31.40
CA ASP F 219 -15.80 87.68 -30.16
C ASP F 219 -16.60 88.96 -30.27
N GLU F 220 -17.05 89.49 -29.14
CA GLU F 220 -17.77 90.74 -29.13
C GLU F 220 -16.87 91.94 -28.74
N TRP F 221 -16.90 93.00 -29.55
CA TRP F 221 -16.03 94.15 -29.32
C TRP F 221 -16.86 95.40 -29.05
N THR F 222 -16.74 95.95 -27.81
CA THR F 222 -17.52 97.11 -27.36
C THR F 222 -16.64 98.36 -27.07
N GLN F 223 -15.38 98.35 -27.52
CA GLN F 223 -14.47 99.48 -27.33
C GLN F 223 -14.45 100.32 -28.61
N ASP F 224 -14.29 101.66 -28.45
CA ASP F 224 -14.26 102.65 -29.54
C ASP F 224 -13.27 102.29 -30.66
N ARG F 225 -12.02 101.94 -30.28
CA ARG F 225 -10.91 101.58 -31.19
C ARG F 225 -11.23 100.36 -32.07
N ALA F 226 -10.36 100.09 -33.06
CA ALA F 226 -10.48 98.95 -33.96
C ALA F 226 -10.41 97.63 -33.18
N LYS F 227 -11.13 96.59 -33.66
CA LYS F 227 -11.13 95.28 -33.01
C LYS F 227 -9.74 94.66 -33.18
N PRO F 228 -9.08 94.24 -32.06
CA PRO F 228 -7.71 93.70 -32.16
C PRO F 228 -7.73 92.25 -32.65
N VAL F 229 -8.12 92.09 -33.93
CA VAL F 229 -8.23 90.80 -34.64
C VAL F 229 -6.86 90.32 -35.09
N THR F 230 -6.78 89.05 -35.51
CA THR F 230 -5.57 88.44 -36.04
C THR F 230 -5.22 89.21 -37.31
N GLN F 231 -4.01 89.78 -37.34
CA GLN F 231 -3.57 90.66 -38.43
C GLN F 231 -2.04 90.67 -38.59
N ILE F 232 -1.58 91.21 -39.72
CA ILE F 232 -0.16 91.38 -40.00
C ILE F 232 0.15 92.87 -39.97
N VAL F 233 1.17 93.24 -39.18
CA VAL F 233 1.68 94.60 -39.09
C VAL F 233 3.14 94.52 -39.55
N SER F 234 3.52 95.38 -40.51
CA SER F 234 4.87 95.40 -41.09
C SER F 234 5.53 96.77 -41.04
N ALA F 235 6.87 96.77 -41.15
CA ALA F 235 7.73 97.94 -41.23
C ALA F 235 8.79 97.64 -42.29
N GLU F 236 9.04 98.58 -43.20
CA GLU F 236 9.97 98.31 -44.29
C GLU F 236 11.08 99.35 -44.42
N ALA F 237 12.16 98.96 -45.12
CA ALA F 237 13.32 99.80 -45.41
C ALA F 237 14.04 99.33 -46.67
N TRP F 238 14.48 100.30 -47.46
CA TRP F 238 15.27 100.08 -48.67
C TRP F 238 16.73 100.37 -48.32
N GLY F 239 17.66 99.78 -49.07
CA GLY F 239 19.08 100.03 -48.88
C GLY F 239 19.46 101.46 -49.24
N ARG F 240 20.54 101.98 -48.61
CA ARG F 240 20.98 103.36 -48.86
C ARG F 240 22.51 103.49 -48.94
N ALA F 241 22.98 104.43 -49.79
CA ALA F 241 24.40 104.74 -49.99
C ALA F 241 24.75 106.14 -49.44
N GLN G 4 4.41 -52.03 35.51
CA GLN G 4 5.31 -50.91 35.81
C GLN G 4 6.53 -50.95 34.88
N VAL G 5 6.75 -49.85 34.15
CA VAL G 5 7.85 -49.69 33.20
C VAL G 5 8.55 -48.34 33.49
N THR G 6 9.87 -48.38 33.78
CA THR G 6 10.69 -47.22 34.14
C THR G 6 11.83 -47.01 33.13
N GLN G 7 12.09 -45.75 32.75
CA GLN G 7 13.16 -45.39 31.83
C GLN G 7 14.20 -44.51 32.52
N SER G 8 15.48 -44.69 32.19
CA SER G 8 16.56 -43.89 32.75
C SER G 8 17.70 -43.66 31.73
N PRO G 9 18.28 -42.44 31.67
CA PRO G 9 17.94 -41.24 32.46
C PRO G 9 16.71 -40.55 31.86
N GLU G 10 16.10 -39.59 32.57
CA GLU G 10 14.94 -38.86 32.06
C GLU G 10 15.39 -37.97 30.89
N ALA G 11 16.62 -37.42 31.01
CA ALA G 11 17.26 -36.56 30.01
C ALA G 11 18.70 -36.97 29.83
N LEU G 12 19.18 -36.93 28.57
CA LEU G 12 20.55 -37.28 28.24
C LEU G 12 21.15 -36.27 27.29
N ARG G 13 22.30 -35.69 27.69
CA ARG G 13 23.07 -34.72 26.92
C ARG G 13 24.35 -35.40 26.44
N LEU G 14 24.41 -35.68 25.14
CA LEU G 14 25.56 -36.34 24.51
C LEU G 14 26.21 -35.42 23.52
N GLN G 15 27.52 -35.60 23.33
CA GLN G 15 28.31 -34.85 22.35
C GLN G 15 28.26 -35.63 21.05
N GLU G 16 28.48 -34.95 19.90
CA GLU G 16 28.45 -35.63 18.61
C GLU G 16 29.51 -36.77 18.62
N GLY G 17 29.07 -37.99 18.32
CA GLY G 17 29.92 -39.17 18.33
C GLY G 17 30.10 -39.86 19.68
N GLU G 18 29.55 -39.27 20.77
CA GLU G 18 29.63 -39.81 22.14
C GLU G 18 28.61 -40.96 22.34
N SER G 19 29.08 -42.22 22.26
CA SER G 19 28.28 -43.43 22.43
C SER G 19 27.71 -43.53 23.84
N SER G 20 26.47 -44.05 23.96
CA SER G 20 25.76 -44.19 25.24
C SER G 20 24.71 -45.31 25.21
N SER G 21 24.02 -45.52 26.33
CA SER G 21 22.98 -46.53 26.48
C SER G 21 21.78 -45.96 27.24
N LEU G 22 20.59 -46.40 26.84
CA LEU G 22 19.31 -46.01 27.43
C LEU G 22 18.70 -47.23 28.10
N ASN G 23 18.31 -47.08 29.37
CA ASN G 23 17.75 -48.17 30.13
C ASN G 23 16.23 -48.10 30.18
N CYS G 24 15.61 -49.28 30.16
CA CYS G 24 14.17 -49.47 30.28
C CYS G 24 13.90 -50.70 31.15
N SER G 25 13.66 -50.49 32.46
CA SER G 25 13.35 -51.58 33.38
C SER G 25 11.86 -51.81 33.47
N TYR G 26 11.47 -53.09 33.63
CA TYR G 26 10.08 -53.51 33.79
C TYR G 26 10.05 -54.53 34.94
N THR G 27 9.39 -54.13 36.04
CA THR G 27 9.29 -54.86 37.32
C THR G 27 8.47 -56.16 37.23
N VAL G 28 7.59 -56.25 36.26
CA VAL G 28 6.74 -57.41 36.11
C VAL G 28 7.46 -58.61 35.56
N SER G 29 6.73 -59.72 35.50
CA SER G 29 7.11 -60.88 34.75
C SER G 29 5.88 -61.35 33.97
N GLY G 30 6.05 -61.66 32.70
CA GLY G 30 4.94 -61.89 31.84
C GLY G 30 4.90 -60.98 30.66
N LEU G 31 6.01 -60.81 29.98
CA LEU G 31 6.06 -60.01 28.81
C LEU G 31 5.43 -60.59 27.54
N ARG G 32 4.72 -59.78 26.82
CA ARG G 32 4.27 -60.11 25.48
C ARG G 32 5.12 -59.44 24.40
N GLY G 33 5.73 -58.34 24.73
CA GLY G 33 6.62 -57.60 23.83
C GLY G 33 7.12 -56.29 24.40
N LEU G 34 8.39 -55.99 24.13
CA LEU G 34 9.01 -54.72 24.51
C LEU G 34 9.30 -53.94 23.23
N PHE G 35 8.83 -52.70 23.18
CA PHE G 35 8.92 -51.83 22.01
C PHE G 35 9.70 -50.55 22.26
N TRP G 36 10.49 -50.12 21.25
CA TRP G 36 11.25 -48.87 21.25
C TRP G 36 10.74 -47.97 20.13
N TYR G 37 10.46 -46.71 20.50
CA TYR G 37 10.00 -45.65 19.60
C TYR G 37 10.89 -44.44 19.75
N ARG G 38 11.03 -43.63 18.68
CA ARG G 38 11.75 -42.36 18.74
C ARG G 38 10.75 -41.26 18.41
N GLN G 39 10.66 -40.24 19.26
CA GLN G 39 9.68 -39.17 19.05
C GLN G 39 10.32 -37.79 18.94
N ASP G 40 10.07 -37.12 17.80
CA ASP G 40 10.44 -35.73 17.57
C ASP G 40 9.40 -34.90 18.31
N PRO G 41 9.76 -33.78 19.00
CA PRO G 41 8.75 -33.03 19.78
C PRO G 41 7.50 -32.65 18.98
N GLY G 42 6.33 -33.08 19.50
CA GLY G 42 5.01 -32.83 18.91
C GLY G 42 4.58 -33.82 17.83
N LYS G 43 5.54 -34.55 17.25
CA LYS G 43 5.34 -35.54 16.18
C LYS G 43 4.92 -36.91 16.75
N GLY G 44 4.50 -37.82 15.88
CA GLY G 44 4.11 -39.16 16.29
C GLY G 44 5.28 -40.05 16.59
N PRO G 45 5.24 -40.85 17.69
CA PRO G 45 6.35 -41.79 17.96
C PRO G 45 6.61 -42.70 16.75
N GLU G 46 7.88 -42.78 16.32
CA GLU G 46 8.33 -43.58 15.19
C GLU G 46 8.90 -44.89 15.70
N PHE G 47 8.35 -46.01 15.20
CA PHE G 47 8.74 -47.36 15.63
C PHE G 47 10.18 -47.70 15.25
N LEU G 48 10.91 -48.34 16.19
CA LEU G 48 12.31 -48.74 16.00
C LEU G 48 12.49 -50.27 16.08
N PHE G 49 12.17 -50.92 17.23
CA PHE G 49 12.39 -52.36 17.43
C PHE G 49 11.36 -53.02 18.32
N THR G 50 11.15 -54.34 18.12
CA THR G 50 10.30 -55.18 18.96
C THR G 50 11.13 -56.35 19.45
N LEU G 51 11.14 -56.58 20.78
CA LEU G 51 11.86 -57.70 21.40
C LEU G 51 10.90 -58.47 22.29
N TYR G 52 10.83 -59.77 22.09
CA TYR G 52 9.94 -60.61 22.84
C TYR G 52 10.62 -61.40 23.93
N SER G 53 11.89 -61.67 23.75
CA SER G 53 12.56 -62.69 24.50
C SER G 53 13.94 -62.36 24.99
N ALA G 54 14.25 -62.78 26.21
CA ALA G 54 15.53 -62.49 26.81
C ALA G 54 16.67 -63.14 26.05
N GLY G 55 17.72 -62.37 25.85
CA GLY G 55 18.81 -62.69 24.96
C GLY G 55 18.58 -62.24 23.53
N GLU G 56 17.43 -61.65 23.26
CA GLU G 56 17.14 -61.13 21.92
C GLU G 56 17.88 -59.81 21.68
N GLU G 57 18.31 -59.59 20.45
CA GLU G 57 18.93 -58.33 20.07
C GLU G 57 18.60 -58.01 18.62
N LYS G 58 18.46 -56.71 18.32
CA LYS G 58 18.15 -56.18 16.99
C LYS G 58 18.98 -54.92 16.74
N GLU G 59 19.42 -54.78 15.51
CA GLU G 59 20.22 -53.65 15.13
C GLU G 59 19.88 -52.96 13.83
N LYS G 60 19.67 -51.66 13.85
CA LYS G 60 19.47 -50.91 12.63
C LYS G 60 20.20 -49.62 12.74
N GLU G 61 21.13 -49.36 11.86
CA GLU G 61 21.91 -48.13 11.86
C GLU G 61 22.76 -47.90 13.11
N ARG G 62 22.53 -46.78 13.79
CA ARG G 62 23.31 -46.47 14.97
C ARG G 62 22.65 -46.98 16.21
N LEU G 63 21.57 -47.69 16.04
CA LEU G 63 20.85 -48.21 17.16
C LEU G 63 20.88 -49.70 17.33
N LYS G 64 20.97 -50.12 18.56
CA LYS G 64 20.96 -51.54 18.88
C LYS G 64 20.19 -51.75 20.18
N ALA G 65 19.13 -52.57 20.11
CA ALA G 65 18.29 -52.89 21.25
C ALA G 65 18.58 -54.32 21.73
N THR G 66 18.68 -54.52 23.06
CA THR G 66 18.92 -55.82 23.69
C THR G 66 17.86 -56.07 24.77
N LEU G 67 17.64 -57.33 25.18
CA LEU G 67 16.63 -57.64 26.19
C LEU G 67 17.10 -58.73 27.18
N THR G 68 16.86 -58.49 28.48
CA THR G 68 17.09 -59.44 29.58
C THR G 68 15.74 -59.63 30.30
N LYS G 69 15.72 -60.36 31.42
CA LYS G 69 14.51 -60.62 32.22
C LYS G 69 14.01 -59.36 32.96
N LYS G 70 14.94 -58.47 33.33
CA LYS G 70 14.66 -57.26 34.09
C LYS G 70 14.49 -56.02 33.21
N GLU G 71 15.38 -55.83 32.22
CA GLU G 71 15.37 -54.62 31.42
C GLU G 71 15.79 -54.82 29.96
N SER G 72 15.78 -53.70 29.22
CA SER G 72 16.18 -53.55 27.85
C SER G 72 17.10 -52.35 27.72
N PHE G 73 18.15 -52.52 26.93
CA PHE G 73 19.07 -51.43 26.68
C PHE G 73 18.97 -50.95 25.24
N LEU G 74 19.01 -49.63 25.04
CA LEU G 74 19.05 -49.05 23.71
C LEU G 74 20.41 -48.39 23.56
N HIS G 75 21.32 -49.10 22.90
CA HIS G 75 22.67 -48.66 22.63
C HIS G 75 22.69 -47.79 21.39
N ILE G 76 23.29 -46.61 21.50
CA ILE G 76 23.44 -45.66 20.41
C ILE G 76 24.94 -45.36 20.22
N THR G 77 25.51 -45.90 19.14
CA THR G 77 26.93 -45.76 18.82
C THR G 77 27.15 -44.58 17.85
N ALA G 78 28.13 -43.71 18.19
CA ALA G 78 28.55 -42.50 17.46
C ALA G 78 27.34 -41.67 16.98
N PRO G 79 26.52 -41.11 17.92
CA PRO G 79 25.33 -40.36 17.51
C PRO G 79 25.62 -39.05 16.77
N LYS G 80 24.67 -38.67 15.91
CA LYS G 80 24.68 -37.44 15.13
C LYS G 80 23.62 -36.48 15.71
N PRO G 81 23.64 -35.14 15.43
CA PRO G 81 22.60 -34.26 16.01
C PRO G 81 21.16 -34.63 15.60
N GLU G 82 20.98 -35.34 14.47
CA GLU G 82 19.68 -35.81 13.93
C GLU G 82 19.05 -36.90 14.84
N ASP G 83 19.87 -37.49 15.75
CA ASP G 83 19.46 -38.53 16.68
C ASP G 83 18.82 -37.95 17.95
N SER G 84 18.78 -36.61 18.07
CA SER G 84 18.15 -35.92 19.21
C SER G 84 16.64 -36.07 19.13
N ALA G 85 16.04 -36.71 20.16
CA ALA G 85 14.61 -37.02 20.26
C ALA G 85 14.28 -37.59 21.63
N THR G 86 12.97 -37.79 21.90
CA THR G 86 12.50 -38.45 23.11
C THR G 86 12.36 -39.92 22.75
N TYR G 87 13.17 -40.76 23.37
CA TYR G 87 13.19 -42.19 23.09
C TYR G 87 12.26 -42.88 24.07
N LEU G 88 11.21 -43.49 23.53
CA LEU G 88 10.18 -44.12 24.33
C LEU G 88 10.22 -45.63 24.29
N CYS G 89 10.12 -46.22 25.47
CA CYS G 89 10.06 -47.64 25.70
C CYS G 89 8.65 -47.98 26.17
N ALA G 90 8.04 -49.01 25.55
CA ALA G 90 6.67 -49.48 25.86
C ALA G 90 6.65 -50.99 26.04
N VAL G 91 5.73 -51.49 26.89
CA VAL G 91 5.60 -52.93 27.13
C VAL G 91 4.15 -53.42 26.96
N ALA G 92 4.01 -54.60 26.40
CA ALA G 92 2.78 -55.36 26.40
C ALA G 92 2.88 -56.45 27.43
N LEU G 93 1.89 -56.60 28.27
CA LEU G 93 1.98 -57.46 29.42
C LEU G 93 0.80 -58.36 29.67
N ASN G 94 1.08 -59.57 30.13
CA ASN G 94 0.07 -60.49 30.57
C ASN G 94 -0.86 -59.98 31.67
N ASN G 95 -0.31 -59.23 32.62
CA ASN G 95 -1.02 -58.63 33.76
C ASN G 95 -1.95 -57.48 33.33
N ASN G 96 -1.70 -56.91 32.14
CA ASN G 96 -2.50 -55.81 31.59
C ASN G 96 -3.86 -56.34 31.11
N ALA G 97 -4.89 -55.47 31.08
CA ALA G 97 -6.25 -55.83 30.65
C ALA G 97 -6.40 -55.79 29.11
N GLY G 98 -5.57 -56.56 28.42
CA GLY G 98 -5.56 -56.62 26.98
C GLY G 98 -4.23 -56.24 26.35
N ASN G 99 -4.29 -55.89 25.07
CA ASN G 99 -3.11 -55.65 24.23
C ASN G 99 -2.62 -54.19 24.18
N MET G 100 -3.03 -53.35 25.14
CA MET G 100 -2.55 -51.97 25.20
C MET G 100 -1.06 -51.89 25.54
N LEU G 101 -0.43 -50.77 25.19
CA LEU G 101 0.95 -50.54 25.55
C LEU G 101 1.02 -49.67 26.77
N THR G 102 1.99 -49.97 27.66
CA THR G 102 2.28 -49.15 28.83
C THR G 102 3.63 -48.53 28.53
N PHE G 103 3.66 -47.21 28.36
CA PHE G 103 4.87 -46.48 28.04
C PHE G 103 5.61 -46.05 29.30
N GLY G 104 6.93 -45.98 29.19
CA GLY G 104 7.80 -45.42 30.22
C GLY G 104 7.79 -43.93 30.02
N GLY G 105 8.45 -43.20 30.92
CA GLY G 105 8.50 -41.74 30.88
C GLY G 105 9.31 -41.13 29.74
N GLY G 106 10.12 -41.96 29.09
CA GLY G 106 10.97 -41.55 27.99
C GLY G 106 12.31 -40.98 28.42
N THR G 107 13.23 -40.89 27.46
CA THR G 107 14.56 -40.33 27.63
C THR G 107 14.71 -39.22 26.60
N ARG G 108 14.82 -37.97 27.05
CA ARG G 108 15.00 -36.85 26.13
C ARG G 108 16.48 -36.74 25.79
N LEU G 109 16.83 -37.19 24.58
CA LEU G 109 18.20 -37.20 24.10
C LEU G 109 18.51 -35.95 23.32
N MET G 110 19.62 -35.29 23.69
CA MET G 110 20.09 -34.08 23.04
C MET G 110 21.55 -34.28 22.65
N VAL G 111 21.82 -34.38 21.33
CA VAL G 111 23.15 -34.58 20.76
C VAL G 111 23.67 -33.21 20.32
N LYS G 112 24.57 -32.64 21.14
CA LYS G 112 25.21 -31.34 20.96
C LYS G 112 26.27 -31.43 19.84
N PRO G 113 26.07 -30.72 18.69
CA PRO G 113 27.06 -30.81 17.60
C PRO G 113 28.41 -30.19 17.94
N HIS G 114 29.47 -30.64 17.23
CA HIS G 114 30.83 -30.11 17.43
C HIS G 114 31.05 -28.87 16.54
N ILE G 115 31.43 -27.73 17.17
CA ILE G 115 31.70 -26.46 16.49
C ILE G 115 33.22 -26.41 16.20
N GLN G 116 33.60 -26.65 14.93
CA GLN G 116 35.00 -26.71 14.48
C GLN G 116 35.70 -25.34 14.56
N ASN G 117 35.06 -24.25 14.07
CA ASN G 117 35.67 -22.92 14.10
C ASN G 117 34.76 -21.90 14.83
N PRO G 118 34.90 -21.81 16.18
CA PRO G 118 34.05 -20.87 16.93
C PRO G 118 34.58 -19.44 16.87
N ASP G 119 33.69 -18.52 16.47
CA ASP G 119 33.98 -17.09 16.34
C ASP G 119 32.83 -16.27 16.99
N PRO G 120 32.71 -16.27 18.35
CA PRO G 120 31.62 -15.52 19.01
C PRO G 120 31.60 -14.03 18.66
N ALA G 121 30.47 -13.55 18.13
CA ALA G 121 30.27 -12.17 17.72
C ALA G 121 28.80 -11.77 17.83
N VAL G 122 28.56 -10.50 18.16
CA VAL G 122 27.21 -9.92 18.27
C VAL G 122 27.02 -8.94 17.11
N TYR G 123 25.95 -9.15 16.32
CA TYR G 123 25.65 -8.28 15.18
C TYR G 123 24.26 -7.67 15.28
N GLN G 124 24.15 -6.40 14.89
CA GLN G 124 22.85 -5.72 14.85
C GLN G 124 22.27 -5.91 13.46
N LEU G 125 20.98 -6.25 13.39
CA LEU G 125 20.32 -6.48 12.11
C LEU G 125 19.55 -5.24 11.65
N ARG G 126 19.30 -5.15 10.33
CA ARG G 126 18.56 -4.03 9.72
C ARG G 126 17.10 -4.09 10.17
N ASP G 127 16.57 -2.93 10.57
CA ASP G 127 15.20 -2.81 11.06
C ASP G 127 14.19 -2.91 9.92
N SER G 128 13.08 -3.62 10.17
CA SER G 128 11.99 -3.79 9.22
C SER G 128 11.02 -2.60 9.35
N LYS G 129 10.64 -1.99 8.21
CA LYS G 129 9.76 -0.82 8.13
C LYS G 129 8.35 -1.07 8.71
N SER G 130 8.02 -2.35 9.00
CA SER G 130 6.72 -2.75 9.55
C SER G 130 6.80 -3.27 10.99
N SER G 131 7.96 -3.84 11.38
CA SER G 131 8.23 -4.49 12.67
C SER G 131 8.20 -3.60 13.92
N ASP G 132 8.72 -2.35 13.84
CA ASP G 132 8.84 -1.41 14.97
C ASP G 132 9.82 -1.93 16.05
N LYS G 133 10.34 -3.17 15.86
CA LYS G 133 11.29 -3.85 16.74
C LYS G 133 12.71 -3.83 16.15
N SER G 134 13.72 -4.01 17.03
CA SER G 134 15.15 -4.06 16.69
C SER G 134 15.70 -5.42 17.11
N VAL G 135 16.49 -6.08 16.25
CA VAL G 135 16.99 -7.43 16.50
C VAL G 135 18.53 -7.50 16.51
N CYS G 136 19.08 -8.12 17.58
CA CYS G 136 20.50 -8.39 17.81
C CYS G 136 20.72 -9.90 17.67
N LEU G 137 21.82 -10.29 17.02
CA LEU G 137 22.16 -11.69 16.81
C LEU G 137 23.52 -12.04 17.41
N PHE G 138 23.51 -12.97 18.36
CA PHE G 138 24.70 -13.57 18.94
C PHE G 138 24.87 -14.85 18.17
N THR G 139 26.00 -15.03 17.46
CA THR G 139 26.21 -16.22 16.63
C THR G 139 27.67 -16.70 16.62
N ASP G 140 27.88 -17.90 16.03
CA ASP G 140 29.14 -18.60 15.82
C ASP G 140 29.90 -18.93 17.13
N PHE G 141 29.22 -18.91 18.29
CA PHE G 141 29.82 -19.28 19.57
C PHE G 141 29.91 -20.81 19.69
N ASP G 142 30.76 -21.31 20.61
CA ASP G 142 30.97 -22.76 20.81
C ASP G 142 29.78 -23.39 21.57
N SER G 143 29.69 -24.73 21.54
CA SER G 143 28.63 -25.50 22.19
C SER G 143 28.71 -25.47 23.73
N GLN G 144 29.92 -25.23 24.30
CA GLN G 144 30.10 -25.12 25.76
C GLN G 144 29.55 -23.77 26.28
N THR G 145 29.30 -22.82 25.34
CA THR G 145 28.74 -21.49 25.59
C THR G 145 27.23 -21.53 25.31
N ASN G 146 26.43 -21.00 26.26
CA ASN G 146 24.97 -20.89 26.13
C ASN G 146 24.51 -19.50 26.60
N VAL G 147 23.23 -19.21 26.41
CA VAL G 147 22.67 -17.94 26.72
C VAL G 147 21.52 -18.05 27.74
N SER G 148 21.53 -17.22 28.75
CA SER G 148 20.48 -17.17 29.75
C SER G 148 19.27 -16.34 29.38
N GLN G 149 18.25 -16.39 30.21
CA GLN G 149 17.04 -15.58 30.01
C GLN G 149 17.37 -14.14 30.28
N SER G 150 16.53 -13.25 29.77
CA SER G 150 16.74 -11.81 29.91
C SER G 150 16.52 -11.27 31.31
N LYS G 151 17.22 -10.19 31.62
CA LYS G 151 17.14 -9.49 32.88
C LYS G 151 16.65 -8.06 32.64
N ASP G 152 15.75 -7.95 31.69
CA ASP G 152 15.10 -6.69 31.29
C ASP G 152 13.64 -6.95 30.93
N SER G 153 12.77 -5.97 31.22
CA SER G 153 11.34 -6.03 30.92
C SER G 153 11.10 -5.79 29.44
N ASP G 154 11.98 -4.98 28.81
CA ASP G 154 11.91 -4.59 27.40
C ASP G 154 12.65 -5.54 26.45
N VAL G 155 13.75 -6.17 26.91
CA VAL G 155 14.57 -7.06 26.07
C VAL G 155 14.10 -8.52 26.21
N TYR G 156 14.09 -9.25 25.08
CA TYR G 156 13.74 -10.67 24.99
C TYR G 156 14.90 -11.45 24.37
N ILE G 157 15.39 -12.50 25.06
CA ILE G 157 16.48 -13.36 24.55
C ILE G 157 15.92 -14.76 24.29
N THR G 158 16.10 -15.28 23.11
CA THR G 158 15.71 -16.63 22.78
C THR G 158 16.74 -17.62 23.23
N ASP G 159 16.38 -18.89 23.20
CA ASP G 159 17.32 -19.92 23.48
C ASP G 159 18.28 -20.06 22.31
N LYS G 160 19.40 -20.68 22.59
CA LYS G 160 20.39 -21.02 21.61
C LYS G 160 19.79 -22.04 20.63
N CYS G 161 20.30 -22.04 19.42
CA CYS G 161 19.72 -22.88 18.37
C CYS G 161 20.79 -23.18 17.32
N VAL G 162 20.86 -24.43 16.85
CA VAL G 162 21.85 -24.82 15.86
C VAL G 162 21.24 -25.02 14.48
N LEU G 163 21.91 -24.46 13.45
CA LEU G 163 21.51 -24.65 12.05
C LEU G 163 22.65 -25.33 11.30
N ASP G 164 22.34 -26.03 10.20
CA ASP G 164 23.33 -26.73 9.40
C ASP G 164 23.21 -26.36 7.93
N MET G 165 24.27 -25.74 7.39
CA MET G 165 24.38 -25.40 5.97
C MET G 165 24.92 -26.66 5.29
N ARG G 166 24.02 -27.41 4.60
CA ARG G 166 24.32 -28.69 3.94
C ARG G 166 25.38 -28.56 2.83
N SER G 167 25.28 -27.53 1.97
CA SER G 167 26.19 -27.27 0.86
C SER G 167 27.63 -27.01 1.32
N MET G 168 27.78 -26.27 2.44
CA MET G 168 29.08 -25.91 3.01
C MET G 168 29.55 -26.89 4.10
N ASP G 169 28.65 -27.76 4.59
CA ASP G 169 28.87 -28.73 5.68
C ASP G 169 29.30 -27.97 6.96
N PHE G 170 28.64 -26.82 7.17
CA PHE G 170 28.89 -25.88 8.26
C PHE G 170 27.73 -25.86 9.25
N LYS G 171 28.06 -26.01 10.53
CA LYS G 171 27.13 -25.97 11.65
C LYS G 171 27.45 -24.77 12.54
N SER G 172 26.41 -23.99 12.93
CA SER G 172 26.59 -22.82 13.78
C SER G 172 25.45 -22.61 14.79
N ASN G 173 25.82 -22.16 15.99
CA ASN G 173 24.92 -21.81 17.09
C ASN G 173 24.52 -20.34 16.98
N SER G 174 23.26 -20.02 17.37
CA SER G 174 22.76 -18.64 17.33
C SER G 174 21.70 -18.37 18.41
N ALA G 175 21.65 -17.10 18.88
CA ALA G 175 20.69 -16.59 19.86
C ALA G 175 20.22 -15.20 19.44
N VAL G 176 18.90 -14.98 19.44
CA VAL G 176 18.28 -13.71 19.02
C VAL G 176 17.82 -12.91 20.25
N ALA G 177 18.04 -11.59 20.18
CA ALA G 177 17.59 -10.61 21.17
C ALA G 177 16.80 -9.54 20.48
N TRP G 178 15.69 -9.10 21.08
CA TRP G 178 14.90 -8.00 20.51
C TRP G 178 14.23 -7.15 21.60
N SER G 179 13.87 -5.90 21.24
CA SER G 179 13.19 -4.91 22.08
C SER G 179 12.47 -3.89 21.20
N ASN G 180 11.53 -3.13 21.79
CA ASN G 180 10.76 -2.06 21.12
C ASN G 180 11.38 -0.67 21.39
N LYS G 181 12.31 -0.62 22.36
CA LYS G 181 13.03 0.59 22.78
C LYS G 181 13.97 1.11 21.67
N SER G 182 14.06 2.46 21.55
CA SER G 182 14.92 3.14 20.57
C SER G 182 16.37 3.15 21.05
N ASP G 183 16.56 3.18 22.39
CA ASP G 183 17.85 3.17 23.08
C ASP G 183 18.44 1.73 23.17
N PHE G 184 17.75 0.74 22.56
CA PHE G 184 18.18 -0.66 22.58
C PHE G 184 19.48 -0.83 21.79
N ALA G 185 20.50 -1.32 22.49
CA ALA G 185 21.82 -1.61 21.96
C ALA G 185 22.16 -3.06 22.19
N CYS G 186 22.96 -3.65 21.30
CA CYS G 186 23.36 -5.06 21.41
C CYS G 186 24.34 -5.26 22.58
N ALA G 187 25.13 -4.23 22.92
CA ALA G 187 26.11 -4.23 24.00
C ALA G 187 25.47 -4.50 25.38
N ASN G 188 24.29 -3.90 25.65
CA ASN G 188 23.59 -4.10 26.92
C ASN G 188 22.53 -5.22 26.79
N ALA G 189 22.39 -5.80 25.58
CA ALA G 189 21.45 -6.90 25.33
C ALA G 189 21.97 -8.22 25.89
N PHE G 190 23.27 -8.53 25.66
CA PHE G 190 23.88 -9.78 26.09
C PHE G 190 24.97 -9.57 27.16
N ASN G 191 24.97 -8.41 27.85
CA ASN G 191 25.97 -8.07 28.89
C ASN G 191 25.91 -9.06 30.08
N ASN G 192 24.69 -9.40 30.55
CA ASN G 192 24.48 -10.33 31.65
C ASN G 192 23.55 -11.46 31.22
N SER G 193 23.65 -11.87 29.94
CA SER G 193 22.85 -12.95 29.36
C SER G 193 23.70 -14.15 28.92
N ILE G 194 24.98 -13.93 28.56
CA ILE G 194 25.86 -15.01 28.13
C ILE G 194 26.33 -15.83 29.36
N ILE G 195 26.10 -17.17 29.31
CA ILE G 195 26.44 -18.12 30.38
C ILE G 195 27.15 -19.35 29.78
N GLY H 2 1.73 -44.14 7.37
CA GLY H 2 0.45 -44.71 6.95
C GLY H 2 -0.73 -44.11 7.69
N VAL H 3 -0.65 -44.07 9.04
CA VAL H 3 -1.72 -43.54 9.89
C VAL H 3 -1.83 -42.01 9.68
N THR H 4 -3.05 -41.54 9.38
CA THR H 4 -3.36 -40.12 9.21
C THR H 4 -4.31 -39.69 10.34
N GLN H 5 -4.28 -38.42 10.73
CA GLN H 5 -5.12 -37.91 11.81
C GLN H 5 -5.62 -36.51 11.50
N THR H 6 -6.94 -36.29 11.66
CA THR H 6 -7.54 -34.98 11.42
C THR H 6 -8.40 -34.57 12.62
N PRO H 7 -8.37 -33.28 13.03
CA PRO H 7 -7.51 -32.20 12.49
C PRO H 7 -6.10 -32.30 13.08
N LYS H 8 -5.14 -31.54 12.56
CA LYS H 8 -3.80 -31.55 13.14
C LYS H 8 -3.82 -30.77 14.46
N HIS H 9 -4.64 -29.71 14.52
CA HIS H 9 -4.75 -28.85 15.69
C HIS H 9 -6.20 -28.48 15.96
N LEU H 10 -6.51 -28.34 17.23
CA LEU H 10 -7.82 -27.97 17.68
C LEU H 10 -7.79 -27.06 18.91
N ILE H 11 -8.46 -25.94 18.79
CA ILE H 11 -8.51 -24.97 19.84
C ILE H 11 -9.95 -24.76 20.14
N THR H 12 -10.34 -24.97 21.37
CA THR H 12 -11.72 -24.86 21.72
C THR H 12 -11.95 -24.43 23.16
N ALA H 13 -13.16 -24.02 23.49
CA ALA H 13 -13.54 -23.53 24.82
C ALA H 13 -13.92 -24.68 25.75
N THR H 14 -13.92 -24.46 27.10
CA THR H 14 -14.34 -25.49 28.06
C THR H 14 -15.85 -25.76 27.89
N GLY H 15 -16.26 -26.98 28.23
CA GLY H 15 -17.66 -27.41 28.16
C GLY H 15 -18.10 -27.88 26.79
N GLN H 16 -17.28 -27.60 25.75
CA GLN H 16 -17.51 -27.98 24.36
C GLN H 16 -17.24 -29.47 24.14
N ARG H 17 -17.68 -29.99 23.00
CA ARG H 17 -17.49 -31.37 22.57
C ARG H 17 -16.69 -31.37 21.25
N VAL H 18 -15.68 -32.27 21.11
CA VAL H 18 -14.86 -32.37 19.90
C VAL H 18 -14.75 -33.82 19.38
N THR H 19 -14.52 -33.95 18.07
CA THR H 19 -14.35 -35.24 17.40
C THR H 19 -12.99 -35.27 16.68
N LEU H 20 -12.15 -36.22 17.05
CA LEU H 20 -10.83 -36.44 16.45
C LEU H 20 -10.95 -37.67 15.57
N ARG H 21 -10.52 -37.57 14.32
CA ARG H 21 -10.63 -38.70 13.40
C ARG H 21 -9.28 -39.32 13.15
N CYS H 22 -9.27 -40.58 12.75
CA CYS H 22 -8.06 -41.31 12.44
C CYS H 22 -8.30 -42.29 11.31
N SER H 23 -7.33 -42.41 10.41
CA SER H 23 -7.37 -43.40 9.34
C SER H 23 -6.19 -44.34 9.53
N PRO H 24 -6.44 -45.62 9.88
CA PRO H 24 -5.33 -46.56 10.11
C PRO H 24 -4.50 -46.85 8.85
N ARG H 25 -3.33 -47.51 9.01
CA ARG H 25 -2.51 -47.95 7.87
C ARG H 25 -3.34 -48.85 6.98
N SER H 26 -3.13 -48.81 5.67
CA SER H 26 -3.86 -49.67 4.75
C SER H 26 -3.60 -51.15 5.12
N GLY H 27 -4.69 -51.87 5.37
CA GLY H 27 -4.66 -53.28 5.77
C GLY H 27 -4.70 -53.52 7.26
N ASP H 28 -4.61 -52.44 8.07
CA ASP H 28 -4.66 -52.54 9.55
C ASP H 28 -6.10 -52.54 10.02
N LEU H 29 -6.44 -53.50 10.88
CA LEU H 29 -7.80 -53.75 11.36
C LEU H 29 -8.03 -53.30 12.81
N SER H 30 -6.95 -53.10 13.57
CA SER H 30 -7.01 -52.67 14.97
C SER H 30 -6.50 -51.22 15.13
N VAL H 31 -7.23 -50.39 15.90
CA VAL H 31 -6.89 -48.99 16.17
C VAL H 31 -6.82 -48.77 17.68
N TYR H 32 -5.87 -47.91 18.12
CA TYR H 32 -5.64 -47.61 19.55
C TYR H 32 -5.50 -46.11 19.73
N TRP H 33 -6.13 -45.56 20.79
CA TRP H 33 -5.99 -44.14 21.08
C TRP H 33 -5.15 -43.96 22.33
N TYR H 34 -4.21 -43.02 22.27
CA TYR H 34 -3.30 -42.64 23.36
C TYR H 34 -3.31 -41.14 23.56
N GLN H 35 -3.19 -40.71 24.81
CA GLN H 35 -3.14 -39.32 25.18
C GLN H 35 -1.77 -39.02 25.74
N GLN H 36 -1.12 -37.99 25.20
CA GLN H 36 0.18 -37.54 25.67
C GLN H 36 0.02 -36.14 26.27
N SER H 37 0.09 -36.09 27.59
CA SER H 37 0.01 -34.88 28.40
C SER H 37 1.36 -34.61 29.04
N LEU H 38 1.58 -33.37 29.48
CA LEU H 38 2.82 -32.99 30.16
C LEU H 38 2.88 -33.61 31.56
N ASP H 39 1.70 -33.88 32.18
CA ASP H 39 1.58 -34.44 33.53
C ASP H 39 1.74 -35.97 33.61
N GLN H 40 0.99 -36.73 32.78
CA GLN H 40 0.97 -38.20 32.84
C GLN H 40 1.79 -38.90 31.74
N GLY H 41 2.33 -38.12 30.81
CA GLY H 41 3.07 -38.67 29.68
C GLY H 41 2.12 -39.35 28.71
N LEU H 42 2.57 -40.42 28.06
CA LEU H 42 1.80 -41.17 27.07
C LEU H 42 0.96 -42.26 27.77
N GLN H 43 -0.38 -42.17 27.68
CA GLN H 43 -1.34 -43.06 28.34
C GLN H 43 -2.37 -43.62 27.37
N PHE H 44 -2.66 -44.92 27.49
CA PHE H 44 -3.64 -45.61 26.67
C PHE H 44 -5.06 -45.20 27.00
N LEU H 45 -5.88 -45.02 25.96
CA LEU H 45 -7.29 -44.67 26.14
C LEU H 45 -8.19 -45.87 25.83
N ILE H 46 -8.13 -46.35 24.60
CA ILE H 46 -9.01 -47.37 24.10
C ILE H 46 -8.52 -48.04 22.84
N GLN H 47 -8.98 -49.25 22.61
CA GLN H 47 -8.74 -50.03 21.41
C GLN H 47 -10.03 -50.52 20.72
N TYR H 48 -10.06 -50.46 19.40
CA TYR H 48 -11.09 -51.03 18.56
C TYR H 48 -10.56 -52.04 17.54
N TYR H 49 -11.23 -53.16 17.44
CA TYR H 49 -10.98 -54.14 16.39
C TYR H 49 -12.24 -54.55 15.67
N ASN H 50 -12.19 -54.42 14.36
CA ASN H 50 -13.27 -54.82 13.46
C ASN H 50 -14.62 -54.24 13.88
N GLY H 51 -14.62 -53.00 14.28
CA GLY H 51 -15.78 -52.33 14.77
C GLY H 51 -16.24 -52.53 16.20
N GLU H 52 -15.49 -53.23 17.02
CA GLU H 52 -15.85 -53.39 18.42
C GLU H 52 -14.75 -53.06 19.40
N GLU H 53 -15.14 -52.59 20.55
CA GLU H 53 -14.23 -52.21 21.59
C GLU H 53 -13.50 -53.39 22.18
N ARG H 54 -12.20 -53.27 22.33
CA ARG H 54 -11.36 -54.28 22.90
C ARG H 54 -10.76 -53.79 24.20
N ALA H 55 -9.45 -53.65 24.30
CA ALA H 55 -8.82 -53.11 25.50
C ALA H 55 -9.23 -51.66 25.80
N LYS H 56 -9.38 -51.39 27.08
CA LYS H 56 -9.76 -50.09 27.57
C LYS H 56 -8.92 -49.62 28.73
N GLY H 57 -8.48 -48.38 28.66
CA GLY H 57 -7.67 -47.77 29.67
C GLY H 57 -8.43 -47.10 30.79
N ASN H 58 -7.77 -46.25 31.55
CA ASN H 58 -8.45 -45.54 32.65
C ASN H 58 -9.14 -44.28 32.08
N ILE H 59 -9.84 -44.47 30.94
CA ILE H 59 -10.60 -43.48 30.18
C ILE H 59 -11.85 -43.05 31.01
N LEU H 60 -12.28 -41.79 30.81
CA LEU H 60 -13.44 -41.21 31.50
C LEU H 60 -14.72 -41.42 30.70
N GLU H 61 -15.89 -41.37 31.39
CA GLU H 61 -17.22 -41.51 30.77
C GLU H 61 -17.42 -40.42 29.69
N ARG H 62 -16.83 -39.22 29.92
CA ARG H 62 -16.79 -38.07 29.00
C ARG H 62 -16.14 -38.40 27.66
N PHE H 63 -15.31 -39.47 27.63
CA PHE H 63 -14.57 -39.93 26.46
C PHE H 63 -15.21 -41.20 25.88
N SER H 64 -15.46 -41.19 24.56
CA SER H 64 -16.06 -42.30 23.82
C SER H 64 -15.48 -42.38 22.42
N ALA H 65 -15.24 -43.59 21.93
CA ALA H 65 -14.71 -43.77 20.59
C ALA H 65 -15.55 -44.75 19.77
N GLN H 66 -15.35 -44.73 18.45
CA GLN H 66 -16.02 -45.60 17.47
C GLN H 66 -15.04 -46.04 16.41
N GLN H 67 -15.27 -47.20 15.82
CA GLN H 67 -14.51 -47.67 14.69
C GLN H 67 -15.50 -48.10 13.65
N PHE H 68 -15.46 -47.37 12.54
CA PHE H 68 -16.32 -47.51 11.38
C PHE H 68 -15.97 -48.75 10.56
N PRO H 69 -16.89 -49.26 9.71
CA PRO H 69 -16.58 -50.45 8.89
C PRO H 69 -15.38 -50.26 7.95
N ASP H 70 -15.12 -49.01 7.46
CA ASP H 70 -13.97 -48.70 6.61
C ASP H 70 -12.67 -48.70 7.45
N LEU H 71 -12.82 -48.99 8.77
CA LEU H 71 -11.82 -49.17 9.83
C LEU H 71 -11.28 -47.85 10.41
N HIS H 72 -11.77 -46.70 9.89
CA HIS H 72 -11.39 -45.39 10.44
C HIS H 72 -12.05 -45.22 11.82
N SER H 73 -11.35 -44.58 12.72
CA SER H 73 -11.84 -44.36 14.07
C SER H 73 -12.12 -42.88 14.33
N GLU H 74 -13.05 -42.62 15.26
CA GLU H 74 -13.47 -41.30 15.73
C GLU H 74 -13.40 -41.28 17.26
N LEU H 75 -12.61 -40.36 17.84
CA LEU H 75 -12.48 -40.18 19.29
C LEU H 75 -13.26 -38.93 19.69
N ASN H 76 -14.34 -39.12 20.46
CA ASN H 76 -15.23 -38.04 20.89
C ASN H 76 -14.99 -37.65 22.35
N LEU H 77 -14.52 -36.41 22.55
CA LEU H 77 -14.24 -35.86 23.87
C LEU H 77 -15.26 -34.76 24.17
N SER H 78 -16.16 -35.01 25.14
CA SER H 78 -17.22 -34.07 25.53
C SER H 78 -16.96 -33.42 26.90
N SER H 79 -17.68 -32.30 27.19
CA SER H 79 -17.60 -31.52 28.43
C SER H 79 -16.12 -31.28 28.79
N LEU H 80 -15.41 -30.70 27.82
CA LEU H 80 -13.97 -30.47 27.88
C LEU H 80 -13.55 -29.57 29.02
N GLU H 81 -12.45 -29.95 29.67
CA GLU H 81 -11.78 -29.28 30.78
C GLU H 81 -10.40 -28.82 30.33
N LEU H 82 -9.73 -27.92 31.09
CA LEU H 82 -8.39 -27.44 30.75
C LEU H 82 -7.35 -28.58 30.79
N GLY H 83 -7.60 -29.57 31.64
CA GLY H 83 -6.76 -30.76 31.81
C GLY H 83 -6.78 -31.72 30.63
N ASP H 84 -7.74 -31.52 29.70
CA ASP H 84 -7.87 -32.33 28.48
C ASP H 84 -6.93 -31.83 27.38
N SER H 85 -6.25 -30.68 27.61
CA SER H 85 -5.27 -30.11 26.68
C SER H 85 -4.07 -31.02 26.60
N ALA H 86 -3.92 -31.69 25.45
CA ALA H 86 -2.87 -32.68 25.23
C ALA H 86 -2.79 -33.07 23.76
N LEU H 87 -1.87 -34.00 23.48
CA LEU H 87 -1.71 -34.62 22.18
C LEU H 87 -2.49 -35.94 22.21
N TYR H 88 -3.30 -36.18 21.18
CA TYR H 88 -4.07 -37.43 21.07
C TYR H 88 -3.58 -38.17 19.84
N PHE H 89 -2.92 -39.32 20.08
CA PHE H 89 -2.37 -40.14 19.03
C PHE H 89 -3.19 -41.39 18.78
N CYS H 90 -3.39 -41.66 17.51
CA CYS H 90 -4.01 -42.85 17.01
C CYS H 90 -2.92 -43.78 16.54
N ALA H 91 -3.01 -45.07 16.90
CA ALA H 91 -2.06 -46.08 16.45
C ALA H 91 -2.82 -47.21 15.77
N SER H 92 -2.19 -47.88 14.81
CA SER H 92 -2.82 -49.01 14.16
C SER H 92 -1.84 -50.16 14.04
N SER H 93 -2.38 -51.39 14.03
CA SER H 93 -1.65 -52.63 13.88
C SER H 93 -2.47 -53.58 13.01
N VAL H 94 -1.79 -54.50 12.33
CA VAL H 94 -2.38 -55.48 11.39
C VAL H 94 -3.50 -56.28 12.10
N ALA H 95 -3.15 -56.95 13.21
CA ALA H 95 -4.08 -57.73 14.01
C ALA H 95 -4.18 -57.13 15.43
N PRO H 96 -5.13 -57.55 16.32
CA PRO H 96 -5.28 -56.85 17.61
C PRO H 96 -4.52 -57.46 18.81
N GLY H 97 -3.49 -58.25 18.53
CA GLY H 97 -2.69 -58.89 19.56
C GLY H 97 -1.45 -58.09 19.92
N SER H 98 -0.28 -58.74 19.85
CA SER H 98 1.00 -58.12 20.18
C SER H 98 1.64 -57.45 18.96
N ASP H 99 0.90 -57.38 17.84
CA ASP H 99 1.30 -56.74 16.59
C ASP H 99 1.81 -55.33 16.83
N THR H 100 2.85 -54.93 16.10
CA THR H 100 3.48 -53.63 16.18
C THR H 100 2.46 -52.52 15.92
N GLN H 101 2.38 -51.57 16.86
CA GLN H 101 1.49 -50.42 16.80
C GLN H 101 2.20 -49.22 16.13
N TYR H 102 1.61 -48.70 15.05
CA TYR H 102 2.14 -47.59 14.26
C TYR H 102 1.32 -46.34 14.50
N PHE H 103 1.97 -45.29 15.02
CA PHE H 103 1.33 -44.03 15.41
C PHE H 103 1.14 -43.06 14.26
N GLY H 104 0.10 -42.25 14.38
CA GLY H 104 -0.24 -41.16 13.48
C GLY H 104 0.45 -39.88 13.92
N PRO H 105 0.32 -38.78 13.14
CA PRO H 105 1.01 -37.52 13.51
C PRO H 105 0.49 -36.87 14.80
N GLY H 106 -0.70 -37.28 15.24
CA GLY H 106 -1.33 -36.76 16.44
C GLY H 106 -2.16 -35.51 16.24
N THR H 107 -3.10 -35.27 17.17
CA THR H 107 -3.95 -34.10 17.19
C THR H 107 -3.61 -33.31 18.43
N ARG H 108 -3.21 -32.04 18.26
CA ARG H 108 -2.93 -31.20 19.40
C ARG H 108 -4.20 -30.44 19.76
N LEU H 109 -4.69 -30.68 20.98
CA LEU H 109 -5.87 -30.04 21.50
C LEU H 109 -5.52 -29.06 22.60
N THR H 110 -6.03 -27.83 22.49
CA THR H 110 -5.90 -26.80 23.51
C THR H 110 -7.30 -26.38 23.89
N VAL H 111 -7.63 -26.55 25.17
CA VAL H 111 -8.92 -26.19 25.75
C VAL H 111 -8.69 -24.94 26.58
N LEU H 112 -9.39 -23.87 26.20
CA LEU H 112 -9.32 -22.57 26.87
C LEU H 112 -10.64 -22.23 27.55
N GLU H 113 -10.61 -21.35 28.55
CA GLU H 113 -11.81 -20.94 29.27
C GLU H 113 -12.78 -20.22 28.33
N ASP H 114 -12.24 -19.26 27.56
CA ASP H 114 -12.92 -18.46 26.53
C ASP H 114 -11.95 -18.29 25.36
N LEU H 115 -12.47 -18.08 24.17
CA LEU H 115 -11.65 -17.92 22.97
C LEU H 115 -11.33 -16.44 22.66
N LYS H 116 -11.72 -15.51 23.55
CA LYS H 116 -11.51 -14.07 23.38
C LYS H 116 -10.02 -13.65 23.34
N ASN H 117 -9.12 -14.46 23.94
CA ASN H 117 -7.69 -14.20 24.01
C ASN H 117 -6.91 -14.94 22.90
N VAL H 118 -7.59 -15.38 21.85
CA VAL H 118 -6.93 -16.08 20.73
C VAL H 118 -6.54 -15.00 19.70
N PHE H 119 -5.24 -14.94 19.35
CA PHE H 119 -4.69 -13.94 18.43
C PHE H 119 -3.69 -14.56 17.44
N PRO H 120 -3.72 -14.15 16.14
CA PRO H 120 -2.75 -14.69 15.18
C PRO H 120 -1.38 -13.98 15.32
N PRO H 121 -0.29 -14.49 14.72
CA PRO H 121 1.00 -13.79 14.85
C PRO H 121 1.18 -12.63 13.89
N GLU H 122 2.15 -11.77 14.24
CA GLU H 122 2.68 -10.69 13.44
C GLU H 122 4.03 -11.22 12.98
N VAL H 123 4.28 -11.24 11.68
CA VAL H 123 5.50 -11.81 11.12
C VAL H 123 6.36 -10.71 10.47
N ALA H 124 7.63 -10.65 10.86
CA ALA H 124 8.61 -9.69 10.36
C ALA H 124 9.91 -10.38 10.04
N VAL H 125 10.51 -10.01 8.91
CA VAL H 125 11.80 -10.54 8.46
C VAL H 125 12.85 -9.43 8.64
N PHE H 126 14.00 -9.79 9.20
CA PHE H 126 15.11 -8.88 9.44
C PHE H 126 16.27 -9.23 8.54
N GLU H 127 16.75 -8.23 7.78
CA GLU H 127 17.82 -8.39 6.79
C GLU H 127 19.17 -8.67 7.49
N PRO H 128 20.11 -9.42 6.84
CA PRO H 128 21.39 -9.73 7.49
C PRO H 128 22.29 -8.54 7.75
N SER H 129 23.01 -8.60 8.88
CA SER H 129 24.00 -7.61 9.30
C SER H 129 25.07 -7.46 8.23
N GLU H 130 25.44 -6.21 7.91
CA GLU H 130 26.47 -5.94 6.89
C GLU H 130 27.83 -6.34 7.43
N ALA H 131 28.02 -6.22 8.76
CA ALA H 131 29.23 -6.58 9.50
C ALA H 131 29.44 -8.09 9.48
N GLU H 132 28.33 -8.87 9.56
CA GLU H 132 28.33 -10.33 9.52
C GLU H 132 28.88 -10.81 8.18
N ILE H 133 28.31 -10.30 7.08
CA ILE H 133 28.68 -10.60 5.69
C ILE H 133 30.17 -10.26 5.48
N SER H 134 30.60 -9.08 5.94
CA SER H 134 31.98 -8.60 5.82
C SER H 134 32.96 -9.30 6.79
N HIS H 135 32.55 -10.41 7.44
CA HIS H 135 33.42 -11.12 8.38
C HIS H 135 33.35 -12.64 8.20
N THR H 136 32.16 -13.20 7.95
CA THR H 136 31.97 -14.65 7.82
C THR H 136 31.65 -15.10 6.39
N GLN H 137 31.28 -14.15 5.49
CA GLN H 137 30.84 -14.39 4.10
C GLN H 137 29.54 -15.25 4.10
N LYS H 138 28.80 -15.18 5.23
CA LYS H 138 27.52 -15.81 5.50
C LYS H 138 26.53 -14.71 5.87
N ALA H 139 25.26 -14.90 5.53
CA ALA H 139 24.20 -13.93 5.79
C ALA H 139 23.02 -14.59 6.52
N THR H 140 22.81 -14.19 7.79
CA THR H 140 21.73 -14.72 8.62
C THR H 140 20.48 -13.83 8.57
N LEU H 141 19.38 -14.39 8.04
CA LEU H 141 18.07 -13.77 7.97
C LEU H 141 17.29 -14.22 9.19
N VAL H 142 16.77 -13.27 9.96
CA VAL H 142 16.01 -13.61 11.17
C VAL H 142 14.53 -13.27 10.98
N CYS H 143 13.67 -14.25 11.23
CA CYS H 143 12.22 -14.07 11.17
C CYS H 143 11.72 -14.00 12.60
N LEU H 144 10.77 -13.10 12.87
CA LEU H 144 10.23 -12.92 14.20
C LEU H 144 8.69 -12.88 14.17
N ALA H 145 8.05 -13.96 14.69
CA ALA H 145 6.60 -14.09 14.82
C ALA H 145 6.22 -13.73 16.27
N THR H 146 5.35 -12.72 16.43
CA THR H 146 4.98 -12.17 17.75
C THR H 146 3.47 -11.98 17.94
N GLY H 147 3.07 -11.85 19.20
CA GLY H 147 1.70 -11.58 19.61
C GLY H 147 0.65 -12.66 19.38
N PHE H 148 1.08 -13.91 19.13
CA PHE H 148 0.11 -14.97 18.89
C PHE H 148 -0.24 -15.77 20.17
N PHE H 149 -1.47 -16.28 20.22
CA PHE H 149 -1.96 -17.14 21.30
C PHE H 149 -3.11 -18.03 20.78
N PRO H 150 -3.09 -19.37 20.98
CA PRO H 150 -2.09 -20.22 21.68
C PRO H 150 -0.82 -20.45 20.83
N ASP H 151 0.06 -21.37 21.23
CA ASP H 151 1.33 -21.60 20.53
C ASP H 151 1.24 -22.70 19.43
N HIS H 152 0.11 -22.77 18.70
CA HIS H 152 -0.11 -23.72 17.60
C HIS H 152 0.39 -23.08 16.30
N VAL H 153 1.72 -23.04 16.13
CA VAL H 153 2.37 -22.41 14.97
C VAL H 153 3.39 -23.33 14.30
N GLU H 154 3.48 -23.24 12.97
CA GLU H 154 4.45 -23.97 12.15
C GLU H 154 5.19 -22.96 11.31
N LEU H 155 6.50 -22.82 11.55
CA LEU H 155 7.33 -21.86 10.83
C LEU H 155 8.20 -22.54 9.78
N SER H 156 8.12 -22.03 8.54
CA SER H 156 8.87 -22.50 7.38
C SER H 156 9.47 -21.33 6.58
N TRP H 157 10.59 -21.57 5.88
CA TRP H 157 11.26 -20.60 5.02
C TRP H 157 11.06 -20.98 3.56
N TRP H 158 10.71 -20.00 2.71
CA TRP H 158 10.50 -20.23 1.28
C TRP H 158 11.44 -19.34 0.48
N VAL H 159 12.27 -19.97 -0.35
CA VAL H 159 13.24 -19.29 -1.22
C VAL H 159 12.80 -19.51 -2.67
N ASN H 160 12.41 -18.39 -3.36
CA ASN H 160 11.94 -18.32 -4.75
C ASN H 160 10.67 -19.17 -5.01
N GLY H 161 9.94 -19.49 -3.95
CA GLY H 161 8.71 -20.27 -4.01
C GLY H 161 8.81 -21.70 -3.54
N LYS H 162 10.04 -22.19 -3.26
CA LYS H 162 10.28 -23.56 -2.81
C LYS H 162 10.73 -23.57 -1.35
N GLU H 163 10.10 -24.45 -0.53
CA GLU H 163 10.41 -24.56 0.90
C GLU H 163 11.81 -25.16 1.10
N VAL H 164 12.56 -24.63 2.09
CA VAL H 164 13.92 -25.07 2.39
C VAL H 164 14.06 -25.41 3.89
N HIS H 165 15.04 -26.27 4.22
CA HIS H 165 15.36 -26.71 5.58
C HIS H 165 16.86 -26.59 5.88
N SER H 166 17.68 -26.38 4.83
CA SER H 166 19.14 -26.24 4.93
C SER H 166 19.50 -24.84 5.45
N GLY H 167 20.24 -24.81 6.56
CA GLY H 167 20.68 -23.60 7.22
C GLY H 167 19.58 -22.88 7.99
N VAL H 168 18.44 -23.58 8.20
CA VAL H 168 17.25 -23.07 8.90
C VAL H 168 17.20 -23.65 10.31
N CYS H 169 17.00 -22.78 11.30
CA CYS H 169 16.87 -23.20 12.69
C CYS H 169 15.79 -22.32 13.38
N THR H 170 14.77 -22.96 13.95
CA THR H 170 13.66 -22.31 14.63
C THR H 170 13.70 -22.65 16.11
N ASP H 171 13.29 -21.68 16.97
CA ASP H 171 13.25 -21.84 18.43
C ASP H 171 12.51 -23.10 18.85
N PRO H 172 13.06 -23.86 19.83
CA PRO H 172 12.37 -25.10 20.26
C PRO H 172 10.96 -24.81 20.76
N GLN H 173 10.85 -23.86 21.71
CA GLN H 173 9.59 -23.41 22.31
C GLN H 173 9.42 -21.89 22.18
N PRO H 174 8.18 -21.38 22.02
CA PRO H 174 8.01 -19.92 21.97
C PRO H 174 8.13 -19.34 23.38
N LEU H 175 8.57 -18.07 23.48
CA LEU H 175 8.69 -17.44 24.79
C LEU H 175 7.45 -16.60 25.08
N LYS H 176 7.10 -16.46 26.37
CA LYS H 176 5.98 -15.66 26.83
C LYS H 176 6.38 -14.20 26.82
N GLU H 177 5.62 -13.36 26.09
CA GLU H 177 5.90 -11.91 26.03
C GLU H 177 5.66 -11.28 27.40
N GLN H 178 4.62 -11.74 28.12
CA GLN H 178 4.27 -11.26 29.46
C GLN H 178 4.26 -12.47 30.41
N PRO H 179 5.45 -12.87 30.93
CA PRO H 179 5.52 -14.09 31.78
C PRO H 179 4.61 -14.09 33.02
N ALA H 180 4.28 -12.91 33.57
CA ALA H 180 3.43 -12.78 34.77
C ALA H 180 1.95 -13.11 34.47
N LEU H 181 1.54 -13.10 33.19
CA LEU H 181 0.16 -13.42 32.78
C LEU H 181 0.07 -14.87 32.30
N ASN H 182 -0.98 -15.59 32.76
CA ASN H 182 -1.18 -16.99 32.43
C ASN H 182 -1.55 -17.23 30.95
N ASP H 183 -2.35 -16.35 30.33
CA ASP H 183 -2.69 -16.59 28.92
C ASP H 183 -1.91 -15.60 28.05
N SER H 184 -0.63 -15.43 28.36
CA SER H 184 0.32 -14.55 27.69
C SER H 184 0.48 -14.88 26.20
N ARG H 185 0.58 -13.85 25.35
CA ARG H 185 0.84 -14.02 23.93
C ARG H 185 2.30 -14.44 23.77
N TYR H 186 2.60 -15.22 22.73
CA TYR H 186 3.92 -15.78 22.52
C TYR H 186 4.68 -15.11 21.40
N ALA H 187 5.99 -15.36 21.39
CA ALA H 187 6.93 -14.90 20.38
C ALA H 187 7.86 -16.04 20.00
N LEU H 188 8.18 -16.14 18.72
CA LEU H 188 9.06 -17.17 18.18
C LEU H 188 9.99 -16.58 17.12
N SER H 189 11.26 -17.01 17.13
CA SER H 189 12.25 -16.55 16.16
C SER H 189 12.85 -17.72 15.36
N SER H 190 13.14 -17.47 14.08
CA SER H 190 13.75 -18.45 13.18
C SER H 190 14.87 -17.81 12.40
N ARG H 191 15.90 -18.60 12.10
CA ARG H 191 17.11 -18.16 11.40
C ARG H 191 17.31 -18.94 10.12
N LEU H 192 17.67 -18.22 9.05
CA LEU H 192 18.03 -18.78 7.76
C LEU H 192 19.39 -18.19 7.42
N ARG H 193 20.44 -19.01 7.48
CA ARG H 193 21.80 -18.59 7.15
C ARG H 193 22.11 -19.05 5.74
N VAL H 194 22.59 -18.12 4.89
CA VAL H 194 22.91 -18.37 3.48
C VAL H 194 24.29 -17.80 3.15
N SER H 195 24.79 -18.02 1.92
CA SER H 195 26.06 -17.46 1.51
C SER H 195 25.87 -15.99 1.18
N ALA H 196 26.95 -15.18 1.31
CA ALA H 196 26.96 -13.76 1.02
C ALA H 196 26.55 -13.51 -0.44
N THR H 197 27.07 -14.33 -1.37
CA THR H 197 26.79 -14.28 -2.81
C THR H 197 25.30 -14.53 -3.10
N PHE H 198 24.66 -15.44 -2.31
CA PHE H 198 23.25 -15.77 -2.46
C PHE H 198 22.35 -14.60 -2.02
N TRP H 199 22.64 -13.97 -0.86
CA TRP H 199 21.86 -12.83 -0.37
C TRP H 199 22.07 -11.58 -1.27
N GLN H 200 23.32 -11.32 -1.71
CA GLN H 200 23.65 -10.15 -2.53
C GLN H 200 23.04 -10.24 -3.95
N ASN H 201 22.44 -11.39 -4.31
CA ASN H 201 21.76 -11.61 -5.58
C ASN H 201 20.33 -11.04 -5.48
N PRO H 202 19.99 -10.00 -6.27
CA PRO H 202 18.65 -9.39 -6.15
C PRO H 202 17.52 -10.22 -6.78
N ARG H 203 17.89 -11.32 -7.47
CA ARG H 203 16.97 -12.25 -8.14
C ARG H 203 16.30 -13.18 -7.14
N ASN H 204 16.90 -13.33 -5.94
CA ASN H 204 16.41 -14.24 -4.90
C ASN H 204 15.38 -13.58 -3.99
N HIS H 205 14.26 -14.30 -3.77
CA HIS H 205 13.13 -13.88 -2.94
C HIS H 205 13.04 -14.80 -1.73
N PHE H 206 13.12 -14.20 -0.54
CA PHE H 206 13.08 -14.89 0.75
C PHE H 206 11.76 -14.56 1.45
N ARG H 207 10.99 -15.58 1.87
CA ARG H 207 9.72 -15.36 2.55
C ARG H 207 9.55 -16.29 3.74
N CYS H 208 9.43 -15.71 4.95
CA CYS H 208 9.20 -16.44 6.18
C CYS H 208 7.69 -16.68 6.31
N GLN H 209 7.28 -17.96 6.40
CA GLN H 209 5.87 -18.33 6.50
C GLN H 209 5.58 -18.94 7.88
N VAL H 210 4.53 -18.42 8.54
CA VAL H 210 4.05 -18.93 9.82
C VAL H 210 2.60 -19.37 9.63
N GLN H 211 2.36 -20.69 9.83
CA GLN H 211 1.03 -21.27 9.77
C GLN H 211 0.49 -21.28 11.20
N PHE H 212 -0.47 -20.39 11.47
CA PHE H 212 -1.13 -20.29 12.76
C PHE H 212 -2.37 -21.14 12.74
N TYR H 213 -2.56 -21.95 13.78
CA TYR H 213 -3.74 -22.78 13.96
C TYR H 213 -4.61 -22.18 15.05
N GLY H 214 -5.81 -21.81 14.69
CA GLY H 214 -6.74 -21.21 15.59
C GLY H 214 -8.14 -21.76 15.51
N LEU H 215 -9.10 -20.88 15.38
CA LEU H 215 -10.50 -21.24 15.27
C LEU H 215 -10.94 -21.83 13.92
N SER H 216 -12.06 -22.56 13.96
CA SER H 216 -12.67 -23.20 12.79
C SER H 216 -13.82 -22.48 12.17
N GLU H 217 -14.39 -23.06 11.13
CA GLU H 217 -15.54 -22.48 10.47
C GLU H 217 -16.69 -22.35 11.45
N ASN H 218 -16.88 -23.40 12.22
CA ASN H 218 -17.99 -23.41 13.13
C ASN H 218 -17.94 -22.38 14.19
N ASP H 219 -16.79 -22.20 14.83
CA ASP H 219 -16.77 -21.54 16.15
C ASP H 219 -17.22 -20.11 16.07
N GLU H 220 -18.04 -19.74 17.03
CA GLU H 220 -18.64 -18.44 17.10
C GLU H 220 -17.67 -17.35 17.53
N TRP H 221 -17.73 -16.21 16.87
CA TRP H 221 -16.89 -15.11 17.25
C TRP H 221 -17.73 -13.90 17.55
N THR H 222 -17.59 -13.38 18.76
CA THR H 222 -18.44 -12.30 19.21
C THR H 222 -17.60 -11.13 19.67
N GLN H 223 -16.53 -10.90 18.96
CA GLN H 223 -15.68 -9.72 19.16
C GLN H 223 -15.67 -8.84 17.93
N ASP H 224 -15.49 -7.52 18.14
CA ASP H 224 -15.43 -6.53 17.06
C ASP H 224 -13.97 -6.38 16.58
N ARG H 225 -13.43 -7.50 16.05
CA ARG H 225 -12.09 -7.68 15.47
C ARG H 225 -12.12 -8.95 14.63
N ALA H 226 -11.20 -9.12 13.71
CA ALA H 226 -11.25 -10.29 12.89
C ALA H 226 -11.20 -11.55 13.71
N LYS H 227 -11.89 -12.59 13.23
CA LYS H 227 -11.86 -13.89 13.85
C LYS H 227 -10.47 -14.47 13.68
N PRO H 228 -9.90 -14.99 14.85
CA PRO H 228 -8.56 -15.53 14.65
C PRO H 228 -8.50 -16.99 14.23
N VAL H 229 -8.87 -17.20 12.97
CA VAL H 229 -8.97 -18.52 12.35
C VAL H 229 -7.58 -19.03 11.94
N THR H 230 -7.51 -20.31 11.56
CA THR H 230 -6.31 -20.96 11.06
C THR H 230 -5.93 -20.21 9.77
N GLN H 231 -4.80 -19.49 9.82
CA GLN H 231 -4.34 -18.64 8.73
C GLN H 231 -2.82 -18.65 8.58
N ILE H 232 -2.35 -18.28 7.38
CA ILE H 232 -0.94 -18.17 7.05
C ILE H 232 -0.58 -16.67 7.08
N VAL H 233 0.40 -16.31 7.93
CA VAL H 233 0.90 -14.93 8.03
C VAL H 233 2.36 -14.97 7.58
N SER H 234 2.71 -14.13 6.60
CA SER H 234 4.04 -14.10 6.01
C SER H 234 4.68 -12.71 6.00
N ALA H 235 6.01 -12.70 5.86
CA ALA H 235 6.89 -11.55 5.71
C ALA H 235 7.93 -11.90 4.66
N GLU H 236 8.24 -10.96 3.76
CA GLU H 236 9.19 -11.24 2.68
C GLU H 236 10.30 -10.20 2.59
N ALA H 237 11.40 -10.58 1.91
CA ALA H 237 12.57 -9.74 1.64
C ALA H 237 13.31 -10.23 0.40
N TRP H 238 13.57 -9.31 -0.53
CA TRP H 238 14.35 -9.56 -1.73
C TRP H 238 15.81 -9.30 -1.40
N GLY H 239 16.71 -10.03 -2.04
CA GLY H 239 18.15 -9.88 -1.86
C GLY H 239 18.65 -8.48 -2.18
N ARG H 240 19.55 -7.95 -1.31
CA ARG H 240 20.11 -6.61 -1.44
C ARG H 240 21.59 -6.63 -1.80
N ALA H 241 22.00 -5.78 -2.76
CA ALA H 241 23.39 -5.64 -3.24
C ALA H 241 23.94 -4.27 -2.87
N ALA I 1 2.77 47.48 -2.03
CA ALA I 1 2.07 47.93 -3.24
C ALA I 1 2.11 46.86 -4.37
N PRO I 2 1.01 46.64 -5.12
CA PRO I 2 1.04 45.62 -6.19
C PRO I 2 1.69 46.11 -7.47
N SER I 3 2.44 45.22 -8.14
CA SER I 3 3.07 45.54 -9.42
C SER I 3 2.03 45.35 -10.54
N GLY I 4 2.08 46.24 -11.54
CA GLY I 4 1.13 46.20 -12.65
C GLY I 4 1.31 45.03 -13.58
N GLU I 5 0.22 44.29 -13.90
CA GLU I 5 0.24 43.15 -14.82
C GLU I 5 0.53 43.58 -16.23
N GLY I 6 1.43 42.84 -16.88
CA GLY I 6 1.74 43.03 -18.28
C GLY I 6 0.66 42.35 -19.09
N SER I 7 0.45 42.82 -20.32
CA SER I 7 -0.56 42.24 -21.19
C SER I 7 -0.17 42.40 -22.61
N PHE I 8 -0.44 41.38 -23.40
CA PHE I 8 -0.16 41.41 -24.83
C PHE I 8 -1.17 42.29 -25.53
N GLN I 9 -0.70 43.08 -26.49
CA GLN I 9 -1.49 43.96 -27.32
C GLN I 9 -1.77 43.29 -28.65
N PRO I 10 -3.02 43.19 -29.13
CA PRO I 10 -3.20 42.65 -30.49
C PRO I 10 -2.73 43.64 -31.55
N SER I 11 -2.04 43.15 -32.56
CA SER I 11 -1.67 43.96 -33.71
C SER I 11 -2.96 44.29 -34.49
N GLN I 12 -3.01 45.47 -35.10
CA GLN I 12 -4.20 45.97 -35.76
C GLN I 12 -4.15 45.74 -37.27
N GLU I 13 -5.20 45.11 -37.80
CA GLU I 13 -5.37 44.83 -39.23
C GLU I 13 -5.44 46.14 -40.01
N ASN I 14 -4.86 46.17 -41.21
CA ASN I 14 -4.82 47.31 -42.09
C ASN I 14 -6.24 47.78 -42.46
N PRO I 15 -6.63 48.99 -42.01
CA PRO I 15 -7.99 49.48 -42.27
C PRO I 15 -8.32 49.68 -43.76
N GLN I 16 -7.32 50.08 -44.57
CA GLN I 16 -7.48 50.30 -46.02
C GLN I 16 -7.39 48.98 -46.78
N ALA J 1 2.18 -61.62 44.86
CA ALA J 1 1.26 -61.22 43.78
C ALA J 1 1.22 -62.27 42.64
N PRO J 2 0.01 -62.66 42.16
CA PRO J 2 -0.06 -63.67 41.09
C PRO J 2 0.50 -63.16 39.76
N SER J 3 1.25 -64.03 39.07
CA SER J 3 1.84 -63.68 37.78
C SER J 3 0.85 -63.89 36.64
N GLY J 4 0.96 -63.02 35.64
CA GLY J 4 0.10 -63.03 34.47
C GLY J 4 0.35 -64.23 33.60
N GLU J 5 -0.73 -64.99 33.30
CA GLU J 5 -0.74 -66.16 32.43
C GLU J 5 -0.44 -65.78 31.01
N GLY J 6 0.42 -66.53 30.34
CA GLY J 6 0.74 -66.35 28.94
C GLY J 6 -0.35 -66.98 28.09
N SER J 7 -0.56 -66.47 26.88
CA SER J 7 -1.58 -67.04 26.00
C SER J 7 -1.16 -66.88 24.56
N PHE J 8 -1.45 -67.89 23.76
CA PHE J 8 -1.15 -67.84 22.33
C PHE J 8 -2.15 -66.97 21.63
N GLN J 9 -1.70 -66.23 20.63
CA GLN J 9 -2.52 -65.34 19.81
C GLN J 9 -2.77 -65.98 18.48
N PRO J 10 -4.02 -66.03 17.98
CA PRO J 10 -4.21 -66.57 16.63
C PRO J 10 -3.76 -65.59 15.55
N SER J 11 -3.08 -66.11 14.55
CA SER J 11 -2.66 -65.34 13.40
C SER J 11 -3.91 -65.04 12.58
N GLN J 12 -4.02 -63.80 12.12
CA GLN J 12 -5.16 -63.26 11.40
C GLN J 12 -5.08 -63.55 9.91
N GLU J 13 -6.15 -64.18 9.38
CA GLU J 13 -6.32 -64.47 7.95
C GLU J 13 -6.33 -63.16 7.15
N ASN J 14 -5.80 -63.20 5.92
CA ASN J 14 -5.72 -62.04 5.03
C ASN J 14 -7.12 -61.54 4.67
N PRO J 15 -7.49 -60.29 5.07
CA PRO J 15 -8.83 -59.76 4.76
C PRO J 15 -9.03 -59.50 3.26
N GLN J 16 -7.98 -58.99 2.58
CA GLN J 16 -8.01 -58.68 1.14
C GLN J 16 -7.42 -59.82 0.32
C1 NAG K . -31.32 -77.88 23.80
C2 NAG K . -31.67 -78.27 22.36
C3 NAG K . -32.28 -77.06 21.66
C4 NAG K . -33.47 -76.53 22.45
C5 NAG K . -33.03 -76.19 23.87
C6 NAG K . -34.16 -75.72 24.77
C7 NAG K . -30.34 -79.95 21.10
C8 NAG K . -29.01 -80.23 20.47
N2 NAG K . -30.47 -78.73 21.65
O3 NAG K . -32.67 -77.42 20.33
O4 NAG K . -33.99 -75.37 21.80
O5 NAG K . -32.45 -77.34 24.49
O6 NAG K . -35.04 -76.79 25.12
O7 NAG K . -31.25 -80.78 21.10
CA CA L . -16.32 -76.99 36.41
C1 NAG M . 17.08 -85.15 31.20
C2 NAG M . 17.98 -86.04 30.35
C3 NAG M . 19.32 -86.22 31.09
C4 NAG M . 19.96 -84.86 31.36
C5 NAG M . 18.97 -83.92 32.07
C6 NAG M . 19.47 -82.50 32.17
C7 NAG M . 17.23 -87.84 28.84
C8 NAG M . 16.61 -89.21 28.76
N2 NAG M . 17.38 -87.34 30.08
O3 NAG M . 20.19 -87.00 30.29
O4 NAG M . 21.11 -85.04 32.17
O5 NAG M . 17.73 -83.88 31.36
O6 NAG M . 19.59 -81.88 30.90
O7 NAG M . 17.56 -87.21 27.83
C1 NAG N . -30.37 31.38 -23.20
C2 NAG N . -30.58 31.09 -24.69
C3 NAG N . -31.18 32.35 -25.32
C4 NAG N . -32.46 32.77 -24.59
C5 NAG N . -32.20 32.94 -23.10
C6 NAG N . -33.45 33.20 -22.29
C7 NAG N . -28.99 29.62 -25.86
C8 NAG N . -27.57 29.44 -26.28
N2 NAG N . -29.30 30.79 -25.29
O3 NAG N . -31.46 32.11 -26.70
O4 NAG N . -32.96 33.99 -25.14
O5 NAG N . -31.60 31.75 -22.57
O6 NAG N . -33.18 33.23 -20.89
O7 NAG N . -29.83 28.73 -26.05
CA CA O . -15.49 32.50 -10.96
C1 NAG P . 17.94 24.52 -15.76
C2 NAG P . 18.87 23.57 -16.54
C3 NAG P . 20.25 23.59 -15.90
C4 NAG P . 20.78 25.02 -15.75
C5 NAG P . 19.76 25.90 -15.04
C6 NAG P . 20.15 27.36 -14.99
C7 NAG P . 17.41 21.78 -17.45
C8 NAG P . 16.93 20.38 -17.24
N2 NAG P . 18.32 22.22 -16.55
O3 NAG P . 21.15 22.82 -16.67
O4 NAG P . 22.01 24.99 -15.02
O5 NAG P . 18.50 25.83 -15.71
O6 NAG P . 19.18 28.15 -14.30
O7 NAG P . 16.99 22.48 -18.36
CA CA Q . 17.51 89.13 -19.54
CA CA R . 14.42 -19.78 27.25
#